data_1ZOS
#
_entry.id   1ZOS
#
_cell.length_a   80.571
_cell.length_b   138.958
_cell.length_c   84.755
_cell.angle_alpha   90
_cell.angle_beta   117.921
_cell.angle_gamma   90
#
_symmetry.space_group_name_H-M   'P 1 21 1'
#
loop_
_entity.id
_entity.type
_entity.pdbx_description
1 polymer "5'-methylthioadenosine / S-adenosylhomocysteine nucleosidase"
2 non-polymer (3S,4R)-2-(4-AMINO-5H-PYRROLO[3,2-D]PYRIMIDIN-7-YL)-5-[(METHYLSULFANYL)METHYL]PYRROLIDINE-3,4-DIOL
3 water water
#
_entity_poly.entity_id   1
_entity_poly.type   'polypeptide(L)'
_entity_poly.pdbx_seq_one_letter_code
;MKIGIIAAMPEELAYLVQHLDNTQEQVVLGNTYHTGTIASHEVVLVESGIGKVMSAMSVAILADHFQVDALINTGSAGAV
AEGIAVGDVVIADKLAYHDVDVTAFGYAYGQMAQQPLYFESDKTFVAQIQESLSQLDQNWHLGLIATGDSFVAGNDKIEA
IKSHFPEVLAVEMEGAAIAQAAHTLNLPVLVIRAMSDNANHEANIFFDEFIIEAGRRSAQVLLAFLKALD
;
_entity_poly.pdbx_strand_id   A,B,C,D,E,F
#
loop_
_chem_comp.id
_chem_comp.type
_chem_comp.name
_chem_comp.formula
MTM non-polymer (3S,4R)-2-(4-AMINO-5H-PYRROLO[3,2-D]PYRIMIDIN-7-YL)-5-[(METHYLSULFANYL)METHYL]PYRROLIDINE-3,4-DIOL 'C12 H19 N5 O2 S'
#
# COMPACT_ATOMS: atom_id res chain seq x y z
N MET A 1 5.99 34.66 -26.87
CA MET A 1 5.05 34.80 -25.73
C MET A 1 5.58 34.07 -24.51
N LYS A 2 4.88 34.22 -23.39
CA LYS A 2 5.28 33.59 -22.13
C LYS A 2 4.21 32.55 -21.80
N ILE A 3 4.61 31.27 -21.78
CA ILE A 3 3.66 30.19 -21.52
C ILE A 3 3.70 29.57 -20.13
N GLY A 4 2.56 29.59 -19.45
CA GLY A 4 2.48 28.99 -18.14
C GLY A 4 2.10 27.53 -18.35
N ILE A 5 2.89 26.61 -17.79
CA ILE A 5 2.62 25.19 -17.95
C ILE A 5 2.31 24.55 -16.60
N ILE A 6 1.12 23.96 -16.50
CA ILE A 6 0.66 23.34 -15.27
C ILE A 6 0.50 21.83 -15.32
N ALA A 7 0.99 21.16 -14.28
CA ALA A 7 0.86 19.71 -14.16
C ALA A 7 0.35 19.51 -12.73
N ALA A 8 -0.58 18.59 -12.54
CA ALA A 8 -1.13 18.37 -11.21
C ALA A 8 -0.16 17.70 -10.24
N MET A 9 0.59 16.72 -10.72
CA MET A 9 1.52 15.98 -9.88
C MET A 9 2.96 16.05 -10.38
N PRO A 10 3.93 15.77 -9.49
CA PRO A 10 5.34 15.81 -9.87
C PRO A 10 5.71 14.93 -11.06
N GLU A 11 5.10 13.75 -11.15
CA GLU A 11 5.38 12.82 -12.24
C GLU A 11 5.03 13.42 -13.60
N GLU A 12 4.14 14.41 -13.60
CA GLU A 12 3.72 15.03 -14.84
C GLU A 12 4.51 16.27 -15.22
N LEU A 13 5.39 16.73 -14.33
CA LEU A 13 6.20 17.92 -14.61
C LEU A 13 7.69 17.60 -14.76
N ALA A 14 8.11 16.48 -14.17
CA ALA A 14 9.51 16.06 -14.18
C ALA A 14 10.23 16.14 -15.51
N TYR A 15 9.63 15.56 -16.55
CA TYR A 15 10.25 15.56 -17.88
C TYR A 15 10.51 16.97 -18.40
N LEU A 16 9.55 17.87 -18.20
CA LEU A 16 9.69 19.25 -18.66
C LEU A 16 10.78 20.00 -17.89
N VAL A 17 10.87 19.73 -16.60
CA VAL A 17 11.88 20.40 -15.78
C VAL A 17 13.26 19.95 -16.27
N GLN A 18 13.38 18.67 -16.62
CA GLN A 18 14.63 18.11 -17.11
C GLN A 18 15.03 18.69 -18.45
N HIS A 19 14.07 19.27 -19.17
CA HIS A 19 14.32 19.84 -20.48
C HIS A 19 14.15 21.36 -20.49
N LEU A 20 14.26 21.96 -19.32
CA LEU A 20 14.12 23.41 -19.19
C LEU A 20 15.48 24.08 -19.28
N ASP A 21 15.63 25.01 -20.24
CA ASP A 21 16.89 25.74 -20.41
C ASP A 21 16.87 27.01 -19.57
N ASN A 22 18.04 27.44 -19.12
CA ASN A 22 18.16 28.66 -18.31
C ASN A 22 17.23 28.54 -17.11
N THR A 23 17.17 27.34 -16.55
CA THR A 23 16.32 27.04 -15.41
C THR A 23 16.61 27.83 -14.14
N GLN A 24 15.54 28.27 -13.50
CA GLN A 24 15.59 29.01 -12.25
C GLN A 24 14.30 28.67 -11.49
N GLU A 25 14.41 28.46 -10.19
CA GLU A 25 13.25 28.12 -9.38
C GLU A 25 12.93 29.20 -8.36
N GLN A 26 11.67 29.63 -8.36
CA GLN A 26 11.19 30.66 -7.43
C GLN A 26 10.09 30.07 -6.55
N VAL A 27 10.15 30.37 -5.26
CA VAL A 27 9.13 29.89 -4.35
C VAL A 27 8.12 31.02 -4.18
N VAL A 28 6.88 30.76 -4.53
CA VAL A 28 5.82 31.75 -4.41
C VAL A 28 4.62 31.11 -3.71
N LEU A 29 4.19 31.74 -2.61
CA LEU A 29 3.06 31.24 -1.83
C LEU A 29 3.19 29.74 -1.53
N GLY A 30 4.39 29.33 -1.15
CA GLY A 30 4.62 27.94 -0.80
C GLY A 30 4.72 26.92 -1.92
N ASN A 31 4.89 27.37 -3.16
CA ASN A 31 5.00 26.43 -4.27
C ASN A 31 6.15 26.85 -5.16
N THR A 32 6.74 25.89 -5.86
CA THR A 32 7.87 26.16 -6.73
C THR A 32 7.49 26.45 -8.18
N TYR A 33 7.94 27.59 -8.69
CA TYR A 33 7.69 27.95 -10.08
C TYR A 33 9.02 27.93 -10.81
N HIS A 34 9.08 27.12 -11.86
CA HIS A 34 10.29 26.96 -12.66
C HIS A 34 10.26 27.88 -13.87
N THR A 35 11.17 28.84 -13.90
CA THR A 35 11.22 29.78 -15.03
C THR A 35 12.38 29.40 -15.97
N GLY A 36 12.25 29.77 -17.23
CA GLY A 36 13.29 29.46 -18.20
C GLY A 36 12.72 29.42 -19.60
N THR A 37 13.37 28.68 -20.48
CA THR A 37 12.90 28.58 -21.85
C THR A 37 12.91 27.16 -22.37
N ILE A 38 12.03 26.90 -23.33
CA ILE A 38 11.93 25.60 -23.97
C ILE A 38 11.80 25.91 -25.44
N ALA A 39 12.79 25.48 -26.23
CA ALA A 39 12.79 25.74 -27.67
C ALA A 39 12.68 27.24 -27.91
N SER A 40 13.44 28.00 -27.12
CA SER A 40 13.47 29.46 -27.19
C SER A 40 12.17 30.12 -26.77
N HIS A 41 11.26 29.35 -26.19
CA HIS A 41 9.98 29.90 -25.72
C HIS A 41 10.06 30.12 -24.21
N GLU A 42 9.74 31.33 -23.77
CA GLU A 42 9.76 31.64 -22.35
C GLU A 42 8.62 30.88 -21.68
N VAL A 43 8.92 30.18 -20.59
CA VAL A 43 7.90 29.40 -19.89
C VAL A 43 8.05 29.46 -18.38
N VAL A 44 6.99 29.02 -17.70
CA VAL A 44 6.96 28.96 -16.25
C VAL A 44 6.25 27.65 -15.95
N LEU A 45 6.95 26.72 -15.32
CA LEU A 45 6.39 25.41 -15.01
C LEU A 45 5.97 25.34 -13.55
N VAL A 46 4.83 24.71 -13.29
CA VAL A 46 4.36 24.57 -11.92
C VAL A 46 3.54 23.31 -11.69
N GLU A 47 3.76 22.71 -10.53
CA GLU A 47 3.01 21.53 -10.09
C GLU A 47 1.93 22.16 -9.22
N SER A 48 0.69 22.15 -9.71
CA SER A 48 -0.41 22.79 -8.99
C SER A 48 -1.00 22.04 -7.81
N GLY A 49 -1.06 20.73 -7.94
CA GLY A 49 -1.71 19.92 -6.93
C GLY A 49 -2.97 19.46 -7.67
N ILE A 50 -3.66 18.47 -7.13
CA ILE A 50 -4.84 17.88 -7.77
C ILE A 50 -6.17 18.62 -7.58
N GLY A 51 -6.98 18.64 -8.63
CA GLY A 51 -8.30 19.24 -8.51
C GLY A 51 -8.55 20.62 -9.08
N LYS A 52 -9.82 21.01 -9.10
CA LYS A 52 -10.24 22.30 -9.62
C LYS A 52 -9.64 23.50 -8.88
N VAL A 53 -9.71 23.47 -7.55
CA VAL A 53 -9.20 24.58 -6.77
C VAL A 53 -7.69 24.78 -6.90
N MET A 54 -6.93 23.71 -6.72
CA MET A 54 -5.48 23.83 -6.80
C MET A 54 -5.04 24.32 -8.18
N SER A 55 -5.59 23.73 -9.24
CA SER A 55 -5.19 24.14 -10.59
C SER A 55 -5.62 25.58 -10.89
N ALA A 56 -6.81 25.95 -10.43
CA ALA A 56 -7.31 27.31 -10.64
C ALA A 56 -6.37 28.30 -9.95
N MET A 57 -5.90 27.96 -8.76
CA MET A 57 -4.99 28.84 -8.03
C MET A 57 -3.69 29.04 -8.81
N SER A 58 -3.17 27.97 -9.38
CA SER A 58 -1.93 28.06 -10.14
C SER A 58 -2.10 28.99 -11.34
N VAL A 59 -3.26 28.92 -12.00
CA VAL A 59 -3.49 29.80 -13.15
C VAL A 59 -3.47 31.25 -12.71
N ALA A 60 -4.16 31.54 -11.61
CA ALA A 60 -4.23 32.90 -11.09
C ALA A 60 -2.86 33.46 -10.76
N ILE A 61 -2.03 32.65 -10.11
CA ILE A 61 -0.69 33.07 -9.73
C ILE A 61 0.21 33.22 -10.96
N LEU A 62 0.07 32.33 -11.94
CA LEU A 62 0.87 32.43 -13.15
C LEU A 62 0.57 33.75 -13.86
N ALA A 63 -0.69 34.14 -13.85
CA ALA A 63 -1.10 35.39 -14.49
C ALA A 63 -0.70 36.61 -13.67
N ASP A 64 -1.07 36.61 -12.38
CA ASP A 64 -0.78 37.74 -11.50
C ASP A 64 0.70 37.96 -11.14
N HIS A 65 1.41 36.86 -10.87
CA HIS A 65 2.80 36.96 -10.47
C HIS A 65 3.82 36.87 -11.59
N PHE A 66 3.51 36.09 -12.63
CA PHE A 66 4.45 35.93 -13.74
C PHE A 66 3.99 36.51 -15.06
N GLN A 67 2.79 37.07 -15.09
CA GLN A 67 2.24 37.68 -16.30
C GLN A 67 2.34 36.79 -17.54
N VAL A 68 1.93 35.52 -17.41
CA VAL A 68 1.97 34.62 -18.56
C VAL A 68 0.98 35.07 -19.63
N ASP A 69 1.25 34.71 -20.88
CA ASP A 69 0.39 35.10 -22.00
C ASP A 69 -0.48 33.94 -22.48
N ALA A 70 -0.15 32.73 -22.04
CA ALA A 70 -0.90 31.55 -22.44
C ALA A 70 -0.76 30.46 -21.39
N LEU A 71 -1.64 29.47 -21.45
CA LEU A 71 -1.62 28.38 -20.50
C LEU A 71 -1.74 27.02 -21.15
N ILE A 72 -0.91 26.07 -20.71
CA ILE A 72 -0.94 24.72 -21.24
C ILE A 72 -0.91 23.74 -20.07
N ASN A 73 -1.82 22.77 -20.12
CA ASN A 73 -1.90 21.75 -19.08
C ASN A 73 -1.42 20.42 -19.67
N THR A 74 -0.62 19.69 -18.91
CA THR A 74 -0.12 18.39 -19.33
C THR A 74 -0.25 17.43 -18.16
N GLY A 75 -0.50 16.16 -18.46
CA GLY A 75 -0.64 15.18 -17.40
C GLY A 75 -1.34 13.91 -17.81
N SER A 76 -1.89 13.21 -16.83
CA SER A 76 -2.58 11.95 -17.03
C SER A 76 -4.09 12.10 -17.03
N ALA A 77 -4.78 11.11 -17.59
CA ALA A 77 -6.23 11.11 -17.62
C ALA A 77 -6.72 9.68 -17.80
N GLY A 78 -8.02 9.47 -17.58
CA GLY A 78 -8.59 8.14 -17.73
C GLY A 78 -9.23 8.02 -19.10
N ALA A 79 -8.91 6.95 -19.81
CA ALA A 79 -9.48 6.72 -21.14
C ALA A 79 -10.91 6.22 -21.03
N VAL A 80 -11.84 6.87 -21.71
CA VAL A 80 -13.23 6.44 -21.65
C VAL A 80 -13.84 6.05 -22.99
N ALA A 81 -13.39 6.68 -24.08
CA ALA A 81 -13.93 6.32 -25.39
C ALA A 81 -13.39 4.95 -25.76
N GLU A 82 -14.27 4.10 -26.30
CA GLU A 82 -13.88 2.75 -26.70
C GLU A 82 -12.73 2.81 -27.70
N GLY A 83 -11.72 1.95 -27.50
CA GLY A 83 -10.61 1.93 -28.42
C GLY A 83 -9.37 2.70 -28.00
N ILE A 84 -9.54 3.67 -27.11
CA ILE A 84 -8.38 4.43 -26.65
C ILE A 84 -7.64 3.57 -25.64
N ALA A 85 -6.35 3.40 -25.89
CA ALA A 85 -5.52 2.55 -25.03
C ALA A 85 -4.72 3.31 -23.99
N VAL A 86 -4.30 2.59 -22.95
CA VAL A 86 -3.47 3.17 -21.92
C VAL A 86 -2.19 3.60 -22.65
N GLY A 87 -1.70 4.79 -22.36
CA GLY A 87 -0.51 5.26 -23.04
C GLY A 87 -0.79 6.20 -24.20
N ASP A 88 -2.03 6.19 -24.71
CA ASP A 88 -2.38 7.08 -25.80
C ASP A 88 -2.41 8.52 -25.30
N VAL A 89 -2.26 9.47 -26.22
CA VAL A 89 -2.28 10.88 -25.85
C VAL A 89 -3.52 11.53 -26.44
N VAL A 90 -4.23 12.30 -25.63
CA VAL A 90 -5.43 12.99 -26.10
C VAL A 90 -5.19 14.49 -26.01
N ILE A 91 -5.38 15.16 -27.14
CA ILE A 91 -5.25 16.61 -27.20
C ILE A 91 -6.69 17.09 -27.16
N ALA A 92 -7.00 17.94 -26.19
CA ALA A 92 -8.35 18.45 -26.04
C ALA A 92 -8.62 19.65 -26.93
N ASP A 93 -9.55 19.51 -27.88
CA ASP A 93 -9.88 20.67 -28.70
C ASP A 93 -10.94 21.45 -27.92
N LYS A 94 -11.66 20.76 -27.04
CA LYS A 94 -12.68 21.37 -26.19
C LYS A 94 -12.69 20.69 -24.84
N LEU A 95 -13.13 21.42 -23.82
CA LEU A 95 -13.23 20.89 -22.46
C LEU A 95 -14.54 21.27 -21.83
N ALA A 96 -15.05 20.42 -20.94
CA ALA A 96 -16.31 20.69 -20.26
C ALA A 96 -16.32 19.92 -18.96
N TYR A 97 -17.12 20.39 -18.01
CA TYR A 97 -17.25 19.72 -16.72
C TYR A 97 -18.33 18.64 -16.82
N HIS A 98 -18.04 17.45 -16.29
CA HIS A 98 -19.04 16.40 -16.31
C HIS A 98 -19.78 16.32 -14.97
N ASP A 99 -19.33 17.11 -13.99
CA ASP A 99 -19.93 17.07 -12.66
C ASP A 99 -20.61 18.35 -12.20
N VAL A 100 -21.01 19.20 -13.15
CA VAL A 100 -21.64 20.46 -12.84
C VAL A 100 -23.13 20.47 -13.21
N ASP A 101 -23.97 20.82 -12.24
CA ASP A 101 -25.40 20.87 -12.49
C ASP A 101 -26.01 22.15 -11.94
N VAL A 102 -26.24 23.09 -12.84
CA VAL A 102 -26.86 24.37 -12.50
C VAL A 102 -28.06 24.47 -13.44
N THR A 103 -28.58 23.31 -13.82
CA THR A 103 -29.71 23.25 -14.75
C THR A 103 -30.99 23.89 -14.25
N ALA A 104 -31.14 24.03 -12.94
CA ALA A 104 -32.33 24.65 -12.37
C ALA A 104 -32.55 26.06 -12.91
N PHE A 105 -31.48 26.71 -13.35
CA PHE A 105 -31.56 28.06 -13.89
C PHE A 105 -31.62 28.10 -15.42
N GLY A 106 -31.63 26.93 -16.04
CA GLY A 106 -31.71 26.88 -17.49
C GLY A 106 -30.41 26.59 -18.20
N TYR A 107 -29.31 26.49 -17.45
CA TYR A 107 -28.02 26.19 -18.05
C TYR A 107 -28.03 24.74 -18.51
N ALA A 108 -27.21 24.44 -19.51
CA ALA A 108 -27.10 23.07 -20.01
C ALA A 108 -26.37 22.26 -18.94
N TYR A 109 -26.61 20.96 -18.89
CA TYR A 109 -25.92 20.15 -17.90
C TYR A 109 -24.41 20.27 -18.14
N GLY A 110 -23.65 20.45 -17.06
CA GLY A 110 -22.21 20.58 -17.17
C GLY A 110 -21.74 22.02 -17.27
N GLN A 111 -22.67 22.93 -17.54
CA GLN A 111 -22.33 24.34 -17.70
C GLN A 111 -22.38 25.10 -16.38
N MET A 112 -21.24 25.66 -15.99
CA MET A 112 -21.16 26.45 -14.76
C MET A 112 -21.86 27.79 -14.96
N ALA A 113 -22.45 28.31 -13.89
CA ALA A 113 -23.14 29.60 -13.96
C ALA A 113 -22.16 30.67 -14.43
N GLN A 114 -22.63 31.56 -15.30
CA GLN A 114 -21.79 32.65 -15.81
C GLN A 114 -20.66 32.17 -16.70
N GLN A 115 -20.75 30.94 -17.20
CA GLN A 115 -19.71 30.36 -18.05
C GLN A 115 -20.30 29.65 -19.27
N PRO A 116 -19.50 29.48 -20.32
CA PRO A 116 -19.98 28.79 -21.51
C PRO A 116 -19.98 27.29 -21.16
N LEU A 117 -20.69 26.47 -21.92
CA LEU A 117 -20.71 25.03 -21.66
C LEU A 117 -19.34 24.41 -21.99
N TYR A 118 -18.79 24.81 -23.13
CA TYR A 118 -17.50 24.30 -23.56
C TYR A 118 -16.43 25.39 -23.55
N PHE A 119 -15.23 24.99 -23.18
CA PHE A 119 -14.07 25.88 -23.19
C PHE A 119 -13.25 25.34 -24.34
N GLU A 120 -12.84 26.20 -25.26
CA GLU A 120 -12.09 25.74 -26.41
C GLU A 120 -10.61 26.03 -26.36
N SER A 121 -9.80 25.02 -26.70
CA SER A 121 -8.36 25.21 -26.73
C SER A 121 -8.09 26.14 -27.90
N ASP A 122 -7.02 26.91 -27.81
CA ASP A 122 -6.66 27.87 -28.85
C ASP A 122 -6.60 27.17 -30.21
N LYS A 123 -7.33 27.72 -31.19
CA LYS A 123 -7.37 27.15 -32.53
C LYS A 123 -5.99 27.05 -33.18
N THR A 124 -5.15 28.05 -32.97
CA THR A 124 -3.81 28.03 -33.54
C THR A 124 -2.95 26.95 -32.89
N PHE A 125 -3.07 26.81 -31.57
CA PHE A 125 -2.32 25.78 -30.86
C PHE A 125 -2.75 24.40 -31.34
N VAL A 126 -4.05 24.19 -31.47
CA VAL A 126 -4.59 22.91 -31.91
C VAL A 126 -4.15 22.59 -33.34
N ALA A 127 -4.19 23.59 -34.21
CA ALA A 127 -3.79 23.38 -35.60
C ALA A 127 -2.32 22.98 -35.66
N GLN A 128 -1.48 23.70 -34.93
CA GLN A 128 -0.05 23.42 -34.94
C GLN A 128 0.35 22.12 -34.27
N ILE A 129 -0.30 21.75 -33.17
CA ILE A 129 0.08 20.51 -32.50
C ILE A 129 -0.24 19.30 -33.39
N GLN A 130 -1.32 19.37 -34.15
CA GLN A 130 -1.67 18.27 -35.04
C GLN A 130 -0.60 18.12 -36.11
N GLU A 131 -0.12 19.26 -36.61
CA GLU A 131 0.91 19.27 -37.64
C GLU A 131 2.22 18.64 -37.17
N SER A 132 2.45 18.64 -35.86
CA SER A 132 3.67 18.07 -35.31
C SER A 132 3.54 16.56 -35.08
N LEU A 133 2.32 16.05 -35.25
CA LEU A 133 2.05 14.62 -35.07
C LEU A 133 1.78 13.96 -36.41
N SER A 134 2.02 12.66 -36.50
CA SER A 134 1.80 11.92 -37.74
C SER A 134 0.39 11.39 -37.88
N GLN A 135 -0.18 11.55 -39.07
CA GLN A 135 -1.53 11.08 -39.34
C GLN A 135 -1.54 9.55 -39.36
N LEU A 136 -0.37 8.94 -39.51
CA LEU A 136 -0.25 7.49 -39.54
C LEU A 136 -0.22 6.92 -38.12
N ASP A 137 0.09 7.78 -37.16
CA ASP A 137 0.17 7.38 -35.75
C ASP A 137 -1.27 7.38 -35.22
N GLN A 138 -1.75 6.21 -34.80
CA GLN A 138 -3.11 6.08 -34.29
C GLN A 138 -3.19 6.21 -32.78
N ASN A 139 -2.07 6.50 -32.13
CA ASN A 139 -2.06 6.60 -30.67
C ASN A 139 -2.28 7.98 -30.08
N TRP A 140 -2.52 8.98 -30.91
CA TRP A 140 -2.84 10.31 -30.42
C TRP A 140 -4.26 10.57 -30.88
N HIS A 141 -4.98 11.40 -30.15
CA HIS A 141 -6.37 11.70 -30.46
C HIS A 141 -6.68 13.16 -30.23
N LEU A 142 -7.65 13.68 -30.99
CA LEU A 142 -8.07 15.07 -30.83
C LEU A 142 -9.56 15.02 -30.49
N GLY A 143 -9.94 15.56 -29.34
CA GLY A 143 -11.34 15.54 -28.98
C GLY A 143 -11.64 16.15 -27.63
N LEU A 144 -12.80 15.79 -27.09
CA LEU A 144 -13.26 16.30 -25.82
C LEU A 144 -12.71 15.58 -24.60
N ILE A 145 -12.28 16.37 -23.62
CA ILE A 145 -11.84 15.82 -22.35
C ILE A 145 -12.82 16.45 -21.36
N ALA A 146 -13.43 15.61 -20.52
CA ALA A 146 -14.40 16.09 -19.53
C ALA A 146 -13.72 16.11 -18.18
N THR A 147 -13.99 17.16 -17.41
CA THR A 147 -13.37 17.37 -16.11
C THR A 147 -14.34 17.30 -14.94
N GLY A 148 -13.86 16.80 -13.81
CA GLY A 148 -14.67 16.73 -12.61
C GLY A 148 -13.78 16.62 -11.39
N ASP A 149 -14.30 16.98 -10.23
CA ASP A 149 -13.52 16.90 -8.99
C ASP A 149 -13.64 15.50 -8.40
N SER A 150 -13.58 14.49 -9.26
CA SER A 150 -13.66 13.10 -8.84
C SER A 150 -12.76 12.22 -9.70
N PHE A 151 -12.26 11.16 -9.11
CA PHE A 151 -11.44 10.21 -9.85
C PHE A 151 -12.44 9.16 -10.34
N VAL A 152 -12.63 9.08 -11.65
CA VAL A 152 -13.58 8.14 -12.24
C VAL A 152 -13.00 6.73 -12.22
N ALA A 153 -13.70 5.83 -11.53
CA ALA A 153 -13.22 4.45 -11.41
C ALA A 153 -14.37 3.43 -11.40
N GLY A 154 -15.17 3.45 -12.47
CA GLY A 154 -16.28 2.53 -12.56
C GLY A 154 -17.06 2.76 -13.83
N ASN A 155 -17.53 1.68 -14.44
CA ASN A 155 -18.28 1.80 -15.68
C ASN A 155 -19.57 2.57 -15.46
N ASP A 156 -20.13 2.48 -14.25
CA ASP A 156 -21.36 3.21 -13.95
C ASP A 156 -21.16 4.71 -14.15
N LYS A 157 -20.08 5.26 -13.58
CA LYS A 157 -19.84 6.69 -13.73
C LYS A 157 -19.44 7.01 -15.17
N ILE A 158 -18.72 6.11 -15.83
CA ILE A 158 -18.34 6.36 -17.22
C ILE A 158 -19.62 6.50 -18.04
N GLU A 159 -20.57 5.60 -17.82
CA GLU A 159 -21.83 5.63 -18.55
C GLU A 159 -22.61 6.90 -18.25
N ALA A 160 -22.58 7.33 -16.99
CA ALA A 160 -23.28 8.55 -16.60
C ALA A 160 -22.68 9.77 -17.30
N ILE A 161 -21.36 9.82 -17.38
CA ILE A 161 -20.68 10.92 -18.02
C ILE A 161 -21.01 10.93 -19.51
N LYS A 162 -20.99 9.75 -20.14
CA LYS A 162 -21.29 9.64 -21.55
C LYS A 162 -22.73 10.02 -21.88
N SER A 163 -23.65 9.84 -20.93
CA SER A 163 -25.05 10.20 -21.18
C SER A 163 -25.17 11.71 -21.35
N HIS A 164 -24.23 12.45 -20.78
CA HIS A 164 -24.23 13.90 -20.90
C HIS A 164 -23.30 14.37 -22.02
N PHE A 165 -22.17 13.68 -22.18
CA PHE A 165 -21.20 14.01 -23.23
C PHE A 165 -20.79 12.72 -23.95
N PRO A 166 -21.63 12.24 -24.88
CA PRO A 166 -21.31 11.01 -25.62
C PRO A 166 -19.97 10.96 -26.35
N GLU A 167 -19.44 12.11 -26.73
CA GLU A 167 -18.17 12.15 -27.46
C GLU A 167 -16.91 12.31 -26.61
N VAL A 168 -17.08 12.22 -25.29
CA VAL A 168 -15.93 12.36 -24.38
C VAL A 168 -14.89 11.28 -24.68
N LEU A 169 -13.62 11.70 -24.76
CA LEU A 169 -12.54 10.74 -25.03
C LEU A 169 -11.84 10.31 -23.75
N ALA A 170 -11.63 11.27 -22.85
CA ALA A 170 -10.93 11.00 -21.59
C ALA A 170 -11.46 11.90 -20.47
N VAL A 171 -11.17 11.53 -19.23
CA VAL A 171 -11.62 12.30 -18.08
C VAL A 171 -10.48 12.59 -17.12
N GLU A 172 -10.51 13.76 -16.50
CA GLU A 172 -9.49 14.12 -15.53
C GLU A 172 -10.04 15.12 -14.53
N MET A 173 -9.17 15.74 -13.73
CA MET A 173 -9.62 16.63 -12.67
C MET A 173 -9.18 18.09 -12.70
N GLU A 174 -8.53 18.53 -13.77
CA GLU A 174 -8.09 19.91 -13.84
C GLU A 174 -8.28 20.59 -15.19
N GLY A 175 -8.45 19.80 -16.24
CA GLY A 175 -8.60 20.34 -17.58
C GLY A 175 -9.51 21.55 -17.77
N ALA A 176 -10.79 21.34 -17.54
CA ALA A 176 -11.77 22.41 -17.70
C ALA A 176 -11.59 23.52 -16.68
N ALA A 177 -10.99 23.18 -15.53
CA ALA A 177 -10.76 24.18 -14.50
C ALA A 177 -9.72 25.19 -15.00
N ILE A 178 -8.63 24.67 -15.55
CA ILE A 178 -7.58 25.52 -16.09
C ILE A 178 -8.12 26.28 -17.30
N ALA A 179 -8.95 25.63 -18.10
CA ALA A 179 -9.54 26.28 -19.27
C ALA A 179 -10.51 27.38 -18.85
N GLN A 180 -11.25 27.14 -17.76
CA GLN A 180 -12.18 28.15 -17.27
C GLN A 180 -11.41 29.36 -16.77
N ALA A 181 -10.36 29.11 -15.99
CA ALA A 181 -9.55 30.18 -15.45
C ALA A 181 -8.90 30.96 -16.58
N ALA A 182 -8.41 30.23 -17.59
CA ALA A 182 -7.78 30.88 -18.74
C ALA A 182 -8.80 31.75 -19.46
N HIS A 183 -10.01 31.22 -19.64
CA HIS A 183 -11.07 31.96 -20.30
C HIS A 183 -11.39 33.25 -19.55
N THR A 184 -11.39 33.18 -18.22
CA THR A 184 -11.69 34.34 -17.39
C THR A 184 -10.63 35.42 -17.54
N LEU A 185 -9.42 35.02 -17.90
CA LEU A 185 -8.31 35.94 -18.06
C LEU A 185 -8.06 36.28 -19.53
N ASN A 186 -8.92 35.76 -20.40
CA ASN A 186 -8.80 36.00 -21.84
C ASN A 186 -7.46 35.51 -22.37
N LEU A 187 -7.00 34.37 -21.85
CA LEU A 187 -5.72 33.80 -22.26
C LEU A 187 -5.92 32.49 -23.01
N PRO A 188 -5.17 32.29 -24.11
CA PRO A 188 -5.30 31.04 -24.88
C PRO A 188 -4.88 29.84 -24.02
N VAL A 189 -5.53 28.71 -24.25
CA VAL A 189 -5.22 27.51 -23.48
C VAL A 189 -5.15 26.26 -24.36
N LEU A 190 -4.46 25.24 -23.85
CA LEU A 190 -4.35 23.95 -24.54
C LEU A 190 -4.21 22.92 -23.44
N VAL A 191 -4.87 21.77 -23.62
CA VAL A 191 -4.79 20.70 -22.64
C VAL A 191 -4.37 19.43 -23.37
N ILE A 192 -3.35 18.77 -22.83
CA ILE A 192 -2.81 17.54 -23.38
C ILE A 192 -2.75 16.53 -22.23
N ARG A 193 -3.25 15.33 -22.46
CA ARG A 193 -3.22 14.29 -21.42
C ARG A 193 -2.87 12.93 -22.02
N ALA A 194 -2.14 12.12 -21.26
CA ALA A 194 -1.81 10.77 -21.71
C ALA A 194 -2.62 9.84 -20.80
N MET A 195 -3.13 8.74 -21.36
CA MET A 195 -3.97 7.83 -20.58
C MET A 195 -3.19 6.96 -19.60
N SER A 196 -3.55 7.08 -18.33
CA SER A 196 -2.88 6.30 -17.28
C SER A 196 -3.74 5.14 -16.82
N ASP A 197 -5.01 5.12 -17.24
CA ASP A 197 -5.92 4.07 -16.82
C ASP A 197 -7.18 4.09 -17.67
N ASN A 198 -8.09 3.16 -17.41
CA ASN A 198 -9.34 3.05 -18.16
C ASN A 198 -10.56 3.58 -17.42
N ALA A 199 -10.33 4.35 -16.36
CA ALA A 199 -11.41 4.96 -15.58
C ALA A 199 -12.47 3.97 -15.11
N ASN A 200 -12.09 2.71 -14.96
CA ASN A 200 -13.01 1.66 -14.53
C ASN A 200 -12.68 1.19 -13.10
N HIS A 201 -13.23 0.05 -12.71
CA HIS A 201 -13.00 -0.48 -11.37
C HIS A 201 -11.52 -0.65 -11.02
N GLU A 202 -10.69 -0.84 -12.03
CA GLU A 202 -9.26 -1.04 -11.81
C GLU A 202 -8.44 0.24 -11.97
N ALA A 203 -9.13 1.37 -12.17
CA ALA A 203 -8.45 2.64 -12.39
C ALA A 203 -7.38 3.06 -11.38
N ASN A 204 -7.62 2.85 -10.09
CA ASN A 204 -6.63 3.25 -9.09
C ASN A 204 -5.34 2.44 -9.25
N ILE A 205 -5.47 1.15 -9.56
CA ILE A 205 -4.31 0.29 -9.76
C ILE A 205 -3.52 0.69 -11.02
N PHE A 206 -4.22 0.89 -12.13
CA PHE A 206 -3.54 1.29 -13.35
C PHE A 206 -2.90 2.66 -13.18
N PHE A 207 -3.58 3.58 -12.49
CA PHE A 207 -3.00 4.90 -12.28
C PHE A 207 -1.68 4.78 -11.52
N ASP A 208 -1.68 4.01 -10.44
CA ASP A 208 -0.46 3.84 -9.65
C ASP A 208 0.66 3.26 -10.52
N GLU A 209 0.29 2.34 -11.39
CA GLU A 209 1.24 1.67 -12.26
C GLU A 209 1.76 2.52 -13.41
N PHE A 210 0.88 3.34 -14.00
CA PHE A 210 1.26 4.12 -15.16
C PHE A 210 1.43 5.63 -15.04
N ILE A 211 1.27 6.20 -13.85
CA ILE A 211 1.41 7.65 -13.72
C ILE A 211 2.77 8.17 -14.21
N ILE A 212 3.86 7.47 -13.91
CA ILE A 212 5.16 7.95 -14.38
C ILE A 212 5.26 7.96 -15.90
N GLU A 213 4.81 6.89 -16.55
CA GLU A 213 4.86 6.80 -18.01
C GLU A 213 3.89 7.78 -18.67
N ALA A 214 2.68 7.89 -18.13
CA ALA A 214 1.69 8.81 -18.69
C ALA A 214 2.20 10.25 -18.58
N GLY A 215 2.74 10.60 -17.42
CA GLY A 215 3.25 11.94 -17.24
C GLY A 215 4.33 12.26 -18.25
N ARG A 216 5.22 11.29 -18.49
CA ARG A 216 6.30 11.50 -19.44
C ARG A 216 5.80 11.60 -20.88
N ARG A 217 4.89 10.71 -21.27
CA ARG A 217 4.38 10.73 -22.63
C ARG A 217 3.66 12.04 -22.95
N SER A 218 2.84 12.51 -22.03
CA SER A 218 2.12 13.76 -22.25
C SER A 218 3.12 14.90 -22.41
N ALA A 219 4.15 14.91 -21.57
CA ALA A 219 5.18 15.94 -21.62
C ALA A 219 6.01 15.86 -22.90
N GLN A 220 6.23 14.66 -23.41
CA GLN A 220 7.01 14.51 -24.64
C GLN A 220 6.26 15.15 -25.80
N VAL A 221 4.94 14.95 -25.84
CA VAL A 221 4.14 15.53 -26.90
C VAL A 221 4.15 17.05 -26.77
N LEU A 222 4.15 17.55 -25.54
CA LEU A 222 4.18 18.99 -25.32
C LEU A 222 5.51 19.56 -25.79
N LEU A 223 6.60 18.87 -25.46
CA LEU A 223 7.92 19.32 -25.87
C LEU A 223 8.04 19.37 -27.38
N ALA A 224 7.55 18.33 -28.05
CA ALA A 224 7.60 18.29 -29.51
C ALA A 224 6.79 19.45 -30.08
N PHE A 225 5.67 19.75 -29.43
CA PHE A 225 4.79 20.85 -29.85
C PHE A 225 5.51 22.19 -29.72
N LEU A 226 6.12 22.42 -28.56
CA LEU A 226 6.83 23.67 -28.31
C LEU A 226 8.01 23.88 -29.26
N LYS A 227 8.67 22.79 -29.62
CA LYS A 227 9.82 22.88 -30.54
C LYS A 227 9.37 23.27 -31.94
N ALA A 228 8.13 22.94 -32.27
CA ALA A 228 7.60 23.24 -33.61
C ALA A 228 6.77 24.53 -33.63
N LEU A 229 6.33 24.98 -32.46
CA LEU A 229 5.53 26.19 -32.34
C LEU A 229 6.26 27.40 -32.92
N ASP A 230 7.48 27.63 -32.44
CA ASP A 230 8.30 28.75 -32.92
C ASP A 230 7.65 30.11 -32.71
N MET B 1 -4.88 42.89 11.39
CA MET B 1 -4.60 42.02 10.21
C MET B 1 -5.38 42.51 8.99
N LYS B 2 -4.98 42.03 7.81
CA LYS B 2 -5.61 42.40 6.56
C LYS B 2 -6.55 41.26 6.16
N ILE B 3 -7.84 41.56 6.05
CA ILE B 3 -8.82 40.53 5.72
C ILE B 3 -9.38 40.60 4.30
N GLY B 4 -9.24 39.49 3.58
CA GLY B 4 -9.77 39.41 2.23
C GLY B 4 -11.19 38.88 2.37
N ILE B 5 -12.14 39.60 1.80
CA ILE B 5 -13.55 39.21 1.88
C ILE B 5 -14.09 38.91 0.49
N ILE B 6 -14.59 37.68 0.32
CA ILE B 6 -15.10 37.22 -0.97
C ILE B 6 -16.59 36.92 -1.00
N ALA B 7 -17.25 37.42 -2.04
CA ALA B 7 -18.67 37.17 -2.27
C ALA B 7 -18.75 36.70 -3.71
N ALA B 8 -19.59 35.72 -3.98
CA ALA B 8 -19.73 35.20 -5.34
C ALA B 8 -20.43 36.14 -6.31
N MET B 9 -21.51 36.77 -5.84
CA MET B 9 -22.29 37.67 -6.67
C MET B 9 -22.36 39.09 -6.15
N PRO B 10 -22.68 40.07 -7.03
CA PRO B 10 -22.76 41.47 -6.60
C PRO B 10 -23.73 41.70 -5.45
N GLU B 11 -24.85 41.00 -5.45
CA GLU B 11 -25.85 41.14 -4.40
C GLU B 11 -25.29 40.81 -3.03
N GLU B 12 -24.25 39.98 -3.00
CA GLU B 12 -23.65 39.56 -1.74
C GLU B 12 -22.50 40.44 -1.27
N LEU B 13 -22.08 41.38 -2.11
CA LEU B 13 -20.98 42.26 -1.75
C LEU B 13 -21.41 43.74 -1.57
N ALA B 14 -22.54 44.09 -2.18
CA ALA B 14 -23.06 45.47 -2.13
C ALA B 14 -23.07 46.13 -0.76
N TYR B 15 -23.69 45.48 0.22
CA TYR B 15 -23.77 46.01 1.57
C TYR B 15 -22.40 46.35 2.15
N LEU B 16 -21.44 45.44 2.00
CA LEU B 16 -20.10 45.66 2.51
C LEU B 16 -19.43 46.84 1.83
N VAL B 17 -19.59 46.95 0.52
CA VAL B 17 -18.99 48.06 -0.21
C VAL B 17 -19.57 49.37 0.31
N GLN B 18 -20.87 49.37 0.59
CA GLN B 18 -21.55 50.55 1.09
C GLN B 18 -21.10 50.95 2.50
N HIS B 19 -20.47 50.01 3.21
CA HIS B 19 -20.02 50.27 4.56
C HIS B 19 -18.50 50.20 4.68
N LEU B 20 -17.81 50.29 3.55
CA LEU B 20 -16.36 50.25 3.53
C LEU B 20 -15.81 51.66 3.72
N ASP B 21 -14.98 51.85 4.74
CA ASP B 21 -14.39 53.16 5.00
C ASP B 21 -13.15 53.38 4.14
N ASN B 22 -12.92 54.62 3.72
CA ASN B 22 -11.77 54.95 2.89
C ASN B 22 -11.71 54.02 1.69
N THR B 23 -12.87 53.81 1.09
CA THR B 23 -13.02 52.91 -0.06
C THR B 23 -12.32 53.38 -1.34
N GLN B 24 -11.70 52.44 -2.02
CA GLN B 24 -11.02 52.69 -3.29
C GLN B 24 -11.17 51.43 -4.15
N GLU B 25 -11.47 51.61 -5.42
CA GLU B 25 -11.62 50.49 -6.35
C GLU B 25 -10.37 50.40 -7.22
N GLN B 26 -9.91 49.16 -7.44
CA GLN B 26 -8.75 48.89 -8.27
C GLN B 26 -9.08 47.73 -9.18
N VAL B 27 -8.61 47.77 -10.42
CA VAL B 27 -8.87 46.68 -11.34
C VAL B 27 -7.64 45.80 -11.46
N VAL B 28 -7.78 44.54 -11.09
CA VAL B 28 -6.68 43.58 -11.17
C VAL B 28 -7.16 42.37 -11.94
N LEU B 29 -6.45 42.05 -13.02
CA LEU B 29 -6.81 40.92 -13.87
C LEU B 29 -8.28 40.96 -14.28
N GLY B 30 -8.75 42.15 -14.65
CA GLY B 30 -10.12 42.30 -15.10
C GLY B 30 -11.22 42.26 -14.05
N ASN B 31 -10.86 42.29 -12.77
CA ASN B 31 -11.88 42.27 -11.72
C ASN B 31 -11.62 43.38 -10.73
N THR B 32 -12.69 43.89 -10.13
CA THR B 32 -12.57 44.99 -9.18
C THR B 32 -12.32 44.56 -7.75
N TYR B 33 -11.30 45.15 -7.14
CA TYR B 33 -10.96 44.88 -5.76
C TYR B 33 -11.17 46.18 -4.99
N HIS B 34 -11.98 46.11 -3.93
CA HIS B 34 -12.29 47.27 -3.11
C HIS B 34 -11.42 47.27 -1.85
N THR B 35 -10.53 48.25 -1.74
CA THR B 35 -9.65 48.34 -0.58
C THR B 35 -10.17 49.41 0.38
N GLY B 36 -9.89 49.23 1.65
CA GLY B 36 -10.34 50.18 2.66
C GLY B 36 -10.27 49.57 4.04
N THR B 37 -11.11 50.05 4.94
CA THR B 37 -11.12 49.55 6.30
C THR B 37 -12.55 49.39 6.83
N ILE B 38 -12.67 48.51 7.81
CA ILE B 38 -13.93 48.25 8.48
C ILE B 38 -13.54 48.06 9.94
N ALA B 39 -13.90 49.04 10.78
CA ALA B 39 -13.59 48.98 12.20
C ALA B 39 -12.12 48.66 12.48
N SER B 40 -11.22 49.58 12.13
CA SER B 40 -9.79 49.41 12.37
C SER B 40 -9.19 48.16 11.72
N HIS B 41 -9.93 47.57 10.79
CA HIS B 41 -9.46 46.38 10.10
C HIS B 41 -9.29 46.66 8.61
N GLU B 42 -8.06 46.50 8.12
CA GLU B 42 -7.81 46.71 6.70
C GLU B 42 -8.49 45.55 5.99
N VAL B 43 -9.18 45.82 4.89
CA VAL B 43 -9.86 44.77 4.17
C VAL B 43 -9.77 44.97 2.66
N VAL B 44 -10.04 43.89 1.93
CA VAL B 44 -10.05 43.91 0.47
C VAL B 44 -11.29 43.12 0.09
N LEU B 45 -12.24 43.77 -0.57
CA LEU B 45 -13.48 43.12 -0.96
C LEU B 45 -13.46 42.77 -2.43
N VAL B 46 -14.00 41.59 -2.77
CA VAL B 46 -14.05 41.18 -4.16
C VAL B 46 -15.22 40.25 -4.46
N GLU B 47 -15.80 40.46 -5.64
CA GLU B 47 -16.90 39.63 -6.15
C GLU B 47 -16.15 38.64 -7.02
N SER B 48 -16.03 37.40 -6.56
CA SER B 48 -15.28 36.37 -7.28
C SER B 48 -15.92 35.78 -8.52
N GLY B 49 -17.24 35.60 -8.47
CA GLY B 49 -17.92 34.94 -9.55
C GLY B 49 -18.31 33.61 -8.90
N ILE B 50 -19.21 32.87 -9.53
CA ILE B 50 -19.71 31.61 -8.98
C ILE B 50 -18.87 30.37 -9.19
N GLY B 51 -18.83 29.50 -8.17
CA GLY B 51 -18.12 28.25 -8.31
C GLY B 51 -16.76 28.07 -7.69
N LYS B 52 -16.28 26.82 -7.70
CA LYS B 52 -14.98 26.50 -7.13
C LYS B 52 -13.81 27.23 -7.78
N VAL B 53 -13.75 27.21 -9.10
CA VAL B 53 -12.65 27.86 -9.81
C VAL B 53 -12.60 29.37 -9.61
N MET B 54 -13.72 30.06 -9.81
CA MET B 54 -13.71 31.51 -9.65
C MET B 54 -13.33 31.93 -8.25
N SER B 55 -13.92 31.29 -7.24
CA SER B 55 -13.61 31.66 -5.87
C SER B 55 -12.16 31.35 -5.51
N ALA B 56 -11.63 30.24 -6.03
CA ALA B 56 -10.25 29.85 -5.76
C ALA B 56 -9.29 30.89 -6.35
N MET B 57 -9.59 31.37 -7.56
CA MET B 57 -8.75 32.37 -8.19
C MET B 57 -8.72 33.64 -7.33
N SER B 58 -9.88 34.04 -6.81
CA SER B 58 -9.97 35.24 -5.98
C SER B 58 -9.09 35.11 -4.74
N VAL B 59 -9.09 33.93 -4.11
CA VAL B 59 -8.26 33.72 -2.93
C VAL B 59 -6.79 33.89 -3.31
N ALA B 60 -6.38 33.26 -4.40
CA ALA B 60 -4.99 33.33 -4.86
C ALA B 60 -4.54 34.76 -5.11
N ILE B 61 -5.38 35.55 -5.76
CA ILE B 61 -5.05 36.92 -6.08
C ILE B 61 -5.03 37.79 -4.82
N LEU B 62 -5.96 37.55 -3.90
CA LEU B 62 -5.99 38.32 -2.66
C LEU B 62 -4.68 38.12 -1.90
N ALA B 63 -4.20 36.88 -1.88
CA ALA B 63 -2.95 36.57 -1.19
C ALA B 63 -1.71 37.06 -1.94
N ASP B 64 -1.66 36.79 -3.25
CA ASP B 64 -0.51 37.18 -4.06
C ASP B 64 -0.39 38.67 -4.37
N HIS B 65 -1.52 39.31 -4.64
CA HIS B 65 -1.52 40.73 -4.99
C HIS B 65 -1.74 41.69 -3.83
N PHE B 66 -2.53 41.29 -2.85
CA PHE B 66 -2.81 42.16 -1.71
C PHE B 66 -2.23 41.69 -0.38
N GLN B 67 -1.61 40.52 -0.38
CA GLN B 67 -1.02 39.97 0.84
C GLN B 67 -1.96 39.95 2.04
N VAL B 68 -3.17 39.44 1.85
CA VAL B 68 -4.13 39.37 2.95
C VAL B 68 -3.62 38.37 3.99
N ASP B 69 -4.10 38.49 5.22
CA ASP B 69 -3.69 37.60 6.30
C ASP B 69 -4.78 36.61 6.70
N ALA B 70 -5.99 36.84 6.20
CA ALA B 70 -7.13 35.98 6.51
C ALA B 70 -8.18 36.10 5.41
N LEU B 71 -9.07 35.13 5.34
CA LEU B 71 -10.12 35.12 4.33
C LEU B 71 -11.49 34.86 4.93
N ILE B 72 -12.48 35.64 4.49
CA ILE B 72 -13.84 35.45 4.97
C ILE B 72 -14.78 35.46 3.77
N ASN B 73 -15.66 34.49 3.71
CA ASN B 73 -16.62 34.37 2.63
C ASN B 73 -18.01 34.70 3.18
N THR B 74 -18.79 35.46 2.40
CA THR B 74 -20.13 35.84 2.78
C THR B 74 -21.03 35.68 1.58
N GLY B 75 -22.29 35.35 1.82
CA GLY B 75 -23.23 35.19 0.72
C GLY B 75 -24.44 34.34 1.04
N SER B 76 -25.06 33.80 -0.01
CA SER B 76 -26.25 32.98 0.11
C SER B 76 -25.94 31.49 0.07
N ALA B 77 -26.90 30.69 0.55
CA ALA B 77 -26.78 29.24 0.54
C ALA B 77 -28.16 28.64 0.62
N GLY B 78 -28.26 27.35 0.32
CA GLY B 78 -29.54 26.67 0.39
C GLY B 78 -29.68 25.96 1.72
N ALA B 79 -30.82 26.14 2.39
CA ALA B 79 -31.04 25.49 3.68
C ALA B 79 -31.42 24.02 3.48
N VAL B 80 -30.72 23.11 4.15
CA VAL B 80 -31.03 21.69 4.01
C VAL B 80 -31.44 21.01 5.31
N ALA B 81 -30.89 21.43 6.44
CA ALA B 81 -31.24 20.84 7.72
C ALA B 81 -32.67 21.25 8.07
N GLU B 82 -33.48 20.29 8.53
CA GLU B 82 -34.87 20.57 8.88
C GLU B 82 -34.96 21.67 9.92
N GLY B 83 -35.89 22.59 9.73
CA GLY B 83 -36.06 23.67 10.68
C GLY B 83 -35.38 24.97 10.34
N ILE B 84 -34.35 24.92 9.51
CA ILE B 84 -33.65 26.15 9.13
C ILE B 84 -34.53 26.87 8.10
N ALA B 85 -34.82 28.13 8.38
CA ALA B 85 -35.67 28.94 7.52
C ALA B 85 -34.93 29.86 6.58
N VAL B 86 -35.64 30.28 5.54
CA VAL B 86 -35.07 31.21 4.57
C VAL B 86 -34.80 32.48 5.39
N GLY B 87 -33.64 33.08 5.17
CA GLY B 87 -33.30 34.28 5.92
C GLY B 87 -32.40 33.98 7.11
N ASP B 88 -32.33 32.71 7.52
CA ASP B 88 -31.46 32.35 8.65
C ASP B 88 -30.00 32.48 8.22
N VAL B 89 -29.12 32.67 9.19
CA VAL B 89 -27.70 32.79 8.89
C VAL B 89 -26.97 31.58 9.46
N VAL B 90 -26.09 30.98 8.65
CA VAL B 90 -25.32 29.83 9.10
C VAL B 90 -23.84 30.19 9.10
N ILE B 91 -23.21 30.00 10.25
CA ILE B 91 -21.79 30.24 10.38
C ILE B 91 -21.19 28.86 10.28
N ALA B 92 -20.29 28.66 9.33
CA ALA B 92 -19.67 27.37 9.14
C ALA B 92 -18.48 27.16 10.07
N ASP B 93 -18.56 26.17 10.95
CA ASP B 93 -17.42 25.90 11.80
C ASP B 93 -16.52 24.93 11.05
N LYS B 94 -17.12 24.24 10.09
CA LYS B 94 -16.40 23.29 9.23
C LYS B 94 -17.03 23.29 7.85
N LEU B 95 -16.23 22.93 6.85
CA LEU B 95 -16.69 22.86 5.46
C LEU B 95 -16.13 21.62 4.79
N ALA B 96 -16.91 21.07 3.87
CA ALA B 96 -16.50 19.88 3.13
C ALA B 96 -17.21 19.86 1.80
N TYR B 97 -16.64 19.13 0.83
CA TYR B 97 -17.24 19.01 -0.49
C TYR B 97 -18.23 17.85 -0.49
N HIS B 98 -19.41 18.05 -1.04
CA HIS B 98 -20.39 16.98 -1.12
C HIS B 98 -20.34 16.28 -2.48
N ASP B 99 -19.57 16.85 -3.42
CA ASP B 99 -19.49 16.30 -4.77
C ASP B 99 -18.13 15.77 -5.20
N VAL B 100 -17.30 15.42 -4.23
CA VAL B 100 -15.95 14.91 -4.51
C VAL B 100 -15.83 13.41 -4.22
N ASP B 101 -15.41 12.64 -5.21
CA ASP B 101 -15.25 11.20 -5.01
C ASP B 101 -13.90 10.73 -5.51
N VAL B 102 -12.98 10.52 -4.58
CA VAL B 102 -11.64 10.02 -4.89
C VAL B 102 -11.47 8.80 -3.98
N THR B 103 -12.60 8.17 -3.64
CA THR B 103 -12.60 7.01 -2.76
C THR B 103 -11.85 5.80 -3.31
N ALA B 104 -11.64 5.74 -4.61
CA ALA B 104 -10.92 4.61 -5.20
C ALA B 104 -9.51 4.47 -4.61
N PHE B 105 -8.97 5.57 -4.11
CA PHE B 105 -7.63 5.56 -3.52
C PHE B 105 -7.66 5.42 -1.99
N GLY B 106 -8.85 5.30 -1.42
CA GLY B 106 -8.95 5.15 0.02
C GLY B 106 -9.36 6.40 0.77
N TYR B 107 -9.55 7.50 0.05
CA TYR B 107 -9.97 8.74 0.69
C TYR B 107 -11.43 8.60 1.09
N ALA B 108 -11.84 9.36 2.10
CA ALA B 108 -13.23 9.34 2.54
C ALA B 108 -14.04 10.06 1.46
N TYR B 109 -15.32 9.71 1.33
CA TYR B 109 -16.13 10.39 0.33
C TYR B 109 -16.14 11.87 0.66
N GLY B 110 -15.99 12.71 -0.37
CA GLY B 110 -15.98 14.15 -0.19
C GLY B 110 -14.59 14.73 0.01
N GLN B 111 -13.61 13.87 0.28
CA GLN B 111 -12.24 14.31 0.51
C GLN B 111 -11.43 14.39 -0.77
N MET B 112 -10.94 15.58 -1.10
CA MET B 112 -10.13 15.78 -2.29
C MET B 112 -8.74 15.18 -2.06
N ALA B 113 -8.13 14.67 -3.13
CA ALA B 113 -6.80 14.09 -3.02
C ALA B 113 -5.82 15.14 -2.48
N GLN B 114 -4.93 14.71 -1.60
CA GLN B 114 -3.93 15.60 -1.00
C GLN B 114 -4.56 16.65 -0.09
N GLN B 115 -5.79 16.41 0.35
CA GLN B 115 -6.50 17.36 1.21
C GLN B 115 -7.19 16.66 2.37
N PRO B 116 -7.50 17.41 3.44
CA PRO B 116 -8.20 16.80 4.56
C PRO B 116 -9.67 16.72 4.17
N LEU B 117 -10.45 15.90 4.86
CA LEU B 117 -11.88 15.78 4.54
C LEU B 117 -12.60 17.08 4.90
N TYR B 118 -12.34 17.58 6.11
CA TYR B 118 -12.96 18.82 6.58
C TYR B 118 -11.97 19.97 6.66
N PHE B 119 -12.43 21.16 6.30
CA PHE B 119 -11.64 22.37 6.39
C PHE B 119 -12.30 23.09 7.56
N GLU B 120 -11.52 23.57 8.52
CA GLU B 120 -12.10 24.22 9.67
C GLU B 120 -11.97 25.73 9.69
N SER B 121 -13.06 26.41 10.03
CA SER B 121 -13.00 27.86 10.14
C SER B 121 -12.13 28.13 11.36
N ASP B 122 -11.44 29.27 11.34
CA ASP B 122 -10.56 29.64 12.44
C ASP B 122 -11.31 29.55 13.77
N LYS B 123 -10.75 28.80 14.72
CA LYS B 123 -11.38 28.63 16.02
C LYS B 123 -11.62 29.94 16.75
N THR B 124 -10.68 30.87 16.64
CA THR B 124 -10.81 32.17 17.28
C THR B 124 -11.96 32.96 16.64
N PHE B 125 -12.00 32.97 15.32
CA PHE B 125 -13.06 33.66 14.59
C PHE B 125 -14.42 33.10 14.96
N VAL B 126 -14.51 31.78 15.02
CA VAL B 126 -15.76 31.13 15.37
C VAL B 126 -16.21 31.46 16.80
N ALA B 127 -15.26 31.43 17.73
CA ALA B 127 -15.59 31.73 19.11
C ALA B 127 -16.09 33.17 19.24
N GLN B 128 -15.38 34.10 18.61
CA GLN B 128 -15.75 35.51 18.68
C GLN B 128 -17.07 35.87 17.99
N ILE B 129 -17.34 35.29 16.84
CA ILE B 129 -18.59 35.62 16.16
C ILE B 129 -19.81 35.17 16.97
N GLN B 130 -19.68 34.05 17.68
CA GLN B 130 -20.78 33.57 18.50
C GLN B 130 -21.05 34.55 19.63
N GLU B 131 -20.00 35.21 20.08
CA GLU B 131 -20.10 36.19 21.16
C GLU B 131 -20.86 37.44 20.72
N SER B 132 -20.80 37.74 19.42
CA SER B 132 -21.47 38.91 18.88
C SER B 132 -22.95 38.63 18.59
N LEU B 133 -23.36 37.37 18.75
CA LEU B 133 -24.75 37.00 18.50
C LEU B 133 -25.46 36.60 19.79
N SER B 134 -26.78 36.77 19.82
CA SER B 134 -27.56 36.43 21.00
C SER B 134 -27.99 34.97 21.04
N GLN B 135 -27.86 34.35 22.21
CA GLN B 135 -28.26 32.95 22.38
C GLN B 135 -29.78 32.83 22.30
N LEU B 136 -30.47 33.94 22.50
CA LEU B 136 -31.93 33.94 22.45
C LEU B 136 -32.43 34.00 21.01
N ASP B 137 -31.54 34.40 20.10
CA ASP B 137 -31.86 34.49 18.68
C ASP B 137 -31.72 33.09 18.09
N GLN B 138 -32.82 32.54 17.61
CA GLN B 138 -32.82 31.20 17.04
C GLN B 138 -32.61 31.19 15.53
N ASN B 139 -32.38 32.37 14.94
CA ASN B 139 -32.20 32.44 13.49
C ASN B 139 -30.77 32.36 12.96
N TRP B 140 -29.80 32.16 13.84
CA TRP B 140 -28.43 31.97 13.39
C TRP B 140 -28.08 30.55 13.80
N HIS B 141 -27.15 29.93 13.07
CA HIS B 141 -26.77 28.56 13.32
C HIS B 141 -25.26 28.40 13.17
N LEU B 142 -24.71 27.40 13.84
CA LEU B 142 -23.28 27.12 13.75
C LEU B 142 -23.16 25.66 13.37
N GLY B 143 -22.49 25.38 12.26
CA GLY B 143 -22.36 24.00 11.85
C GLY B 143 -21.71 23.80 10.50
N LEU B 144 -21.99 22.65 9.90
CA LEU B 144 -21.40 22.30 8.61
C LEU B 144 -22.09 22.84 7.38
N ILE B 145 -21.29 23.38 6.47
CA ILE B 145 -21.80 23.84 5.18
C ILE B 145 -21.05 22.95 4.19
N ALA B 146 -21.80 22.29 3.31
CA ALA B 146 -21.20 21.42 2.30
C ALA B 146 -21.19 22.16 0.97
N THR B 147 -20.10 22.02 0.23
CA THR B 147 -19.90 22.72 -1.03
C THR B 147 -19.83 21.79 -2.24
N GLY B 148 -20.31 22.28 -3.38
CA GLY B 148 -20.25 21.51 -4.60
C GLY B 148 -20.40 22.45 -5.79
N ASP B 149 -19.92 22.02 -6.96
CA ASP B 149 -20.05 22.86 -8.15
C ASP B 149 -21.40 22.66 -8.81
N SER B 150 -22.45 22.59 -7.99
CA SER B 150 -23.81 22.43 -8.48
C SER B 150 -24.78 23.21 -7.62
N PHE B 151 -25.88 23.66 -8.23
CA PHE B 151 -26.91 24.37 -7.50
C PHE B 151 -27.89 23.26 -7.10
N VAL B 152 -28.02 23.01 -5.80
CA VAL B 152 -28.90 21.96 -5.30
C VAL B 152 -30.34 22.43 -5.37
N ALA B 153 -31.17 21.69 -6.10
CA ALA B 153 -32.57 22.05 -6.27
C ALA B 153 -33.46 20.82 -6.39
N GLY B 154 -33.45 19.99 -5.35
CA GLY B 154 -34.26 18.79 -5.36
C GLY B 154 -34.02 17.97 -4.10
N ASN B 155 -35.10 17.46 -3.51
CA ASN B 155 -34.97 16.66 -2.30
C ASN B 155 -34.12 15.42 -2.54
N ASP B 156 -34.10 14.95 -3.78
CA ASP B 156 -33.31 13.76 -4.11
C ASP B 156 -31.82 14.03 -3.87
N LYS B 157 -31.33 15.17 -4.35
CA LYS B 157 -29.92 15.47 -4.14
C LYS B 157 -29.65 15.84 -2.69
N ILE B 158 -30.64 16.42 -2.01
CA ILE B 158 -30.47 16.78 -0.61
C ILE B 158 -30.24 15.49 0.18
N GLU B 159 -31.06 14.48 -0.10
CA GLU B 159 -30.97 13.19 0.58
C GLU B 159 -29.63 12.53 0.28
N ALA B 160 -29.17 12.66 -0.96
CA ALA B 160 -27.89 12.07 -1.36
C ALA B 160 -26.75 12.73 -0.57
N ILE B 161 -26.81 14.05 -0.45
CA ILE B 161 -25.78 14.78 0.28
C ILE B 161 -25.81 14.39 1.76
N LYS B 162 -27.01 14.30 2.32
CA LYS B 162 -27.16 13.92 3.72
C LYS B 162 -26.67 12.51 4.01
N SER B 163 -26.71 11.64 3.02
CA SER B 163 -26.26 10.26 3.23
C SER B 163 -24.75 10.27 3.50
N HIS B 164 -24.07 11.28 2.97
CA HIS B 164 -22.62 11.40 3.15
C HIS B 164 -22.29 12.32 4.34
N PHE B 165 -23.08 13.39 4.50
CA PHE B 165 -22.86 14.33 5.59
C PHE B 165 -24.21 14.61 6.28
N PRO B 166 -24.64 13.69 7.14
CA PRO B 166 -25.91 13.85 7.85
C PRO B 166 -26.12 15.14 8.64
N GLU B 167 -25.03 15.76 9.12
CA GLU B 167 -25.14 16.99 9.90
C GLU B 167 -25.07 18.28 9.09
N VAL B 168 -25.10 18.18 7.77
CA VAL B 168 -25.03 19.37 6.93
C VAL B 168 -26.18 20.32 7.20
N LEU B 169 -25.88 21.60 7.36
CA LEU B 169 -26.92 22.60 7.61
C LEU B 169 -27.36 23.31 6.35
N ALA B 170 -26.39 23.63 5.49
CA ALA B 170 -26.67 24.36 4.25
C ALA B 170 -25.67 23.97 3.17
N VAL B 171 -26.03 24.26 1.93
CA VAL B 171 -25.18 23.94 0.80
C VAL B 171 -24.95 25.15 -0.10
N GLU B 172 -23.76 25.23 -0.67
CA GLU B 172 -23.44 26.32 -1.58
C GLU B 172 -22.36 25.91 -2.56
N MET B 173 -21.79 26.87 -3.29
CA MET B 173 -20.81 26.55 -4.31
C MET B 173 -19.39 27.11 -4.20
N GLU B 174 -19.06 27.74 -3.08
CA GLU B 174 -17.73 28.31 -2.92
C GLU B 174 -17.08 28.12 -1.56
N GLY B 175 -17.88 27.84 -0.53
CA GLY B 175 -17.35 27.69 0.82
C GLY B 175 -16.09 26.85 1.01
N ALA B 176 -16.21 25.56 0.70
CA ALA B 176 -15.08 24.65 0.86
C ALA B 176 -13.94 24.97 -0.08
N ALA B 177 -14.26 25.57 -1.24
CA ALA B 177 -13.23 25.93 -2.20
C ALA B 177 -12.36 27.03 -1.61
N ILE B 178 -13.01 28.04 -1.04
CA ILE B 178 -12.30 29.14 -0.41
C ILE B 178 -11.53 28.62 0.80
N ALA B 179 -12.15 27.71 1.56
CA ALA B 179 -11.49 27.14 2.73
C ALA B 179 -10.28 26.29 2.31
N GLN B 180 -10.42 25.55 1.20
CA GLN B 180 -9.32 24.74 0.70
C GLN B 180 -8.17 25.63 0.28
N ALA B 181 -8.47 26.69 -0.45
CA ALA B 181 -7.45 27.61 -0.92
C ALA B 181 -6.77 28.28 0.26
N ALA B 182 -7.55 28.67 1.26
CA ALA B 182 -7.00 29.31 2.45
C ALA B 182 -6.09 28.32 3.18
N HIS B 183 -6.52 27.07 3.27
CA HIS B 183 -5.74 26.03 3.93
C HIS B 183 -4.40 25.83 3.24
N THR B 184 -4.41 25.90 1.92
CA THR B 184 -3.20 25.73 1.11
C THR B 184 -2.21 26.86 1.37
N LEU B 185 -2.73 28.03 1.72
CA LEU B 185 -1.91 29.20 1.99
C LEU B 185 -1.66 29.41 3.47
N ASN B 186 -2.14 28.46 4.29
CA ASN B 186 -1.99 28.53 5.74
C ASN B 186 -2.59 29.82 6.29
N LEU B 187 -3.75 30.20 5.76
CA LEU B 187 -4.44 31.42 6.20
C LEU B 187 -5.76 31.07 6.88
N PRO B 188 -6.08 31.75 8.00
CA PRO B 188 -7.34 31.48 8.70
C PRO B 188 -8.52 31.85 7.82
N VAL B 189 -9.61 31.10 7.95
CA VAL B 189 -10.79 31.35 7.13
C VAL B 189 -12.08 31.27 7.96
N LEU B 190 -13.13 31.89 7.43
CA LEU B 190 -14.44 31.86 8.05
C LEU B 190 -15.46 31.97 6.92
N VAL B 191 -16.52 31.19 7.02
CA VAL B 191 -17.57 31.23 6.01
C VAL B 191 -18.89 31.50 6.70
N ILE B 192 -19.62 32.49 6.17
CA ILE B 192 -20.92 32.90 6.68
C ILE B 192 -21.88 32.93 5.50
N ARG B 193 -23.06 32.33 5.64
CA ARG B 193 -24.03 32.32 4.56
C ARG B 193 -25.45 32.52 5.09
N ALA B 194 -26.28 33.25 4.34
CA ALA B 194 -27.67 33.45 4.73
C ALA B 194 -28.49 32.59 3.76
N MET B 195 -29.55 31.98 4.24
CA MET B 195 -30.36 31.09 3.41
C MET B 195 -31.25 31.84 2.42
N SER B 196 -31.05 31.57 1.13
CA SER B 196 -31.82 32.20 0.08
C SER B 196 -32.90 31.28 -0.46
N ASP B 197 -32.84 30.00 -0.07
CA ASP B 197 -33.77 29.01 -0.58
C ASP B 197 -33.68 27.72 0.21
N ASN B 198 -34.52 26.75 -0.16
CA ASN B 198 -34.56 25.47 0.52
C ASN B 198 -33.89 24.32 -0.23
N ALA B 199 -33.11 24.65 -1.26
CA ALA B 199 -32.38 23.66 -2.04
C ALA B 199 -33.25 22.53 -2.60
N ASN B 200 -34.55 22.82 -2.77
CA ASN B 200 -35.49 21.84 -3.30
C ASN B 200 -35.93 22.19 -4.71
N HIS B 201 -37.01 21.58 -5.17
CA HIS B 201 -37.51 21.82 -6.52
C HIS B 201 -37.78 23.30 -6.83
N GLU B 202 -38.06 24.08 -5.80
CA GLU B 202 -38.36 25.51 -5.98
C GLU B 202 -37.16 26.42 -5.72
N ALA B 203 -36.00 25.83 -5.46
CA ALA B 203 -34.81 26.62 -5.15
C ALA B 203 -34.45 27.75 -6.11
N ASN B 204 -34.58 27.53 -7.42
CA ASN B 204 -34.24 28.59 -8.36
C ASN B 204 -35.15 29.79 -8.20
N ILE B 205 -36.43 29.54 -7.93
CA ILE B 205 -37.41 30.61 -7.75
C ILE B 205 -37.12 31.37 -6.44
N PHE B 206 -36.92 30.64 -5.35
CA PHE B 206 -36.62 31.30 -4.09
C PHE B 206 -35.29 32.05 -4.17
N PHE B 207 -34.30 31.48 -4.84
CA PHE B 207 -33.01 32.16 -4.96
C PHE B 207 -33.22 33.51 -5.66
N ASP B 208 -33.94 33.50 -6.77
CA ASP B 208 -34.20 34.73 -7.51
C ASP B 208 -34.89 35.76 -6.62
N GLU B 209 -35.83 35.28 -5.83
CA GLU B 209 -36.60 36.15 -4.95
C GLU B 209 -35.84 36.65 -3.73
N PHE B 210 -34.96 35.82 -3.18
CA PHE B 210 -34.26 36.20 -1.95
C PHE B 210 -32.77 36.49 -1.99
N ILE B 211 -32.14 36.46 -3.15
CA ILE B 211 -30.70 36.72 -3.19
C ILE B 211 -30.33 38.10 -2.61
N ILE B 212 -31.11 39.13 -2.91
CA ILE B 212 -30.80 40.46 -2.38
C ILE B 212 -30.85 40.47 -0.84
N GLU B 213 -31.91 39.92 -0.26
CA GLU B 213 -32.06 39.88 1.18
C GLU B 213 -31.00 38.97 1.83
N ALA B 214 -30.78 37.80 1.25
CA ALA B 214 -29.79 36.87 1.79
C ALA B 214 -28.39 37.50 1.77
N GLY B 215 -28.03 38.13 0.67
CA GLY B 215 -26.71 38.75 0.60
C GLY B 215 -26.56 39.81 1.66
N ARG B 216 -27.61 40.59 1.88
CA ARG B 216 -27.58 41.65 2.88
C ARG B 216 -27.46 41.10 4.30
N ARG B 217 -28.29 40.11 4.63
CA ARG B 217 -28.27 39.52 5.96
C ARG B 217 -26.92 38.91 6.32
N SER B 218 -26.34 38.19 5.37
CA SER B 218 -25.03 37.57 5.62
C SER B 218 -23.99 38.67 5.86
N ALA B 219 -24.03 39.73 5.05
CA ALA B 219 -23.10 40.83 5.19
C ALA B 219 -23.31 41.59 6.50
N GLN B 220 -24.56 41.70 6.95
CA GLN B 220 -24.85 42.40 8.19
C GLN B 220 -24.17 41.67 9.36
N VAL B 221 -24.28 40.35 9.36
CA VAL B 221 -23.66 39.54 10.41
C VAL B 221 -22.14 39.70 10.38
N LEU B 222 -21.56 39.72 9.18
CA LEU B 222 -20.13 39.89 9.05
C LEU B 222 -19.68 41.26 9.56
N LEU B 223 -20.43 42.29 9.19
CA LEU B 223 -20.11 43.65 9.63
C LEU B 223 -20.14 43.74 11.15
N ALA B 224 -21.19 43.20 11.75
CA ALA B 224 -21.31 43.22 13.21
C ALA B 224 -20.11 42.49 13.82
N PHE B 225 -19.73 41.38 13.20
CA PHE B 225 -18.59 40.59 13.67
C PHE B 225 -17.30 41.41 13.61
N LEU B 226 -17.04 42.03 12.47
CA LEU B 226 -15.83 42.83 12.30
C LEU B 226 -15.77 44.02 13.26
N LYS B 227 -16.92 44.59 13.57
CA LYS B 227 -16.96 45.72 14.49
C LYS B 227 -16.70 45.30 15.93
N ALA B 228 -16.79 44.00 16.19
CA ALA B 228 -16.56 43.49 17.54
C ALA B 228 -15.29 42.66 17.64
N LEU B 229 -14.74 42.28 16.49
CA LEU B 229 -13.52 41.48 16.43
C LEU B 229 -12.34 42.23 17.04
N ASP B 230 -12.05 43.41 16.48
CA ASP B 230 -10.95 44.25 16.95
C ASP B 230 -9.60 43.53 16.88
N MET C 1 27.04 12.16 9.89
CA MET C 1 26.02 12.14 10.98
C MET C 1 26.47 11.22 12.12
N LYS C 2 25.94 11.45 13.31
CA LYS C 2 26.28 10.63 14.47
C LYS C 2 25.12 9.67 14.68
N ILE C 3 25.42 8.38 14.77
CA ILE C 3 24.38 7.37 14.93
C ILE C 3 24.38 6.72 16.31
N GLY C 4 23.22 6.76 16.96
CA GLY C 4 23.08 6.12 18.26
C GLY C 4 22.67 4.69 17.99
N ILE C 5 23.39 3.74 18.55
CA ILE C 5 23.08 2.32 18.34
C ILE C 5 22.71 1.69 19.67
N ILE C 6 21.51 1.13 19.72
CA ILE C 6 20.97 0.52 20.93
C ILE C 6 20.76 -0.97 20.85
N ALA C 7 21.22 -1.68 21.88
CA ALA C 7 21.06 -3.12 22.00
C ALA C 7 20.49 -3.32 23.41
N ALA C 8 19.52 -4.20 23.56
CA ALA C 8 18.92 -4.43 24.87
C ALA C 8 19.85 -5.12 25.85
N MET C 9 20.59 -6.12 25.36
CA MET C 9 21.49 -6.92 26.18
C MET C 9 22.96 -6.86 25.75
N PRO C 10 23.88 -7.16 26.67
CA PRO C 10 25.30 -7.12 26.33
C PRO C 10 25.70 -8.01 25.15
N GLU C 11 25.06 -9.17 25.02
CA GLU C 11 25.36 -10.09 23.92
C GLU C 11 25.08 -9.48 22.56
N GLU C 12 24.16 -8.50 22.54
CA GLU C 12 23.78 -7.86 21.30
C GLU C 12 24.63 -6.64 20.95
N LEU C 13 25.50 -6.22 21.86
CA LEU C 13 26.36 -5.07 21.63
C LEU C 13 27.84 -5.45 21.53
N ALA C 14 28.19 -6.62 22.08
CA ALA C 14 29.57 -7.08 22.10
C ALA C 14 30.34 -6.99 20.79
N TYR C 15 29.76 -7.52 19.71
CA TYR C 15 30.41 -7.49 18.40
C TYR C 15 30.74 -6.07 17.96
N LEU C 16 29.78 -5.16 18.09
CA LEU C 16 29.99 -3.78 17.69
C LEU C 16 31.07 -3.10 18.53
N VAL C 17 31.10 -3.39 19.82
CA VAL C 17 32.10 -2.82 20.70
C VAL C 17 33.49 -3.28 20.23
N GLN C 18 33.59 -4.54 19.84
CA GLN C 18 34.85 -5.08 19.36
C GLN C 18 35.29 -4.48 18.03
N HIS C 19 34.35 -3.88 17.32
CA HIS C 19 34.66 -3.28 16.01
C HIS C 19 34.57 -1.75 16.03
N LEU C 20 34.62 -1.16 17.21
CA LEU C 20 34.54 0.29 17.35
C LEU C 20 35.93 0.91 17.32
N ASP C 21 36.16 1.83 16.39
CA ASP C 21 37.45 2.51 16.28
C ASP C 21 37.48 3.77 17.13
N ASN C 22 38.66 4.11 17.63
CA ASN C 22 38.83 5.30 18.48
C ASN C 22 37.78 5.28 19.60
N THR C 23 37.68 4.12 20.23
CA THR C 23 36.72 3.90 21.30
C THR C 23 36.98 4.67 22.58
N GLN C 24 35.90 5.18 23.16
CA GLN C 24 35.94 5.92 24.42
C GLN C 24 34.64 5.55 25.14
N GLU C 25 34.73 5.36 26.45
CA GLU C 25 33.57 4.98 27.24
C GLU C 25 33.18 6.05 28.25
N GLN C 26 31.98 6.60 28.09
CA GLN C 26 31.47 7.63 28.99
C GLN C 26 30.36 7.02 29.84
N VAL C 27 30.47 7.17 31.15
CA VAL C 27 29.47 6.65 32.06
C VAL C 27 28.43 7.72 32.34
N VAL C 28 27.19 7.47 31.92
CA VAL C 28 26.10 8.41 32.12
C VAL C 28 24.96 7.67 32.81
N LEU C 29 24.50 8.22 33.94
CA LEU C 29 23.43 7.61 34.70
C LEU C 29 23.74 6.16 35.05
N GLY C 30 25.02 5.89 35.31
CA GLY C 30 25.44 4.55 35.68
C GLY C 30 25.59 3.57 34.53
N ASN C 31 25.33 4.02 33.31
CA ASN C 31 25.44 3.14 32.15
C ASN C 31 26.57 3.60 31.23
N THR C 32 27.17 2.66 30.50
CA THR C 32 28.28 2.96 29.60
C THR C 32 27.86 3.28 28.17
N TYR C 33 28.28 4.44 27.69
CA TYR C 33 28.00 4.85 26.33
C TYR C 33 29.33 4.84 25.58
N HIS C 34 29.44 3.95 24.59
CA HIS C 34 30.68 3.81 23.82
C HIS C 34 30.70 4.74 22.62
N THR C 35 31.59 5.72 22.63
CA THR C 35 31.70 6.63 21.51
C THR C 35 32.91 6.28 20.65
N GLY C 36 32.83 6.63 19.36
CA GLY C 36 33.91 6.33 18.45
C GLY C 36 33.38 6.30 17.03
N THR C 37 34.05 5.57 16.15
CA THR C 37 33.62 5.48 14.76
C THR C 37 33.58 4.04 14.26
N ILE C 38 32.72 3.81 13.28
CA ILE C 38 32.58 2.51 12.64
C ILE C 38 32.49 2.82 11.15
N ALA C 39 33.48 2.34 10.38
CA ALA C 39 33.52 2.59 8.95
C ALA C 39 33.46 4.10 8.72
N SER C 40 34.21 4.84 9.52
CA SER C 40 34.28 6.29 9.45
C SER C 40 33.02 7.01 9.92
N HIS C 41 32.03 6.25 10.37
CA HIS C 41 30.79 6.85 10.88
C HIS C 41 30.87 7.06 12.38
N GLU C 42 30.60 8.28 12.83
CA GLU C 42 30.62 8.59 14.25
C GLU C 42 29.42 7.86 14.87
N VAL C 43 29.64 7.16 15.97
CA VAL C 43 28.56 6.43 16.63
C VAL C 43 28.65 6.46 18.14
N VAL C 44 27.57 6.04 18.78
CA VAL C 44 27.50 5.95 20.24
C VAL C 44 26.75 4.65 20.51
N LEU C 45 27.42 3.69 21.13
CA LEU C 45 26.81 2.39 21.43
C LEU C 45 26.36 2.32 22.87
N VAL C 46 25.19 1.72 23.10
CA VAL C 46 24.68 1.58 24.45
C VAL C 46 23.82 0.34 24.64
N GLU C 47 23.99 -0.30 25.79
CA GLU C 47 23.20 -1.47 26.17
C GLU C 47 22.11 -0.81 27.02
N SER C 48 20.88 -0.78 26.51
CA SER C 48 19.81 -0.10 27.22
C SER C 48 19.14 -0.83 28.37
N GLY C 49 19.03 -2.14 28.23
CA GLY C 49 18.33 -2.93 29.21
C GLY C 49 17.08 -3.36 28.44
N ILE C 50 16.35 -4.32 28.96
CA ILE C 50 15.17 -4.85 28.28
C ILE C 50 13.86 -4.11 28.48
N GLY C 51 13.06 -4.03 27.41
CA GLY C 51 11.77 -3.40 27.53
C GLY C 51 11.57 -2.00 26.96
N LYS C 52 10.32 -1.57 26.93
CA LYS C 52 9.98 -0.25 26.41
C LYS C 52 10.60 0.90 27.19
N VAL C 53 10.50 0.84 28.53
CA VAL C 53 11.04 1.89 29.36
C VAL C 53 12.56 2.03 29.27
N MET C 54 13.28 0.93 29.41
CA MET C 54 14.74 1.00 29.36
C MET C 54 15.22 1.51 28.00
N SER C 55 14.68 0.96 26.92
CA SER C 55 15.10 1.39 25.59
C SER C 55 14.73 2.86 25.33
N ALA C 56 13.56 3.29 25.80
CA ALA C 56 13.14 4.68 25.60
C ALA C 56 14.10 5.62 26.32
N MET C 57 14.51 5.25 27.53
CA MET C 57 15.44 6.09 28.29
C MET C 57 16.75 6.26 27.53
N SER C 58 17.23 5.17 26.92
CA SER C 58 18.48 5.24 26.18
C SER C 58 18.37 6.18 24.98
N VAL C 59 17.21 6.18 24.32
CA VAL C 59 17.03 7.07 23.17
C VAL C 59 17.12 8.52 23.65
N ALA C 60 16.45 8.82 24.75
CA ALA C 60 16.45 10.17 25.30
C ALA C 60 17.86 10.66 25.59
N ILE C 61 18.66 9.83 26.23
CA ILE C 61 20.03 10.21 26.57
C ILE C 61 20.89 10.34 25.32
N LEU C 62 20.70 9.45 24.35
CA LEU C 62 21.47 9.53 23.11
C LEU C 62 21.16 10.82 22.37
N ALA C 63 19.88 11.18 22.34
CA ALA C 63 19.45 12.39 21.65
C ALA C 63 19.87 13.68 22.34
N ASP C 64 19.68 13.74 23.65
CA ASP C 64 20.02 14.93 24.41
C ASP C 64 21.49 15.04 24.78
N HIS C 65 21.97 14.08 25.56
CA HIS C 65 23.35 14.08 26.01
C HIS C 65 24.39 13.93 24.89
N PHE C 66 24.13 13.04 23.94
CA PHE C 66 25.09 12.82 22.85
C PHE C 66 24.71 13.44 21.50
N GLN C 67 23.59 14.15 21.47
CA GLN C 67 23.12 14.80 20.24
C GLN C 67 23.19 13.95 18.98
N VAL C 68 22.75 12.69 19.05
CA VAL C 68 22.79 11.83 17.87
C VAL C 68 21.81 12.31 16.81
N ASP C 69 22.09 11.95 15.56
CA ASP C 69 21.27 12.36 14.42
C ASP C 69 20.38 11.24 13.89
N ALA C 70 20.64 10.03 14.34
CA ALA C 70 19.88 8.87 13.89
C ALA C 70 19.97 7.77 14.94
N LEU C 71 19.04 6.82 14.85
CA LEU C 71 19.00 5.71 15.81
C LEU C 71 18.88 4.37 15.11
N ILE C 72 19.65 3.40 15.56
CA ILE C 72 19.59 2.07 15.00
C ILE C 72 19.56 1.07 16.14
N ASN C 73 18.62 0.13 16.07
CA ASN C 73 18.48 -0.90 17.09
C ASN C 73 18.91 -2.23 16.47
N THR C 74 19.68 -2.99 17.23
CA THR C 74 20.16 -4.29 16.78
C THR C 74 19.97 -5.28 17.91
N GLY C 75 19.71 -6.53 17.56
CA GLY C 75 19.53 -7.54 18.58
C GLY C 75 18.80 -8.77 18.12
N SER C 76 18.16 -9.44 19.08
CA SER C 76 17.42 -10.67 18.83
C SER C 76 15.92 -10.47 18.83
N ALA C 77 15.21 -11.43 18.23
CA ALA C 77 13.76 -11.40 18.17
C ALA C 77 13.23 -12.81 17.95
N GLY C 78 11.92 -12.98 18.14
CA GLY C 78 11.28 -14.27 17.94
C GLY C 78 10.66 -14.35 16.55
N ALA C 79 10.94 -15.44 15.84
CA ALA C 79 10.41 -15.62 14.49
C ALA C 79 8.96 -16.10 14.56
N VAL C 80 8.06 -15.39 13.88
CA VAL C 80 6.66 -15.79 13.91
C VAL C 80 6.08 -16.11 12.52
N ALA C 81 6.59 -15.46 11.48
CA ALA C 81 6.10 -15.73 10.13
C ALA C 81 6.60 -17.11 9.69
N GLU C 82 5.70 -17.89 9.11
CA GLU C 82 6.03 -19.23 8.64
C GLU C 82 7.22 -19.21 7.69
N GLY C 83 8.17 -20.11 7.90
CA GLY C 83 9.32 -20.18 7.02
C GLY C 83 10.56 -19.45 7.49
N ILE C 84 10.39 -18.50 8.41
CA ILE C 84 11.55 -17.77 8.92
C ILE C 84 12.25 -18.66 9.92
N ALA C 85 13.55 -18.86 9.72
CA ALA C 85 14.31 -19.74 10.60
C ALA C 85 15.14 -19.04 11.66
N VAL C 86 15.50 -19.79 12.69
CA VAL C 86 16.35 -19.26 13.75
C VAL C 86 17.65 -18.90 13.04
N GLY C 87 18.20 -17.73 13.34
CA GLY C 87 19.43 -17.31 12.71
C GLY C 87 19.20 -16.35 11.55
N ASP C 88 17.97 -16.30 11.04
CA ASP C 88 17.64 -15.40 9.95
C ASP C 88 17.67 -13.97 10.48
N VAL C 89 17.85 -13.01 9.58
CA VAL C 89 17.87 -11.61 9.98
C VAL C 89 16.67 -10.88 9.38
N VAL C 90 15.98 -10.12 10.22
CA VAL C 90 14.82 -9.37 9.77
C VAL C 90 15.08 -7.88 9.89
N ILE C 91 14.96 -7.17 8.77
CA ILE C 91 15.14 -5.73 8.77
C ILE C 91 13.72 -5.19 8.80
N ALA C 92 13.41 -4.36 9.78
CA ALA C 92 12.06 -3.83 9.89
C ALA C 92 11.84 -2.59 9.04
N ASP C 93 10.95 -2.67 8.07
CA ASP C 93 10.67 -1.49 7.26
C ASP C 93 9.63 -0.67 8.03
N LYS C 94 8.91 -1.35 8.92
CA LYS C 94 7.90 -0.70 9.76
C LYS C 94 7.79 -1.45 11.08
N LEU C 95 7.33 -0.74 12.12
CA LEU C 95 7.16 -1.34 13.43
C LEU C 95 5.86 -0.90 14.05
N ALA C 96 5.29 -1.76 14.90
CA ALA C 96 4.05 -1.44 15.58
C ALA C 96 3.99 -2.24 16.87
N TYR C 97 3.20 -1.74 17.81
CA TYR C 97 3.01 -2.42 19.09
C TYR C 97 1.91 -3.45 18.94
N HIS C 98 2.13 -4.66 19.45
CA HIS C 98 1.10 -5.67 19.38
C HIS C 98 0.34 -5.76 20.69
N ASP C 99 0.81 -5.02 21.71
CA ASP C 99 0.18 -5.06 23.03
C ASP C 99 -0.45 -3.76 23.51
N VAL C 100 -0.79 -2.88 22.57
CA VAL C 100 -1.38 -1.59 22.90
C VAL C 100 -2.85 -1.50 22.50
N ASP C 101 -3.70 -1.16 23.46
CA ASP C 101 -5.13 -1.03 23.20
C ASP C 101 -5.70 0.27 23.76
N VAL C 102 -5.87 1.24 22.87
CA VAL C 102 -6.44 2.53 23.22
C VAL C 102 -7.62 2.72 22.26
N THR C 103 -8.18 1.59 21.82
CA THR C 103 -9.29 1.59 20.88
C THR C 103 -10.57 2.24 21.40
N ALA C 104 -10.71 2.38 22.71
CA ALA C 104 -11.91 3.00 23.27
C ALA C 104 -12.10 4.42 22.76
N PHE C 105 -11.00 5.07 22.37
CA PHE C 105 -11.05 6.43 21.84
C PHE C 105 -11.12 6.48 20.32
N GLY C 106 -11.11 5.31 19.69
CA GLY C 106 -11.19 5.27 18.25
C GLY C 106 -9.89 4.96 17.53
N TYR C 107 -8.80 4.81 18.29
CA TYR C 107 -7.51 4.49 17.69
C TYR C 107 -7.55 3.05 17.18
N ALA C 108 -6.70 2.75 16.20
CA ALA C 108 -6.63 1.40 15.67
C ALA C 108 -5.96 0.55 16.74
N TYR C 109 -6.21 -0.75 16.74
CA TYR C 109 -5.57 -1.60 17.73
C TYR C 109 -4.07 -1.52 17.51
N GLY C 110 -3.31 -1.42 18.61
CA GLY C 110 -1.86 -1.33 18.53
C GLY C 110 -1.33 0.09 18.48
N GLN C 111 -2.23 1.04 18.24
CA GLN C 111 -1.84 2.44 18.15
C GLN C 111 -1.90 3.18 19.47
N MET C 112 -0.73 3.67 19.91
CA MET C 112 -0.63 4.42 21.16
C MET C 112 -1.26 5.80 20.98
N ALA C 113 -1.86 6.32 22.04
CA ALA C 113 -2.48 7.64 21.97
C ALA C 113 -1.46 8.69 21.52
N GLN C 114 -1.90 9.62 20.67
CA GLN C 114 -1.04 10.69 20.18
C GLN C 114 0.09 10.17 19.29
N GLN C 115 -0.04 8.95 18.80
CA GLN C 115 0.98 8.34 17.95
C GLN C 115 0.38 7.69 16.71
N PRO C 116 1.20 7.50 15.66
CA PRO C 116 0.68 6.85 14.45
C PRO C 116 0.65 5.36 14.76
N LEU C 117 -0.08 4.57 13.97
CA LEU C 117 -0.14 3.12 14.20
C LEU C 117 1.20 2.46 13.87
N TYR C 118 1.77 2.85 12.74
CA TYR C 118 3.06 2.29 12.32
C TYR C 118 4.15 3.34 12.35
N PHE C 119 5.34 2.90 12.73
CA PHE C 119 6.52 3.76 12.75
C PHE C 119 7.36 3.21 11.61
N GLU C 120 7.81 4.07 10.71
CA GLU C 120 8.58 3.59 9.57
C GLU C 120 10.07 3.83 9.67
N SER C 121 10.84 2.79 9.35
CA SER C 121 12.30 2.93 9.35
C SER C 121 12.62 3.87 8.19
N ASP C 122 13.70 4.62 8.35
CA ASP C 122 14.11 5.57 7.32
C ASP C 122 14.18 4.91 5.95
N LYS C 123 13.50 5.50 4.97
CA LYS C 123 13.47 4.94 3.62
C LYS C 123 14.86 4.81 2.99
N THR C 124 15.72 5.79 3.23
CA THR C 124 17.07 5.77 2.69
C THR C 124 17.86 4.62 3.32
N PHE C 125 17.73 4.48 4.64
CA PHE C 125 18.42 3.40 5.34
C PHE C 125 17.96 2.06 4.82
N VAL C 126 16.64 1.90 4.68
CA VAL C 126 16.05 0.66 4.19
C VAL C 126 16.53 0.34 2.77
N ALA C 127 16.55 1.34 1.90
CA ALA C 127 16.98 1.12 0.53
C ALA C 127 18.44 0.68 0.49
N GLN C 128 19.29 1.37 1.24
CA GLN C 128 20.70 1.05 1.25
C GLN C 128 21.06 -0.27 1.91
N ILE C 129 20.37 -0.65 2.98
CA ILE C 129 20.73 -1.90 3.62
C ILE C 129 20.39 -3.08 2.70
N GLN C 130 19.32 -2.97 1.92
CA GLN C 130 18.96 -4.05 1.00
C GLN C 130 20.03 -4.19 -0.07
N GLU C 131 20.59 -3.06 -0.50
CA GLU C 131 21.63 -3.04 -1.51
C GLU C 131 22.92 -3.72 -1.03
N SER C 132 23.17 -3.64 0.28
CA SER C 132 24.36 -4.25 0.85
C SER C 132 24.20 -5.75 1.04
N LEU C 133 22.97 -6.24 0.86
CA LEU C 133 22.68 -7.66 1.01
C LEU C 133 22.43 -8.31 -0.36
N SER C 134 22.64 -9.62 -0.43
CA SER C 134 22.45 -10.35 -1.69
C SER C 134 21.01 -10.83 -1.87
N GLN C 135 20.47 -10.60 -3.06
CA GLN C 135 19.11 -11.02 -3.36
C GLN C 135 19.01 -12.54 -3.41
N LEU C 136 20.15 -13.21 -3.59
CA LEU C 136 20.18 -14.66 -3.65
C LEU C 136 20.18 -15.28 -2.26
N ASP C 137 20.44 -14.45 -1.25
CA ASP C 137 20.47 -14.88 0.14
C ASP C 137 19.02 -14.86 0.65
N GLN C 138 18.49 -16.03 0.96
CA GLN C 138 17.10 -16.13 1.44
C GLN C 138 16.98 -16.02 2.96
N ASN C 139 18.10 -15.81 3.64
CA ASN C 139 18.07 -15.74 5.10
C ASN C 139 17.86 -14.36 5.71
N TRP C 140 17.69 -13.32 4.89
CA TRP C 140 17.39 -12.01 5.44
C TRP C 140 15.98 -11.69 4.95
N HIS C 141 15.27 -10.87 5.71
CA HIS C 141 13.90 -10.53 5.39
C HIS C 141 13.66 -9.05 5.61
N LEU C 142 12.65 -8.51 4.93
CA LEU C 142 12.28 -7.11 5.08
C LEU C 142 10.79 -7.10 5.37
N GLY C 143 10.39 -6.51 6.48
CA GLY C 143 8.99 -6.47 6.81
C GLY C 143 8.66 -5.91 8.17
N LEU C 144 7.48 -6.27 8.67
CA LEU C 144 7.02 -5.79 9.96
C LEU C 144 7.53 -6.55 11.17
N ILE C 145 7.99 -5.80 12.18
CA ILE C 145 8.40 -6.38 13.44
C ILE C 145 7.43 -5.76 14.44
N ALA C 146 6.74 -6.59 15.21
CA ALA C 146 5.78 -6.11 16.20
C ALA C 146 6.43 -6.16 17.58
N THR C 147 6.20 -5.11 18.37
CA THR C 147 6.80 -4.94 19.69
C THR C 147 5.80 -4.97 20.84
N GLY C 148 6.24 -5.49 21.98
CA GLY C 148 5.38 -5.56 23.15
C GLY C 148 6.24 -5.77 24.38
N ASP C 149 5.74 -5.39 25.55
CA ASP C 149 6.50 -5.58 26.79
C ASP C 149 6.30 -6.99 27.33
N SER C 150 6.32 -7.97 26.44
CA SER C 150 6.16 -9.37 26.83
C SER C 150 7.05 -10.23 25.95
N PHE C 151 7.49 -11.35 26.52
CA PHE C 151 8.31 -12.30 25.78
C PHE C 151 7.29 -13.30 25.25
N VAL C 152 7.20 -13.42 23.93
CA VAL C 152 6.25 -14.33 23.30
C VAL C 152 6.80 -15.74 23.29
N ALA C 153 6.09 -16.65 23.94
CA ALA C 153 6.53 -18.04 24.04
C ALA C 153 5.36 -19.01 24.02
N GLY C 154 4.59 -18.98 22.93
CA GLY C 154 3.45 -19.86 22.81
C GLY C 154 2.66 -19.53 21.56
N ASN C 155 2.15 -20.56 20.89
CA ASN C 155 1.41 -20.35 19.66
C ASN C 155 0.12 -19.56 19.90
N ASP C 156 -0.39 -19.64 21.12
CA ASP C 156 -1.61 -18.91 21.48
C ASP C 156 -1.39 -17.42 21.28
N LYS C 157 -0.30 -16.90 21.84
CA LYS C 157 -0.02 -15.48 21.70
C LYS C 157 0.40 -15.13 20.27
N ILE C 158 1.10 -16.05 19.61
CA ILE C 158 1.51 -15.78 18.23
C ILE C 158 0.26 -15.56 17.38
N GLU C 159 -0.73 -16.44 17.53
CA GLU C 159 -1.97 -16.32 16.78
C GLU C 159 -2.71 -15.05 17.13
N ALA C 160 -2.68 -14.66 18.40
CA ALA C 160 -3.35 -13.43 18.83
C ALA C 160 -2.71 -12.22 18.16
N ILE C 161 -1.38 -12.22 18.13
CA ILE C 161 -0.66 -11.12 17.51
C ILE C 161 -0.96 -11.07 16.01
N LYS C 162 -0.97 -12.24 15.38
CA LYS C 162 -1.26 -12.31 13.95
C LYS C 162 -2.66 -11.87 13.60
N SER C 163 -3.60 -12.04 14.55
CA SER C 163 -4.97 -11.64 14.30
C SER C 163 -5.04 -10.12 14.12
N HIS C 164 -4.11 -9.40 14.75
CA HIS C 164 -4.06 -7.95 14.63
C HIS C 164 -3.12 -7.50 13.51
N PHE C 165 -1.98 -8.20 13.38
CA PHE C 165 -1.00 -7.87 12.35
C PHE C 165 -0.61 -9.15 11.61
N PRO C 166 -1.44 -9.57 10.65
CA PRO C 166 -1.16 -10.80 9.88
C PRO C 166 0.19 -10.85 9.17
N GLU C 167 0.75 -9.71 8.81
CA GLU C 167 2.03 -9.70 8.10
C GLU C 167 3.28 -9.62 9.00
N VAL C 168 3.09 -9.77 10.31
CA VAL C 168 4.22 -9.71 11.22
C VAL C 168 5.25 -10.80 10.92
N LEU C 169 6.53 -10.42 10.91
CA LEU C 169 7.58 -11.39 10.64
C LEU C 169 8.26 -11.87 11.90
N ALA C 170 8.46 -10.94 12.84
CA ALA C 170 9.14 -11.26 14.10
C ALA C 170 8.59 -10.37 15.22
N VAL C 171 8.86 -10.78 16.45
CA VAL C 171 8.41 -10.04 17.62
C VAL C 171 9.54 -9.82 18.62
N GLU C 172 9.53 -8.66 19.27
CA GLU C 172 10.53 -8.36 20.28
C GLU C 172 9.99 -7.36 21.29
N MET C 173 10.87 -6.80 22.12
CA MET C 173 10.42 -5.90 23.18
C MET C 173 10.93 -4.45 23.21
N GLU C 174 11.62 -4.01 22.16
CA GLU C 174 12.12 -2.64 22.14
C GLU C 174 11.98 -1.90 20.83
N GLY C 175 11.82 -2.65 19.73
CA GLY C 175 11.73 -2.05 18.42
C GLY C 175 10.83 -0.85 18.24
N ALA C 176 9.53 -1.04 18.46
CA ALA C 176 8.57 0.04 18.30
C ALA C 176 8.76 1.13 19.35
N ALA C 177 9.30 0.77 20.51
CA ALA C 177 9.52 1.76 21.55
C ALA C 177 10.61 2.72 21.07
N ILE C 178 11.69 2.17 20.53
CA ILE C 178 12.78 2.97 20.01
C ILE C 178 12.30 3.80 18.81
N ALA C 179 11.49 3.19 17.96
CA ALA C 179 10.97 3.87 16.78
C ALA C 179 10.02 4.99 17.20
N GLN C 180 9.20 4.74 18.23
CA GLN C 180 8.28 5.75 18.71
C GLN C 180 9.06 6.94 19.23
N ALA C 181 10.06 6.66 20.04
CA ALA C 181 10.91 7.70 20.61
C ALA C 181 11.59 8.48 19.49
N ALA C 182 12.10 7.78 18.49
CA ALA C 182 12.77 8.42 17.37
C ALA C 182 11.80 9.32 16.61
N HIS C 183 10.59 8.82 16.37
CA HIS C 183 9.56 9.58 15.67
C HIS C 183 9.26 10.88 16.43
N THR C 184 9.16 10.77 17.75
CA THR C 184 8.87 11.92 18.59
C THR C 184 9.97 12.99 18.49
N LEU C 185 11.20 12.55 18.25
CA LEU C 185 12.34 13.46 18.15
C LEU C 185 12.68 13.80 16.70
N ASN C 186 11.87 13.30 15.77
CA ASN C 186 12.07 13.55 14.35
C ASN C 186 13.44 13.04 13.89
N LEU C 187 13.86 11.89 14.40
CA LEU C 187 15.14 11.30 14.03
C LEU C 187 14.93 10.02 13.24
N PRO C 188 15.71 9.82 12.16
CA PRO C 188 15.56 8.59 11.36
C PRO C 188 15.93 7.37 12.20
N VAL C 189 15.22 6.27 11.96
CA VAL C 189 15.44 5.04 12.72
C VAL C 189 15.47 3.82 11.82
N LEU C 190 16.12 2.77 12.31
CA LEU C 190 16.21 1.49 11.60
C LEU C 190 16.28 0.43 12.68
N VAL C 191 15.57 -0.67 12.47
CA VAL C 191 15.61 -1.76 13.43
C VAL C 191 16.00 -3.03 12.68
N ILE C 192 17.02 -3.70 13.22
CA ILE C 192 17.54 -4.94 12.65
C ILE C 192 17.53 -5.97 13.78
N ARG C 193 16.98 -7.15 13.50
CA ARG C 193 16.93 -8.21 14.51
C ARG C 193 17.22 -9.58 13.89
N ALA C 194 17.97 -10.40 14.60
CA ALA C 194 18.27 -11.75 14.13
C ALA C 194 17.40 -12.67 14.99
N MET C 195 16.87 -13.74 14.40
CA MET C 195 16.00 -14.65 15.13
C MET C 195 16.73 -15.57 16.11
N SER C 196 16.36 -15.47 17.38
CA SER C 196 16.97 -16.29 18.42
C SER C 196 16.06 -17.45 18.82
N ASP C 197 14.80 -17.38 18.40
CA ASP C 197 13.85 -18.41 18.78
C ASP C 197 12.59 -18.38 17.90
N ASN C 198 11.67 -19.29 18.16
CA ASN C 198 10.44 -19.39 17.39
C ASN C 198 9.21 -18.84 18.11
N ALA C 199 9.44 -18.10 19.20
CA ALA C 199 8.36 -17.49 19.97
C ALA C 199 7.27 -18.48 20.38
N ASN C 200 7.65 -19.75 20.53
CA ASN C 200 6.71 -20.80 20.92
C ASN C 200 7.03 -21.30 22.33
N HIS C 201 6.47 -22.44 22.71
CA HIS C 201 6.70 -22.98 24.05
C HIS C 201 8.18 -23.12 24.42
N GLU C 202 9.02 -23.39 23.42
CA GLU C 202 10.44 -23.57 23.65
C GLU C 202 11.25 -22.29 23.53
N ALA C 203 10.57 -21.16 23.31
CA ALA C 203 11.26 -19.88 23.13
C ALA C 203 12.30 -19.48 24.18
N ASN C 204 12.02 -19.70 25.47
CA ASN C 204 12.99 -19.30 26.47
C ASN C 204 14.30 -20.08 26.33
N ILE C 205 14.19 -21.36 26.00
CA ILE C 205 15.37 -22.19 25.83
C ILE C 205 16.15 -21.79 24.59
N PHE C 206 15.47 -21.65 23.45
CA PHE C 206 16.15 -21.23 22.25
C PHE C 206 16.78 -19.86 22.45
N PHE C 207 16.08 -18.96 23.14
CA PHE C 207 16.66 -17.64 23.39
C PHE C 207 17.96 -17.78 24.19
N ASP C 208 17.93 -18.56 25.28
CA ASP C 208 19.12 -18.75 26.10
C ASP C 208 20.28 -19.30 25.26
N GLU C 209 19.96 -20.24 24.40
CA GLU C 209 20.95 -20.89 23.56
C GLU C 209 21.51 -20.05 22.43
N PHE C 210 20.64 -19.29 21.77
CA PHE C 210 21.07 -18.50 20.62
C PHE C 210 21.28 -17.00 20.77
N ILE C 211 21.07 -16.45 21.96
CA ILE C 211 21.26 -15.01 22.12
C ILE C 211 22.65 -14.54 21.67
N ILE C 212 23.70 -15.27 22.01
CA ILE C 212 25.03 -14.86 21.59
C ILE C 212 25.14 -14.82 20.06
N GLU C 213 24.73 -15.90 19.40
CA GLU C 213 24.81 -15.97 17.95
C GLU C 213 23.87 -14.97 17.26
N ALA C 214 22.65 -14.83 17.79
CA ALA C 214 21.70 -13.90 17.21
C ALA C 214 22.23 -12.47 17.34
N GLY C 215 22.79 -12.15 18.51
CA GLY C 215 23.32 -10.82 18.73
C GLY C 215 24.44 -10.53 17.74
N ARG C 216 25.28 -11.52 17.49
CA ARG C 216 26.40 -11.37 16.57
C ARG C 216 25.93 -11.18 15.13
N ARG C 217 25.02 -12.03 14.67
CA ARG C 217 24.51 -11.95 13.30
C ARG C 217 23.83 -10.63 13.01
N SER C 218 23.02 -10.14 13.93
CA SER C 218 22.34 -8.87 13.73
C SER C 218 23.39 -7.76 13.63
N ALA C 219 24.39 -7.83 14.50
CA ALA C 219 25.46 -6.84 14.50
C ALA C 219 26.30 -6.90 13.23
N GLN C 220 26.48 -8.10 12.69
CA GLN C 220 27.26 -8.27 11.48
C GLN C 220 26.56 -7.60 10.31
N VAL C 221 25.24 -7.74 10.24
CA VAL C 221 24.47 -7.12 9.17
C VAL C 221 24.57 -5.61 9.32
N LEU C 222 24.51 -5.13 10.57
CA LEU C 222 24.61 -3.71 10.81
C LEU C 222 25.98 -3.17 10.41
N LEU C 223 27.04 -3.93 10.72
CA LEU C 223 28.38 -3.51 10.37
C LEU C 223 28.54 -3.39 8.86
N ALA C 224 28.03 -4.38 8.13
CA ALA C 224 28.11 -4.38 6.67
C ALA C 224 27.37 -3.16 6.14
N PHE C 225 26.21 -2.89 6.73
CA PHE C 225 25.40 -1.74 6.34
C PHE C 225 26.17 -0.44 6.55
N LEU C 226 26.75 -0.27 7.73
CA LEU C 226 27.52 0.93 8.04
C LEU C 226 28.70 1.14 7.10
N LYS C 227 29.30 0.05 6.64
CA LYS C 227 30.43 0.15 5.72
C LYS C 227 29.99 0.62 4.33
N ALA C 228 28.75 0.29 3.98
CA ALA C 228 28.22 0.66 2.67
C ALA C 228 27.44 1.97 2.68
N LEU C 229 27.04 2.41 3.87
CA LEU C 229 26.26 3.65 4.00
C LEU C 229 27.03 4.86 3.49
N ASP C 230 28.18 5.12 4.09
CA ASP C 230 29.04 6.25 3.70
C ASP C 230 28.32 7.60 3.82
N MET D 1 15.61 19.75 48.32
CA MET D 1 15.96 18.84 47.19
C MET D 1 15.35 19.35 45.88
N LYS D 2 15.71 18.70 44.77
CA LYS D 2 15.21 19.08 43.46
C LYS D 2 14.26 17.98 42.99
N ILE D 3 12.98 18.34 42.80
CA ILE D 3 11.98 17.37 42.40
C ILE D 3 11.47 17.51 40.97
N GLY D 4 11.57 16.43 40.21
CA GLY D 4 11.06 16.43 38.85
C GLY D 4 9.62 15.96 38.91
N ILE D 5 8.70 16.75 38.35
CA ILE D 5 7.28 16.41 38.38
C ILE D 5 6.79 16.18 36.95
N ILE D 6 6.23 14.99 36.72
CA ILE D 6 5.74 14.60 35.41
C ILE D 6 4.23 14.42 35.32
N ALA D 7 3.66 14.95 34.23
CA ALA D 7 2.24 14.82 33.95
C ALA D 7 2.16 14.38 32.49
N ALA D 8 1.28 13.44 32.19
CA ALA D 8 1.15 12.95 30.82
C ALA D 8 0.51 13.95 29.86
N MET D 9 -0.53 14.62 30.33
CA MET D 9 -1.26 15.57 29.50
C MET D 9 -1.25 16.99 30.06
N PRO D 10 -1.48 17.99 29.20
CA PRO D 10 -1.46 19.39 29.65
C PRO D 10 -2.45 19.69 30.77
N GLU D 11 -3.61 19.02 30.75
CA GLU D 11 -4.62 19.24 31.77
C GLU D 11 -4.12 18.81 33.16
N GLU D 12 -3.13 17.93 33.18
CA GLU D 12 -2.61 17.44 34.45
C GLU D 12 -1.42 18.24 34.98
N LEU D 13 -0.91 19.18 34.19
CA LEU D 13 0.23 19.99 34.59
C LEU D 13 -0.13 21.47 34.73
N ALA D 14 -1.22 21.88 34.10
CA ALA D 14 -1.66 23.28 34.12
C ALA D 14 -1.69 23.93 35.50
N TYR D 15 -2.38 23.30 36.45
CA TYR D 15 -2.49 23.83 37.80
C TYR D 15 -1.12 24.12 38.43
N LEU D 16 -0.21 23.16 38.31
CA LEU D 16 1.12 23.31 38.88
C LEU D 16 1.93 24.43 38.23
N VAL D 17 1.79 24.59 36.91
CA VAL D 17 2.51 25.64 36.22
C VAL D 17 2.00 27.01 36.69
N GLN D 18 0.69 27.07 36.98
CA GLN D 18 0.07 28.31 37.44
C GLN D 18 0.45 28.65 38.87
N HIS D 19 1.06 27.70 39.56
CA HIS D 19 1.48 27.91 40.94
C HIS D 19 2.98 27.74 41.13
N LEU D 20 3.72 27.91 40.03
CA LEU D 20 5.17 27.79 40.05
C LEU D 20 5.82 29.15 40.30
N ASP D 21 6.63 29.25 41.35
CA ASP D 21 7.31 30.51 41.67
C ASP D 21 8.65 30.59 40.96
N ASN D 22 9.08 31.80 40.64
CA ASN D 22 10.35 32.00 39.95
C ASN D 22 10.38 31.17 38.68
N THR D 23 9.22 31.09 38.03
CA THR D 23 9.05 30.31 36.81
C THR D 23 10.00 30.69 35.68
N GLN D 24 10.49 29.66 34.99
CA GLN D 24 11.38 29.84 33.86
C GLN D 24 11.14 28.64 32.95
N GLU D 25 11.50 28.76 31.67
CA GLU D 25 11.29 27.68 30.73
C GLU D 25 12.52 27.30 29.94
N GLN D 26 12.86 26.01 30.00
CA GLN D 26 14.01 25.48 29.28
C GLN D 26 13.52 24.43 28.29
N VAL D 27 13.74 24.67 27.01
CA VAL D 27 13.30 23.74 25.98
C VAL D 27 14.35 22.65 25.71
N VAL D 28 13.99 21.41 26.01
CA VAL D 28 14.87 20.28 25.79
C VAL D 28 14.18 19.31 24.85
N LEU D 29 14.86 18.98 23.75
CA LEU D 29 14.32 18.07 22.75
C LEU D 29 12.93 18.50 22.29
N GLY D 30 12.75 19.81 22.12
CA GLY D 30 11.47 20.34 21.67
C GLY D 30 10.35 20.42 22.68
N ASN D 31 10.61 19.99 23.92
CA ASN D 31 9.58 20.03 24.96
C ASN D 31 9.96 21.06 26.03
N THR D 32 8.94 21.69 26.62
CA THR D 32 9.16 22.71 27.63
C THR D 32 9.26 22.18 29.05
N TYR D 33 10.40 22.40 29.68
CA TYR D 33 10.62 22.00 31.06
C TYR D 33 10.55 23.25 31.92
N HIS D 34 9.57 23.29 32.83
CA HIS D 34 9.35 24.44 33.70
C HIS D 34 10.16 24.36 34.98
N THR D 35 11.13 25.25 35.13
CA THR D 35 11.95 25.27 36.34
C THR D 35 11.46 26.37 37.26
N GLY D 36 11.64 26.17 38.56
CA GLY D 36 11.21 27.15 39.53
C GLY D 36 11.13 26.53 40.90
N THR D 37 10.29 27.09 41.77
CA THR D 37 10.14 26.56 43.11
C THR D 37 8.69 26.50 43.55
N ILE D 38 8.43 25.62 44.52
CA ILE D 38 7.10 25.43 45.08
C ILE D 38 7.32 25.13 46.56
N ALA D 39 7.00 26.10 47.41
CA ALA D 39 7.16 25.92 48.85
C ALA D 39 8.58 25.53 49.22
N SER D 40 9.54 26.38 48.88
CA SER D 40 10.95 26.16 49.19
C SER D 40 11.61 24.99 48.47
N HIS D 41 10.85 24.26 47.66
CA HIS D 41 11.44 23.12 46.93
C HIS D 41 11.67 23.47 45.47
N GLU D 42 12.86 23.16 44.97
CA GLU D 42 13.17 23.41 43.57
C GLU D 42 12.46 22.30 42.79
N VAL D 43 11.84 22.66 41.68
CA VAL D 43 11.13 21.68 40.87
C VAL D 43 11.30 21.91 39.38
N VAL D 44 11.02 20.86 38.62
CA VAL D 44 11.08 20.91 37.16
C VAL D 44 9.81 20.22 36.71
N LEU D 45 8.93 20.97 36.06
CA LEU D 45 7.66 20.45 35.60
C LEU D 45 7.73 20.09 34.12
N VAL D 46 7.13 18.97 33.75
CA VAL D 46 7.13 18.55 32.36
C VAL D 46 5.92 17.72 31.98
N GLU D 47 5.40 17.98 30.78
CA GLU D 47 4.28 17.24 30.21
C GLU D 47 5.01 16.23 29.32
N SER D 48 5.03 14.98 29.76
CA SER D 48 5.75 13.92 29.03
C SER D 48 5.09 13.37 27.78
N GLY D 49 3.77 13.30 27.79
CA GLY D 49 3.04 12.69 26.70
C GLY D 49 2.55 11.37 27.28
N ILE D 50 1.63 10.72 26.59
CA ILE D 50 1.03 9.47 27.07
C ILE D 50 1.80 8.18 26.83
N GLY D 51 1.78 7.29 27.82
CA GLY D 51 2.42 5.99 27.66
C GLY D 51 3.77 5.74 28.30
N LYS D 52 4.19 4.48 28.25
CA LYS D 52 5.46 4.06 28.85
C LYS D 52 6.67 4.77 28.24
N VAL D 53 6.74 4.78 26.91
CA VAL D 53 7.87 5.39 26.22
C VAL D 53 8.01 6.88 26.50
N MET D 54 6.94 7.64 26.32
CA MET D 54 7.03 9.08 26.55
C MET D 54 7.40 9.44 27.99
N SER D 55 6.74 8.81 28.97
CA SER D 55 7.04 9.11 30.36
C SER D 55 8.45 8.68 30.73
N ALA D 56 8.90 7.55 30.20
CA ALA D 56 10.25 7.07 30.50
C ALA D 56 11.28 8.08 30.00
N MET D 57 11.05 8.63 28.81
CA MET D 57 11.97 9.61 28.27
C MET D 57 12.06 10.84 29.16
N SER D 58 10.92 11.28 29.70
CA SER D 58 10.90 12.45 30.56
C SER D 58 11.74 12.23 31.81
N VAL D 59 11.69 11.01 32.34
CA VAL D 59 12.47 10.70 33.54
C VAL D 59 13.96 10.80 33.21
N ALA D 60 14.37 10.21 32.09
CA ALA D 60 15.77 10.24 31.69
C ALA D 60 16.30 11.67 31.57
N ILE D 61 15.53 12.54 30.92
CA ILE D 61 15.94 13.92 30.74
C ILE D 61 15.99 14.65 32.09
N LEU D 62 14.99 14.43 32.93
CA LEU D 62 14.95 15.06 34.24
C LEU D 62 16.16 14.66 35.08
N ALA D 63 16.52 13.39 35.02
CA ALA D 63 17.65 12.87 35.81
C ALA D 63 19.01 13.32 35.30
N ASP D 64 19.22 13.23 33.99
CA ASP D 64 20.51 13.62 33.42
C ASP D 64 20.65 15.11 33.14
N HIS D 65 19.71 15.67 32.38
CA HIS D 65 19.75 17.08 32.04
C HIS D 65 19.50 18.03 33.21
N PHE D 66 18.58 17.69 34.10
CA PHE D 66 18.27 18.57 35.23
C PHE D 66 18.77 18.08 36.59
N GLN D 67 19.37 16.89 36.62
CA GLN D 67 19.90 16.31 37.84
C GLN D 67 18.93 16.39 39.02
N VAL D 68 17.69 15.99 38.81
CA VAL D 68 16.70 16.00 39.89
C VAL D 68 17.05 14.92 40.91
N ASP D 69 16.58 15.11 42.15
CA ASP D 69 16.86 14.17 43.22
C ASP D 69 15.68 13.24 43.50
N ALA D 70 14.52 13.59 42.97
CA ALA D 70 13.31 12.78 43.16
C ALA D 70 12.33 12.99 42.01
N LEU D 71 11.38 12.07 41.90
CA LEU D 71 10.38 12.13 40.83
C LEU D 71 8.97 11.94 41.38
N ILE D 72 8.04 12.76 40.92
CA ILE D 72 6.65 12.65 41.32
C ILE D 72 5.78 12.75 40.08
N ASN D 73 4.84 11.82 39.96
CA ASN D 73 3.92 11.77 38.84
C ASN D 73 2.54 12.14 39.34
N THR D 74 1.83 12.96 38.58
CA THR D 74 0.48 13.39 38.93
C THR D 74 -0.38 13.30 37.66
N GLY D 75 -1.66 13.02 37.85
CA GLY D 75 -2.55 12.92 36.70
C GLY D 75 -3.83 12.16 36.98
N SER D 76 -4.42 11.63 35.91
CA SER D 76 -5.67 10.88 35.99
C SER D 76 -5.46 9.38 35.94
N ALA D 77 -6.49 8.64 36.31
CA ALA D 77 -6.46 7.18 36.29
C ALA D 77 -7.88 6.66 36.37
N GLY D 78 -8.05 5.37 36.06
CA GLY D 78 -9.36 4.76 36.13
C GLY D 78 -9.54 4.00 37.43
N ALA D 79 -10.68 4.18 38.07
CA ALA D 79 -10.97 3.52 39.33
C ALA D 79 -11.43 2.09 39.08
N VAL D 80 -10.80 1.11 39.74
CA VAL D 80 -11.18 -0.28 39.54
C VAL D 80 -11.62 -1.00 40.81
N ALA D 81 -11.18 -0.54 41.97
CA ALA D 81 -11.57 -1.17 43.22
C ALA D 81 -12.97 -0.70 43.60
N GLU D 82 -13.79 -1.64 44.07
CA GLU D 82 -15.16 -1.33 44.47
C GLU D 82 -15.19 -0.26 45.56
N GLY D 83 -15.95 0.81 45.33
CA GLY D 83 -16.04 1.85 46.32
C GLY D 83 -15.32 3.15 46.00
N ILE D 84 -14.30 3.07 45.15
CA ILE D 84 -13.55 4.26 44.76
C ILE D 84 -14.38 5.01 43.74
N ALA D 85 -14.63 6.30 44.02
CA ALA D 85 -15.44 7.10 43.14
C ALA D 85 -14.65 8.03 42.22
N VAL D 86 -15.31 8.46 41.16
CA VAL D 86 -14.72 9.38 40.21
C VAL D 86 -14.44 10.63 41.03
N GLY D 87 -13.26 11.22 40.86
CA GLY D 87 -12.92 12.40 41.61
C GLY D 87 -12.05 12.09 42.81
N ASP D 88 -12.04 10.83 43.24
CA ASP D 88 -11.21 10.42 44.37
C ASP D 88 -9.74 10.47 43.97
N VAL D 89 -8.86 10.54 44.97
CA VAL D 89 -7.42 10.58 44.69
C VAL D 89 -6.77 9.33 45.26
N VAL D 90 -5.94 8.68 44.44
CA VAL D 90 -5.25 7.48 44.88
C VAL D 90 -3.76 7.76 44.94
N ILE D 91 -3.16 7.53 46.10
CA ILE D 91 -1.72 7.72 46.27
C ILE D 91 -1.17 6.31 46.17
N ALA D 92 -0.25 6.09 45.24
CA ALA D 92 0.31 4.76 45.07
C ALA D 92 1.46 4.50 46.03
N ASP D 93 1.31 3.48 46.88
CA ASP D 93 2.40 3.14 47.78
C ASP D 93 3.27 2.14 47.02
N LYS D 94 2.69 1.52 46.00
CA LYS D 94 3.40 0.57 45.14
C LYS D 94 2.81 0.61 43.74
N LEU D 95 3.62 0.24 42.75
CA LEU D 95 3.18 0.22 41.37
C LEU D 95 3.69 -1.06 40.70
N ALA D 96 2.93 -1.54 39.72
CA ALA D 96 3.30 -2.74 38.99
C ALA D 96 2.63 -2.70 37.62
N TYR D 97 3.20 -3.42 36.67
CA TYR D 97 2.63 -3.49 35.33
C TYR D 97 1.58 -4.58 35.27
N HIS D 98 0.45 -4.31 34.63
CA HIS D 98 -0.56 -5.34 34.52
C HIS D 98 -0.52 -5.99 33.14
N ASP D 99 0.30 -5.44 32.24
CA ASP D 99 0.39 -5.93 30.87
C ASP D 99 1.74 -6.53 30.46
N VAL D 100 2.53 -6.96 31.45
CA VAL D 100 3.84 -7.53 31.19
C VAL D 100 3.89 -9.04 31.43
N ASP D 101 4.31 -9.80 30.42
CA ASP D 101 4.42 -11.25 30.56
C ASP D 101 5.78 -11.78 30.08
N VAL D 102 6.66 -12.03 31.04
CA VAL D 102 7.99 -12.56 30.77
C VAL D 102 8.08 -13.84 31.63
N THR D 103 6.93 -14.43 31.88
CA THR D 103 6.83 -15.64 32.70
C THR D 103 7.54 -16.87 32.15
N ALA D 104 7.85 -16.88 30.85
CA ALA D 104 8.51 -18.03 30.26
C ALA D 104 9.88 -18.25 30.89
N PHE D 105 10.45 -17.18 31.45
CA PHE D 105 11.76 -17.23 32.10
C PHE D 105 11.67 -17.44 33.61
N GLY D 106 10.46 -17.52 34.13
CA GLY D 106 10.29 -17.73 35.56
C GLY D 106 9.86 -16.52 36.35
N TYR D 107 9.83 -15.34 35.71
CA TYR D 107 9.41 -14.11 36.38
C TYR D 107 7.92 -14.22 36.72
N ALA D 108 7.49 -13.44 37.71
CA ALA D 108 6.09 -13.45 38.09
C ALA D 108 5.34 -12.67 37.02
N TYR D 109 4.04 -12.92 36.87
CA TYR D 109 3.28 -12.20 35.87
C TYR D 109 3.34 -10.71 36.23
N GLY D 110 3.57 -9.87 35.21
CA GLY D 110 3.64 -8.44 35.44
C GLY D 110 5.05 -7.91 35.71
N GLN D 111 5.98 -8.83 35.95
CA GLN D 111 7.36 -8.46 36.25
C GLN D 111 8.23 -8.36 35.00
N MET D 112 8.77 -7.17 34.74
CA MET D 112 9.64 -6.98 33.57
C MET D 112 10.99 -7.65 33.82
N ALA D 113 11.60 -8.13 32.75
CA ALA D 113 12.91 -8.78 32.85
C ALA D 113 13.91 -7.82 33.50
N GLN D 114 14.75 -8.35 34.38
CA GLN D 114 15.77 -7.54 35.07
C GLN D 114 15.16 -6.49 36.00
N GLN D 115 13.90 -6.66 36.36
CA GLN D 115 13.22 -5.69 37.24
C GLN D 115 12.46 -6.40 38.35
N PRO D 116 12.15 -5.68 39.43
CA PRO D 116 11.39 -6.31 40.52
C PRO D 116 9.93 -6.29 40.06
N LEU D 117 9.08 -7.09 40.70
CA LEU D 117 7.67 -7.11 40.34
C LEU D 117 6.99 -5.80 40.72
N TYR D 118 7.27 -5.33 41.93
CA TYR D 118 6.69 -4.09 42.42
C TYR D 118 7.72 -2.98 42.60
N PHE D 119 7.31 -1.77 42.28
CA PHE D 119 8.15 -0.58 42.46
C PHE D 119 7.47 0.16 43.61
N GLU D 120 8.26 0.49 44.63
CA GLU D 120 7.71 1.15 45.80
C GLU D 120 7.92 2.65 45.83
N SER D 121 6.86 3.38 46.18
CA SER D 121 6.98 4.83 46.30
C SER D 121 7.83 5.06 47.54
N ASP D 122 8.57 6.16 47.56
CA ASP D 122 9.43 6.49 48.68
C ASP D 122 8.65 6.42 49.99
N LYS D 123 9.15 5.63 50.94
CA LYS D 123 8.50 5.47 52.24
C LYS D 123 8.27 6.79 52.95
N THR D 124 9.24 7.69 52.88
CA THR D 124 9.12 8.99 53.53
C THR D 124 8.01 9.82 52.88
N PHE D 125 8.00 9.88 51.55
CA PHE D 125 6.97 10.66 50.85
C PHE D 125 5.58 10.15 51.19
N VAL D 126 5.42 8.83 51.19
CA VAL D 126 4.15 8.21 51.50
C VAL D 126 3.69 8.56 52.91
N ALA D 127 4.60 8.43 53.87
CA ALA D 127 4.28 8.75 55.25
C ALA D 127 3.83 10.19 55.39
N GLN D 128 4.60 11.11 54.84
CA GLN D 128 4.29 12.53 54.93
C GLN D 128 3.02 12.97 54.19
N ILE D 129 2.78 12.46 52.99
CA ILE D 129 1.59 12.86 52.27
C ILE D 129 0.33 12.44 53.02
N GLN D 130 0.40 11.32 53.72
CA GLN D 130 -0.76 10.84 54.49
C GLN D 130 -1.00 11.78 55.66
N GLU D 131 0.06 12.44 56.11
CA GLU D 131 -0.03 13.37 57.22
C GLU D 131 -0.69 14.68 56.81
N SER D 132 -0.60 15.00 55.52
CA SER D 132 -1.19 16.22 54.99
C SER D 132 -2.66 16.00 54.61
N LEU D 133 -3.14 14.79 54.84
CA LEU D 133 -4.53 14.46 54.52
C LEU D 133 -5.28 14.07 55.79
N SER D 134 -6.60 14.29 55.78
CA SER D 134 -7.43 13.97 56.94
C SER D 134 -7.91 12.52 56.91
N GLN D 135 -7.80 11.86 58.05
CA GLN D 135 -8.23 10.47 58.17
C GLN D 135 -9.75 10.37 58.03
N LEU D 136 -10.44 11.49 58.27
CA LEU D 136 -11.89 11.52 58.18
C LEU D 136 -12.32 11.66 56.72
N ASP D 137 -11.40 12.12 55.87
CA ASP D 137 -11.67 12.29 54.45
C ASP D 137 -11.62 10.92 53.79
N GLN D 138 -12.76 10.46 53.26
CA GLN D 138 -12.83 9.15 52.64
C GLN D 138 -12.63 9.18 51.13
N ASN D 139 -12.25 10.34 50.60
CA ASN D 139 -12.05 10.44 49.16
C ASN D 139 -10.63 10.30 48.66
N TRP D 140 -9.71 9.97 49.56
CA TRP D 140 -8.33 9.71 49.16
C TRP D 140 -8.05 8.27 49.57
N HIS D 141 -7.15 7.62 48.84
CA HIS D 141 -6.82 6.23 49.11
C HIS D 141 -5.33 5.99 48.94
N LEU D 142 -4.82 4.99 49.65
CA LEU D 142 -3.41 4.62 49.56
C LEU D 142 -3.39 3.17 49.14
N GLY D 143 -2.69 2.85 48.04
CA GLY D 143 -2.65 1.47 47.60
C GLY D 143 -1.94 1.26 46.28
N LEU D 144 -2.23 0.13 45.65
CA LEU D 144 -1.61 -0.23 44.39
C LEU D 144 -2.24 0.40 43.15
N ILE D 145 -1.38 0.91 42.28
CA ILE D 145 -1.84 1.45 41.00
C ILE D 145 -1.12 0.56 39.99
N ALA D 146 -1.87 -0.05 39.08
CA ALA D 146 -1.29 -0.93 38.07
C ALA D 146 -1.23 -0.17 36.75
N THR D 147 -0.12 -0.36 36.03
CA THR D 147 0.12 0.35 34.78
C THR D 147 0.20 -0.55 33.56
N GLY D 148 -0.22 -0.01 32.41
CA GLY D 148 -0.14 -0.76 31.18
C GLY D 148 -0.24 0.22 30.02
N ASP D 149 0.28 -0.16 28.85
CA ASP D 149 0.22 0.70 27.68
C ASP D 149 -1.13 0.56 26.98
N SER D 150 -2.21 0.51 27.78
CA SER D 150 -3.57 0.41 27.25
C SER D 150 -4.52 1.22 28.11
N PHE D 151 -5.58 1.73 27.47
CA PHE D 151 -6.60 2.47 28.19
C PHE D 151 -7.63 1.40 28.57
N VAL D 152 -7.80 1.16 29.86
CA VAL D 152 -8.73 0.14 30.32
C VAL D 152 -10.16 0.67 30.26
N ALA D 153 -10.99 -0.01 29.48
CA ALA D 153 -12.37 0.42 29.29
C ALA D 153 -13.32 -0.77 29.13
N GLY D 154 -13.37 -1.62 30.15
CA GLY D 154 -14.23 -2.78 30.10
C GLY D 154 -14.09 -3.61 31.36
N ASN D 155 -15.21 -4.07 31.91
CA ASN D 155 -15.17 -4.86 33.12
C ASN D 155 -14.38 -6.16 32.92
N ASP D 156 -14.36 -6.65 31.69
CA ASP D 156 -13.61 -7.86 31.38
C ASP D 156 -12.12 -7.68 31.63
N LYS D 157 -11.55 -6.57 31.12
CA LYS D 157 -10.14 -6.32 31.33
C LYS D 157 -9.89 -6.00 32.80
N ILE D 158 -10.85 -5.36 33.46
CA ILE D 158 -10.68 -5.06 34.88
C ILE D 158 -10.53 -6.37 35.64
N GLU D 159 -11.41 -7.33 35.32
CA GLU D 159 -11.37 -8.64 35.98
C GLU D 159 -10.06 -9.37 35.71
N ALA D 160 -9.55 -9.22 34.49
CA ALA D 160 -8.30 -9.87 34.12
C ALA D 160 -7.15 -9.29 34.94
N ILE D 161 -7.15 -7.96 35.09
CA ILE D 161 -6.10 -7.30 35.86
C ILE D 161 -6.19 -7.71 37.32
N LYS D 162 -7.39 -7.74 37.87
CA LYS D 162 -7.58 -8.12 39.26
C LYS D 162 -7.16 -9.57 39.52
N SER D 163 -7.31 -10.42 38.51
CA SER D 163 -6.93 -11.82 38.68
C SER D 163 -5.43 -11.92 38.97
N HIS D 164 -4.67 -10.96 38.46
CA HIS D 164 -3.22 -10.92 38.68
C HIS D 164 -2.85 -10.06 39.89
N PHE D 165 -3.57 -8.95 40.07
CA PHE D 165 -3.32 -8.03 41.19
C PHE D 165 -4.64 -7.70 41.87
N PRO D 166 -5.16 -8.63 42.68
CA PRO D 166 -6.44 -8.40 43.37
C PRO D 166 -6.57 -7.12 44.18
N GLU D 167 -5.45 -6.59 44.68
CA GLU D 167 -5.49 -5.37 45.49
C GLU D 167 -5.42 -4.06 44.72
N VAL D 168 -5.39 -4.14 43.39
CA VAL D 168 -5.30 -2.93 42.58
C VAL D 168 -6.45 -1.96 42.85
N LEU D 169 -6.12 -0.67 42.99
CA LEU D 169 -7.11 0.37 43.26
C LEU D 169 -7.47 1.15 42.00
N ALA D 170 -6.46 1.46 41.20
CA ALA D 170 -6.66 2.23 39.97
C ALA D 170 -5.67 1.79 38.90
N VAL D 171 -5.98 2.15 37.66
CA VAL D 171 -5.11 1.79 36.54
C VAL D 171 -4.83 3.00 35.66
N GLU D 172 -3.63 3.03 35.10
CA GLU D 172 -3.25 4.12 34.21
C GLU D 172 -2.15 3.66 33.25
N MET D 173 -1.49 4.62 32.59
CA MET D 173 -0.48 4.27 31.59
C MET D 173 0.97 4.77 31.75
N GLU D 174 1.30 5.36 32.90
CA GLU D 174 2.67 5.86 33.09
C GLU D 174 3.27 5.60 34.45
N GLY D 175 2.41 5.33 35.43
CA GLY D 175 2.87 5.11 36.79
C GLY D 175 4.06 4.19 37.00
N ALA D 176 3.90 2.93 36.63
CA ALA D 176 4.97 1.95 36.79
C ALA D 176 6.17 2.23 35.88
N ALA D 177 5.92 2.88 34.75
CA ALA D 177 7.01 3.19 33.82
C ALA D 177 7.92 4.22 34.49
N ILE D 178 7.30 5.26 35.07
CA ILE D 178 8.06 6.29 35.76
C ILE D 178 8.74 5.70 37.00
N ALA D 179 8.04 4.81 37.71
CA ALA D 179 8.61 4.17 38.89
C ALA D 179 9.78 3.26 38.51
N GLN D 180 9.65 2.55 37.38
CA GLN D 180 10.71 1.66 36.93
C GLN D 180 11.94 2.48 36.60
N ALA D 181 11.74 3.58 35.87
CA ALA D 181 12.84 4.45 35.48
C ALA D 181 13.50 5.04 36.73
N ALA D 182 12.67 5.47 37.68
CA ALA D 182 13.19 6.05 38.93
C ALA D 182 14.03 5.00 39.66
N HIS D 183 13.53 3.77 39.69
CA HIS D 183 14.21 2.67 40.36
C HIS D 183 15.57 2.39 39.74
N THR D 184 15.62 2.39 38.41
CA THR D 184 16.86 2.12 37.69
C THR D 184 17.92 3.18 37.99
N LEU D 185 17.45 4.38 38.34
CA LEU D 185 18.34 5.50 38.64
C LEU D 185 18.52 5.71 40.14
N ASN D 186 17.93 4.82 40.93
CA ASN D 186 18.03 4.91 42.39
C ASN D 186 17.50 6.24 42.89
N LEU D 187 16.40 6.71 42.29
CA LEU D 187 15.80 7.98 42.69
C LEU D 187 14.43 7.73 43.32
N PRO D 188 14.14 8.41 44.44
CA PRO D 188 12.84 8.23 45.11
C PRO D 188 11.69 8.71 44.21
N VAL D 189 10.57 8.00 44.28
CA VAL D 189 9.42 8.34 43.45
C VAL D 189 8.11 8.30 44.24
N LEU D 190 7.11 8.98 43.70
CA LEU D 190 5.77 9.00 44.27
C LEU D 190 4.80 9.20 43.11
N VAL D 191 3.69 8.45 43.14
CA VAL D 191 2.69 8.58 42.09
C VAL D 191 1.35 8.91 42.73
N ILE D 192 0.72 9.96 42.21
CA ILE D 192 -0.58 10.43 42.70
C ILE D 192 -1.52 10.54 41.50
N ARG D 193 -2.72 9.99 41.61
CA ARG D 193 -3.68 10.06 40.51
C ARG D 193 -5.09 10.33 41.01
N ALA D 194 -5.85 11.12 40.26
CA ALA D 194 -7.24 11.40 40.60
C ALA D 194 -8.06 10.58 39.60
N MET D 195 -9.16 10.00 40.06
CA MET D 195 -9.99 9.17 39.19
C MET D 195 -10.82 9.96 38.19
N SER D 196 -10.58 9.72 36.90
CA SER D 196 -11.30 10.41 35.85
C SER D 196 -12.41 9.54 35.27
N ASP D 197 -12.38 8.25 35.58
CA ASP D 197 -13.37 7.32 35.04
C ASP D 197 -13.38 6.00 35.82
N ASN D 198 -14.26 5.09 35.40
CA ASN D 198 -14.38 3.81 36.06
C ASN D 198 -13.77 2.65 35.29
N ALA D 199 -12.93 2.97 34.31
CA ALA D 199 -12.24 1.96 33.50
C ALA D 199 -13.16 0.89 32.91
N ASN D 200 -14.42 1.26 32.69
CA ASN D 200 -15.40 0.32 32.12
C ASN D 200 -15.76 0.75 30.69
N HIS D 201 -16.83 0.16 30.15
CA HIS D 201 -17.23 0.50 28.78
C HIS D 201 -17.42 1.99 28.54
N GLU D 202 -17.80 2.72 29.59
CA GLU D 202 -18.05 4.16 29.45
C GLU D 202 -16.80 5.00 29.74
N ALA D 203 -15.70 4.34 30.05
CA ALA D 203 -14.46 5.03 30.40
C ALA D 203 -13.98 6.15 29.48
N ASN D 204 -14.09 5.98 28.17
CA ASN D 204 -13.62 7.02 27.28
C ASN D 204 -14.45 8.29 27.42
N ILE D 205 -15.75 8.12 27.63
CA ILE D 205 -16.64 9.28 27.79
C ILE D 205 -16.38 9.96 29.13
N PHE D 206 -16.26 9.20 30.21
CA PHE D 206 -15.99 9.80 31.50
C PHE D 206 -14.63 10.49 31.46
N PHE D 207 -13.66 9.88 30.80
CA PHE D 207 -12.35 10.52 30.72
C PHE D 207 -12.46 11.88 30.01
N ASP D 208 -13.15 11.91 28.88
CA ASP D 208 -13.31 13.15 28.14
C ASP D 208 -13.96 14.22 29.01
N GLU D 209 -14.96 13.80 29.76
CA GLU D 209 -15.71 14.72 30.63
C GLU D 209 -14.97 15.20 31.86
N PHE D 210 -14.15 14.33 32.46
CA PHE D 210 -13.47 14.66 33.70
C PHE D 210 -11.96 14.88 33.73
N ILE D 211 -11.29 14.81 32.59
CA ILE D 211 -9.85 14.98 32.60
C ILE D 211 -9.41 16.33 33.20
N ILE D 212 -10.09 17.41 32.84
CA ILE D 212 -9.73 18.72 33.39
C ILE D 212 -9.82 18.72 34.91
N GLU D 213 -10.94 18.23 35.43
CA GLU D 213 -11.17 18.19 36.87
C GLU D 213 -10.24 17.20 37.58
N ALA D 214 -10.05 16.03 36.98
CA ALA D 214 -9.18 15.02 37.58
C ALA D 214 -7.75 15.51 37.62
N GLY D 215 -7.32 16.17 36.53
CA GLY D 215 -5.97 16.69 36.49
C GLY D 215 -5.74 17.72 37.58
N ARG D 216 -6.75 18.57 37.79
CA ARG D 216 -6.67 19.61 38.80
C ARG D 216 -6.64 19.02 40.22
N ARG D 217 -7.55 18.10 40.49
CA ARG D 217 -7.63 17.47 41.81
C ARG D 217 -6.32 16.79 42.21
N SER D 218 -5.72 16.05 41.29
CA SER D 218 -4.47 15.36 41.57
C SER D 218 -3.37 16.39 41.87
N ALA D 219 -3.36 17.46 41.07
CA ALA D 219 -2.36 18.52 41.24
C ALA D 219 -2.53 19.26 42.56
N GLN D 220 -3.77 19.44 42.99
CA GLN D 220 -4.05 20.13 44.25
C GLN D 220 -3.46 19.34 45.42
N VAL D 221 -3.65 18.03 45.40
CA VAL D 221 -3.13 17.17 46.45
C VAL D 221 -1.61 17.25 46.48
N LEU D 222 -0.99 17.28 45.30
CA LEU D 222 0.46 17.37 45.21
C LEU D 222 0.96 18.70 45.79
N LEU D 223 0.31 19.79 45.39
CA LEU D 223 0.69 21.12 45.88
C LEU D 223 0.59 21.19 47.40
N ALA D 224 -0.47 20.64 47.96
CA ALA D 224 -0.65 20.63 49.41
C ALA D 224 0.46 19.81 50.06
N PHE D 225 0.86 18.72 49.40
CA PHE D 225 1.92 17.85 49.90
C PHE D 225 3.25 18.60 49.92
N LEU D 226 3.55 19.30 48.83
CA LEU D 226 4.80 20.04 48.72
C LEU D 226 4.91 21.17 49.75
N LYS D 227 3.78 21.75 50.11
CA LYS D 227 3.76 22.84 51.08
C LYS D 227 3.92 22.29 52.51
N ALA D 228 3.81 20.97 52.65
CA ALA D 228 3.94 20.33 53.95
C ALA D 228 5.23 19.53 54.05
N LEU D 229 5.83 19.21 52.90
CA LEU D 229 7.06 18.43 52.86
C LEU D 229 8.21 19.14 53.56
N ASP D 230 8.44 20.40 53.18
CA ASP D 230 9.51 21.21 53.77
C ASP D 230 10.89 20.60 53.55
N MET E 1 6.32 -54.66 -25.12
CA MET E 1 5.47 -53.83 -24.21
C MET E 1 4.78 -52.73 -25.01
N LYS E 2 3.80 -52.08 -24.37
CA LYS E 2 3.06 -51.00 -25.03
C LYS E 2 3.77 -49.68 -24.78
N ILE E 3 4.18 -49.03 -25.87
CA ILE E 3 4.92 -47.78 -25.76
C ILE E 3 4.26 -46.59 -26.45
N GLY E 4 4.13 -45.49 -25.72
CA GLY E 4 3.55 -44.29 -26.28
C GLY E 4 4.72 -43.49 -26.83
N ILE E 5 4.61 -43.08 -28.09
CA ILE E 5 5.69 -42.33 -28.73
C ILE E 5 5.18 -40.95 -29.12
N ILE E 6 5.88 -39.93 -28.63
CA ILE E 6 5.51 -38.54 -28.85
C ILE E 6 6.51 -37.73 -29.67
N ALA E 7 5.99 -36.99 -30.63
CA ALA E 7 6.81 -36.11 -31.47
C ALA E 7 6.06 -34.78 -31.42
N ALA E 8 6.79 -33.67 -31.30
CA ALA E 8 6.14 -32.37 -31.21
C ALA E 8 5.50 -31.92 -32.53
N MET E 9 6.19 -32.17 -33.63
CA MET E 9 5.71 -31.74 -34.96
C MET E 9 5.51 -32.91 -35.92
N PRO E 10 4.68 -32.71 -36.97
CA PRO E 10 4.44 -33.80 -37.92
C PRO E 10 5.70 -34.32 -38.61
N GLU E 11 6.64 -33.42 -38.89
CA GLU E 11 7.89 -33.80 -39.54
C GLU E 11 8.66 -34.83 -38.69
N GLU E 12 8.45 -34.79 -37.39
CA GLU E 12 9.14 -35.70 -36.48
C GLU E 12 8.43 -37.03 -36.25
N LEU E 13 7.23 -37.17 -36.80
CA LEU E 13 6.45 -38.39 -36.63
C LEU E 13 6.23 -39.12 -37.96
N ALA E 14 6.38 -38.40 -39.07
CA ALA E 14 6.16 -38.96 -40.40
C ALA E 14 6.85 -40.30 -40.67
N TYR E 15 8.15 -40.37 -40.40
CA TYR E 15 8.91 -41.59 -40.63
C TYR E 15 8.36 -42.77 -39.84
N LEU E 16 8.03 -42.55 -38.57
CA LEU E 16 7.50 -43.62 -37.74
C LEU E 16 6.14 -44.10 -38.24
N VAL E 17 5.30 -43.17 -38.65
CA VAL E 17 3.98 -43.54 -39.16
C VAL E 17 4.12 -44.45 -40.39
N GLN E 18 5.08 -44.13 -41.25
CA GLN E 18 5.31 -44.91 -42.46
C GLN E 18 5.87 -46.29 -42.16
N HIS E 19 6.41 -46.47 -40.96
CA HIS E 19 6.98 -47.77 -40.57
C HIS E 19 6.14 -48.46 -39.49
N LEU E 20 4.92 -48.00 -39.31
CA LEU E 20 4.01 -48.58 -38.33
C LEU E 20 3.24 -49.74 -38.95
N ASP E 21 3.32 -50.91 -38.35
CA ASP E 21 2.60 -52.08 -38.87
C ASP E 21 1.19 -52.12 -38.30
N ASN E 22 0.24 -52.65 -39.09
CA ASN E 22 -1.15 -52.75 -38.67
C ASN E 22 -1.63 -51.39 -38.13
N THR E 23 -1.25 -50.35 -38.85
CA THR E 23 -1.59 -48.98 -38.50
C THR E 23 -3.09 -48.67 -38.52
N GLN E 24 -3.53 -47.90 -37.53
CA GLN E 24 -4.92 -47.47 -37.42
C GLN E 24 -4.94 -46.08 -36.80
N GLU E 25 -5.71 -45.18 -37.39
CA GLU E 25 -5.82 -43.83 -36.88
C GLU E 25 -7.10 -43.66 -36.06
N GLN E 26 -6.96 -43.00 -34.91
CA GLN E 26 -8.08 -42.74 -34.01
C GLN E 26 -8.00 -41.29 -33.57
N VAL E 27 -9.15 -40.64 -33.45
CA VAL E 27 -9.17 -39.25 -33.03
C VAL E 27 -9.57 -39.13 -31.57
N VAL E 28 -8.71 -38.50 -30.78
CA VAL E 28 -8.98 -38.29 -29.36
C VAL E 28 -8.73 -36.82 -29.09
N LEU E 29 -9.74 -36.15 -28.53
CA LEU E 29 -9.65 -34.72 -28.23
C LEU E 29 -9.19 -33.93 -29.44
N GLY E 30 -9.67 -34.32 -30.62
CA GLY E 30 -9.33 -33.61 -31.84
C GLY E 30 -7.95 -33.86 -32.41
N ASN E 31 -7.21 -34.80 -31.83
CA ASN E 31 -5.86 -35.11 -32.30
C ASN E 31 -5.81 -36.58 -32.72
N THR E 32 -4.97 -36.88 -33.71
CA THR E 32 -4.84 -38.23 -34.23
C THR E 32 -3.81 -39.08 -33.51
N TYR E 33 -4.23 -40.26 -33.04
CA TYR E 33 -3.34 -41.19 -32.37
C TYR E 33 -3.24 -42.42 -33.28
N HIS E 34 -2.01 -42.81 -33.59
CA HIS E 34 -1.76 -43.95 -34.47
C HIS E 34 -1.42 -45.20 -33.65
N THR E 35 -2.27 -46.22 -33.75
CA THR E 35 -2.04 -47.47 -33.03
C THR E 35 -1.55 -48.55 -33.99
N GLY E 36 -0.74 -49.46 -33.48
CA GLY E 36 -0.21 -50.53 -34.29
C GLY E 36 0.99 -51.16 -33.62
N THR E 37 1.91 -51.71 -34.41
CA THR E 37 3.10 -52.34 -33.85
C THR E 37 4.36 -51.98 -34.62
N ILE E 38 5.49 -52.03 -33.91
CA ILE E 38 6.80 -51.77 -34.48
C ILE E 38 7.68 -52.86 -33.90
N ALA E 39 8.21 -53.73 -34.76
CA ALA E 39 9.05 -54.83 -34.31
C ALA E 39 8.30 -55.61 -33.24
N SER E 40 7.02 -55.89 -33.50
CA SER E 40 6.16 -56.63 -32.59
C SER E 40 5.73 -55.83 -31.36
N HIS E 41 6.39 -54.71 -31.11
CA HIS E 41 6.04 -53.87 -29.95
C HIS E 41 4.77 -53.08 -30.20
N GLU E 42 3.82 -53.17 -29.28
CA GLU E 42 2.58 -52.42 -29.40
C GLU E 42 2.93 -50.96 -29.14
N VAL E 43 2.51 -50.07 -30.02
CA VAL E 43 2.81 -48.65 -29.83
C VAL E 43 1.63 -47.74 -30.19
N VAL E 44 1.71 -46.50 -29.73
CA VAL E 44 0.70 -45.48 -30.00
C VAL E 44 1.50 -44.23 -30.31
N LEU E 45 1.40 -43.75 -31.55
CA LEU E 45 2.13 -42.56 -31.98
C LEU E 45 1.24 -41.33 -31.97
N VAL E 46 1.82 -40.18 -31.60
CA VAL E 46 1.06 -38.95 -31.55
C VAL E 46 1.94 -37.72 -31.74
N GLU E 47 1.41 -36.73 -32.44
CA GLU E 47 2.07 -35.46 -32.66
C GLU E 47 1.40 -34.61 -31.58
N SER E 48 2.14 -34.27 -30.53
CA SER E 48 1.58 -33.51 -29.41
C SER E 48 1.37 -32.02 -29.62
N GLY E 49 2.26 -31.42 -30.39
CA GLY E 49 2.23 -29.98 -30.56
C GLY E 49 3.45 -29.54 -29.77
N ILE E 50 3.87 -28.30 -29.95
CA ILE E 50 5.08 -27.78 -29.31
C ILE E 50 4.94 -27.27 -27.89
N GLY E 51 5.95 -27.54 -27.06
CA GLY E 51 5.92 -27.02 -25.71
C GLY E 51 5.61 -27.95 -24.56
N LYS E 52 5.78 -27.43 -23.34
CA LYS E 52 5.54 -28.21 -22.14
C LYS E 52 4.08 -28.64 -21.99
N VAL E 53 3.16 -27.70 -22.20
CA VAL E 53 1.75 -28.00 -22.06
C VAL E 53 1.25 -29.02 -23.06
N MET E 54 1.51 -28.80 -24.34
CA MET E 54 1.04 -29.74 -25.36
C MET E 54 1.62 -31.14 -25.15
N SER E 55 2.92 -31.23 -24.90
CA SER E 55 3.52 -32.54 -24.69
C SER E 55 3.00 -33.22 -23.43
N ALA E 56 2.80 -32.46 -22.35
CA ALA E 56 2.28 -33.02 -21.11
C ALA E 56 0.87 -33.59 -21.32
N MET E 57 0.05 -32.88 -22.09
CA MET E 57 -1.31 -33.35 -22.35
C MET E 57 -1.25 -34.69 -23.08
N SER E 58 -0.34 -34.82 -24.02
CA SER E 58 -0.20 -36.06 -24.78
C SER E 58 0.16 -37.23 -23.87
N VAL E 59 1.03 -37.00 -22.89
CA VAL E 59 1.41 -38.06 -21.98
C VAL E 59 0.20 -38.53 -21.18
N ALA E 60 -0.57 -37.59 -20.66
CA ALA E 60 -1.76 -37.91 -19.87
C ALA E 60 -2.73 -38.79 -20.64
N ILE E 61 -2.98 -38.44 -21.90
CA ILE E 61 -3.91 -39.20 -22.72
C ILE E 61 -3.34 -40.58 -23.06
N LEU E 62 -2.04 -40.64 -23.37
CA LEU E 62 -1.42 -41.92 -23.70
C LEU E 62 -1.49 -42.87 -22.52
N ALA E 63 -1.27 -42.34 -21.32
CA ALA E 63 -1.29 -43.15 -20.11
C ALA E 63 -2.71 -43.57 -19.68
N ASP E 64 -3.66 -42.63 -19.70
CA ASP E 64 -5.01 -42.95 -19.27
C ASP E 64 -5.88 -43.58 -20.35
N HIS E 65 -6.00 -42.91 -21.49
CA HIS E 65 -6.84 -43.40 -22.59
C HIS E 65 -6.28 -44.66 -23.24
N PHE E 66 -4.98 -44.67 -23.54
CA PHE E 66 -4.37 -45.83 -24.19
C PHE E 66 -3.65 -46.80 -23.27
N GLN E 67 -3.52 -46.44 -21.99
CA GLN E 67 -2.87 -47.30 -21.02
C GLN E 67 -1.48 -47.80 -21.43
N VAL E 68 -0.64 -46.90 -21.95
CA VAL E 68 0.71 -47.30 -22.36
C VAL E 68 1.54 -47.58 -21.11
N ASP E 69 2.62 -48.35 -21.28
CA ASP E 69 3.48 -48.70 -20.15
C ASP E 69 4.83 -48.00 -20.16
N ALA E 70 5.10 -47.26 -21.23
CA ALA E 70 6.36 -46.55 -21.37
C ALA E 70 6.16 -45.38 -22.30
N LEU E 71 7.07 -44.41 -22.24
CA LEU E 71 6.99 -43.23 -23.08
C LEU E 71 8.33 -42.92 -23.72
N ILE E 72 8.30 -42.63 -25.02
CA ILE E 72 9.51 -42.29 -25.73
C ILE E 72 9.25 -41.06 -26.56
N ASN E 73 10.16 -40.09 -26.47
CA ASN E 73 10.03 -38.86 -27.22
C ASN E 73 11.10 -38.84 -28.30
N THR E 74 10.73 -38.43 -29.50
CA THR E 74 11.65 -38.38 -30.62
C THR E 74 11.46 -37.04 -31.32
N GLY E 75 12.53 -36.51 -31.89
CA GLY E 75 12.41 -35.24 -32.59
C GLY E 75 13.72 -34.50 -32.78
N SER E 76 13.60 -33.19 -32.91
CA SER E 76 14.76 -32.31 -33.13
C SER E 76 15.14 -31.55 -31.87
N ALA E 77 16.37 -31.04 -31.87
CA ALA E 77 16.89 -30.25 -30.76
C ALA E 77 18.07 -29.40 -31.24
N GLY E 78 18.44 -28.42 -30.42
CA GLY E 78 19.56 -27.55 -30.76
C GLY E 78 20.84 -28.03 -30.10
N ALA E 79 21.91 -28.13 -30.89
CA ALA E 79 23.19 -28.59 -30.36
C ALA E 79 23.90 -27.47 -29.61
N VAL E 80 24.31 -27.73 -28.36
CA VAL E 80 24.99 -26.69 -27.59
C VAL E 80 26.39 -27.09 -27.12
N ALA E 81 26.63 -28.39 -26.90
CA ALA E 81 27.95 -28.82 -26.47
C ALA E 81 28.90 -28.71 -27.66
N GLU E 82 30.10 -28.20 -27.41
CA GLU E 82 31.10 -28.03 -28.44
C GLU E 82 31.40 -29.36 -29.14
N GLY E 83 31.44 -29.34 -30.47
CA GLY E 83 31.75 -30.55 -31.19
C GLY E 83 30.56 -31.32 -31.72
N ILE E 84 29.38 -31.10 -31.14
CA ILE E 84 28.19 -31.79 -31.62
C ILE E 84 27.74 -31.11 -32.90
N ALA E 85 27.59 -31.90 -33.95
CA ALA E 85 27.20 -31.39 -35.25
C ALA E 85 25.73 -31.53 -35.57
N VAL E 86 25.27 -30.74 -36.52
CA VAL E 86 23.90 -30.80 -36.98
C VAL E 86 23.78 -32.20 -37.58
N GLY E 87 22.67 -32.87 -37.30
CA GLY E 87 22.50 -34.22 -37.81
C GLY E 87 22.86 -35.29 -36.80
N ASP E 88 23.63 -34.92 -35.77
CA ASP E 88 24.01 -35.89 -34.74
C ASP E 88 22.77 -36.23 -33.93
N VAL E 89 22.80 -37.40 -33.27
CA VAL E 89 21.67 -37.83 -32.46
C VAL E 89 22.11 -37.85 -31.01
N VAL E 90 21.29 -37.27 -30.14
CA VAL E 90 21.60 -37.25 -28.72
C VAL E 90 20.55 -38.05 -27.97
N ILE E 91 21.01 -39.04 -27.21
CA ILE E 91 20.12 -39.85 -26.40
C ILE E 91 20.26 -39.28 -25.01
N ALA E 92 19.15 -38.89 -24.40
CA ALA E 92 19.18 -38.30 -23.07
C ALA E 92 19.20 -39.36 -21.97
N ASP E 93 20.24 -39.36 -21.15
CA ASP E 93 20.27 -40.30 -20.05
C ASP E 93 19.56 -39.61 -18.88
N LYS E 94 19.49 -38.28 -18.96
CA LYS E 94 18.83 -37.46 -17.94
C LYS E 94 18.32 -36.19 -18.60
N LEU E 95 17.29 -35.60 -17.99
CA LEU E 95 16.72 -34.35 -18.50
C LEU E 95 16.45 -33.41 -17.35
N ALA E 96 16.49 -32.12 -17.64
CA ALA E 96 16.22 -31.11 -16.62
C ALA E 96 15.76 -29.84 -17.31
N TYR E 97 15.04 -29.01 -16.56
CA TYR E 97 14.56 -27.75 -17.11
C TYR E 97 15.64 -26.69 -16.94
N HIS E 98 15.86 -25.89 -17.97
CA HIS E 98 16.85 -24.82 -17.86
C HIS E 98 16.16 -23.48 -17.61
N ASP E 99 14.83 -23.47 -17.64
CA ASP E 99 14.07 -22.22 -17.46
C ASP E 99 13.16 -22.19 -16.24
N VAL E 100 13.47 -23.02 -15.25
CA VAL E 100 12.68 -23.10 -14.03
C VAL E 100 13.42 -22.54 -12.83
N ASP E 101 12.79 -21.60 -12.12
CA ASP E 101 13.39 -21.00 -10.94
C ASP E 101 12.40 -20.95 -9.79
N VAL E 102 12.56 -21.89 -8.86
CA VAL E 102 11.73 -21.96 -7.66
C VAL E 102 12.73 -22.00 -6.50
N THR E 103 13.88 -21.37 -6.74
CA THR E 103 14.96 -21.34 -5.74
C THR E 103 14.61 -20.58 -4.46
N ALA E 104 13.62 -19.70 -4.51
CA ALA E 104 13.25 -18.95 -3.32
C ALA E 104 12.85 -19.87 -2.17
N PHE E 105 12.41 -21.09 -2.50
CA PHE E 105 12.01 -22.07 -1.50
C PHE E 105 13.13 -23.05 -1.13
N GLY E 106 14.29 -22.88 -1.76
CA GLY E 106 15.42 -23.75 -1.46
C GLY E 106 15.73 -24.79 -2.53
N TYR E 107 14.88 -24.86 -3.55
CA TYR E 107 15.08 -25.83 -4.63
C TYR E 107 16.31 -25.43 -5.45
N ALA E 108 16.93 -26.42 -6.09
CA ALA E 108 18.08 -26.14 -6.93
C ALA E 108 17.54 -25.44 -8.16
N TYR E 109 18.37 -24.64 -8.81
CA TYR E 109 17.91 -23.97 -10.02
C TYR E 109 17.54 -25.02 -11.06
N GLY E 110 16.39 -24.83 -11.71
CA GLY E 110 15.93 -25.78 -12.72
C GLY E 110 14.98 -26.82 -12.19
N GLN E 111 14.91 -26.94 -10.86
CA GLN E 111 14.06 -27.91 -10.21
C GLN E 111 12.66 -27.38 -9.94
N MET E 112 11.65 -28.05 -10.51
CA MET E 112 10.25 -27.66 -10.34
C MET E 112 9.80 -28.07 -8.94
N ALA E 113 8.91 -27.27 -8.35
CA ALA E 113 8.41 -27.58 -7.01
C ALA E 113 7.79 -28.98 -7.01
N GLN E 114 8.01 -29.72 -5.94
CA GLN E 114 7.47 -31.07 -5.78
C GLN E 114 8.06 -32.06 -6.80
N GLN E 115 9.18 -31.70 -7.42
CA GLN E 115 9.82 -32.57 -8.41
C GLN E 115 11.32 -32.70 -8.18
N PRO E 116 11.92 -33.77 -8.73
CA PRO E 116 13.37 -33.94 -8.57
C PRO E 116 14.03 -32.98 -9.56
N LEU E 117 15.31 -32.66 -9.38
CA LEU E 117 16.01 -31.77 -10.30
C LEU E 117 16.16 -32.43 -11.65
N TYR E 118 16.60 -33.69 -11.64
CA TYR E 118 16.80 -34.45 -12.87
C TYR E 118 15.81 -35.58 -13.02
N PHE E 119 15.40 -35.83 -14.26
CA PHE E 119 14.49 -36.92 -14.58
C PHE E 119 15.39 -37.87 -15.37
N GLU E 120 15.43 -39.13 -14.96
CA GLU E 120 16.29 -40.09 -15.64
C GLU E 120 15.58 -41.00 -16.61
N SER E 121 16.18 -41.15 -17.79
CA SER E 121 15.63 -42.07 -18.78
C SER E 121 15.82 -43.45 -18.17
N ASP E 122 14.94 -44.37 -18.52
CA ASP E 122 15.00 -45.73 -18.00
C ASP E 122 16.38 -46.35 -18.25
N LYS E 123 17.00 -46.84 -17.18
CA LYS E 123 18.33 -47.44 -17.28
C LYS E 123 18.40 -48.60 -18.27
N THR E 124 17.36 -49.43 -18.30
CA THR E 124 17.33 -50.55 -19.22
C THR E 124 17.28 -50.05 -20.67
N PHE E 125 16.41 -49.06 -20.91
CA PHE E 125 16.30 -48.49 -22.26
C PHE E 125 17.64 -47.90 -22.68
N VAL E 126 18.26 -47.15 -21.79
CA VAL E 126 19.54 -46.52 -22.08
C VAL E 126 20.61 -47.56 -22.38
N ALA E 127 20.65 -48.63 -21.58
CA ALA E 127 21.66 -49.67 -21.80
C ALA E 127 21.47 -50.32 -23.16
N GLN E 128 20.23 -50.66 -23.50
CA GLN E 128 19.97 -51.31 -24.77
C GLN E 128 20.12 -50.44 -26.01
N ILE E 129 19.82 -49.16 -25.90
CA ILE E 129 19.97 -48.31 -27.07
C ILE E 129 21.45 -48.16 -27.42
N GLN E 130 22.31 -48.11 -26.41
CA GLN E 130 23.74 -47.99 -26.66
C GLN E 130 24.25 -49.26 -27.33
N GLU E 131 23.71 -50.39 -26.91
CA GLU E 131 24.08 -51.69 -27.45
C GLU E 131 23.73 -51.78 -28.94
N SER E 132 22.61 -51.15 -29.31
CA SER E 132 22.15 -51.19 -30.70
C SER E 132 22.93 -50.25 -31.61
N LEU E 133 23.69 -49.33 -31.03
CA LEU E 133 24.49 -48.39 -31.79
C LEU E 133 25.96 -48.80 -31.80
N SER E 134 26.72 -48.32 -32.79
CA SER E 134 28.14 -48.65 -32.91
C SER E 134 29.03 -47.70 -32.14
N GLN E 135 29.97 -48.25 -31.36
CA GLN E 135 30.89 -47.45 -30.58
C GLN E 135 31.83 -46.69 -31.51
N LEU E 136 31.97 -47.17 -32.74
CA LEU E 136 32.85 -46.52 -33.72
C LEU E 136 32.15 -45.32 -34.35
N ASP E 137 30.84 -45.24 -34.18
CA ASP E 137 30.05 -44.14 -34.73
C ASP E 137 30.14 -42.97 -33.75
N GLN E 138 30.79 -41.89 -34.16
CA GLN E 138 30.96 -40.72 -33.31
C GLN E 138 29.82 -39.71 -33.43
N ASN E 139 28.81 -40.04 -34.23
CA ASN E 139 27.70 -39.10 -34.42
C ASN E 139 26.51 -39.23 -33.47
N TRP E 140 26.57 -40.18 -32.54
CA TRP E 140 25.51 -40.28 -31.54
C TRP E 140 26.15 -39.92 -30.22
N HIS E 141 25.34 -39.43 -29.29
CA HIS E 141 25.84 -38.99 -27.99
C HIS E 141 24.89 -39.42 -26.89
N LEU E 142 25.41 -39.55 -25.67
CA LEU E 142 24.60 -39.91 -24.53
C LEU E 142 24.88 -38.86 -23.47
N GLY E 143 23.84 -38.17 -23.01
CA GLY E 143 24.05 -37.15 -22.01
C GLY E 143 22.81 -36.37 -21.65
N LEU E 144 23.03 -35.19 -21.09
CA LEU E 144 21.96 -34.31 -20.65
C LEU E 144 21.32 -33.47 -21.74
N ILE E 145 20.00 -33.46 -21.77
CA ILE E 145 19.27 -32.59 -22.70
C ILE E 145 18.50 -31.70 -21.74
N ALA E 146 18.60 -30.39 -21.92
CA ALA E 146 17.91 -29.43 -21.05
C ALA E 146 16.70 -28.88 -21.82
N THR E 147 15.59 -28.76 -21.11
CA THR E 147 14.32 -28.32 -21.68
C THR E 147 13.81 -26.98 -21.17
N GLY E 148 13.15 -26.24 -22.05
CA GLY E 148 12.59 -24.96 -21.67
C GLY E 148 11.48 -24.60 -22.64
N ASP E 149 10.58 -23.71 -22.25
CA ASP E 149 9.48 -23.30 -23.13
C ASP E 149 9.96 -22.13 -23.98
N SER E 150 11.18 -22.26 -24.49
CA SER E 150 11.76 -21.23 -25.36
C SER E 150 12.63 -21.88 -26.42
N PHE E 151 12.69 -21.25 -27.59
CA PHE E 151 13.53 -21.72 -28.68
C PHE E 151 14.85 -20.98 -28.48
N VAL E 152 15.92 -21.72 -28.25
CA VAL E 152 17.23 -21.14 -28.01
C VAL E 152 17.89 -20.75 -29.32
N ALA E 153 18.14 -19.46 -29.50
CA ALA E 153 18.74 -18.96 -30.74
C ALA E 153 19.71 -17.81 -30.51
N GLY E 154 20.73 -18.06 -29.70
CA GLY E 154 21.71 -17.05 -29.41
C GLY E 154 22.75 -17.56 -28.43
N ASN E 155 24.01 -17.20 -28.65
CA ASN E 155 25.07 -17.64 -27.76
C ASN E 155 24.85 -17.17 -26.34
N ASP E 156 24.22 -16.01 -26.18
CA ASP E 156 23.96 -15.48 -24.85
C ASP E 156 23.12 -16.44 -24.03
N LYS E 157 22.04 -16.97 -24.61
CA LYS E 157 21.21 -17.89 -23.86
C LYS E 157 21.91 -19.23 -23.67
N ILE E 158 22.72 -19.64 -24.65
CA ILE E 158 23.45 -20.89 -24.53
C ILE E 158 24.36 -20.80 -23.31
N GLU E 159 25.08 -19.69 -23.20
CA GLU E 159 25.99 -19.49 -22.08
C GLU E 159 25.24 -19.47 -20.76
N ALA E 160 24.05 -18.87 -20.76
CA ALA E 160 23.24 -18.81 -19.55
C ALA E 160 22.84 -20.21 -19.11
N ILE E 161 22.42 -21.02 -20.07
CA ILE E 161 22.00 -22.38 -19.78
C ILE E 161 23.20 -23.19 -19.27
N LYS E 162 24.35 -23.04 -19.91
CA LYS E 162 25.55 -23.75 -19.49
C LYS E 162 26.02 -23.34 -18.11
N SER E 163 25.72 -22.11 -17.70
CA SER E 163 26.12 -21.64 -16.38
C SER E 163 25.41 -22.45 -15.31
N HIS E 164 24.21 -22.96 -15.64
CA HIS E 164 23.43 -23.77 -14.70
C HIS E 164 23.69 -25.26 -14.91
N PHE E 165 23.80 -25.67 -16.18
CA PHE E 165 24.04 -27.07 -16.52
C PHE E 165 25.20 -27.14 -17.51
N PRO E 166 26.44 -27.07 -16.99
CA PRO E 166 27.62 -27.13 -17.85
C PRO E 166 27.75 -28.34 -18.77
N GLU E 167 27.18 -29.47 -18.37
CA GLU E 167 27.26 -30.68 -19.18
C GLU E 167 26.15 -30.88 -20.20
N VAL E 168 25.31 -29.86 -20.38
CA VAL E 168 24.22 -29.97 -21.34
C VAL E 168 24.74 -30.23 -22.76
N LEU E 169 24.12 -31.18 -23.46
CA LEU E 169 24.53 -31.51 -24.82
C LEU E 169 23.64 -30.85 -25.86
N ALA E 170 22.34 -30.83 -25.58
CA ALA E 170 21.36 -30.23 -26.50
C ALA E 170 20.19 -29.63 -25.73
N VAL E 171 19.43 -28.77 -26.41
CA VAL E 171 18.29 -28.11 -25.79
C VAL E 171 17.04 -28.22 -26.66
N GLU E 172 15.89 -28.39 -26.02
CA GLU E 172 14.64 -28.48 -26.75
C GLU E 172 13.47 -27.99 -25.90
N MET E 173 12.24 -28.26 -26.34
CA MET E 173 11.06 -27.79 -25.62
C MET E 173 10.04 -28.78 -25.06
N GLU E 174 10.34 -30.08 -25.09
CA GLU E 174 9.38 -31.05 -24.56
C GLU E 174 9.99 -32.17 -23.73
N GLY E 175 11.28 -32.42 -23.93
CA GLY E 175 11.97 -33.50 -23.24
C GLY E 175 11.69 -33.67 -21.75
N ALA E 176 12.07 -32.68 -20.96
CA ALA E 176 11.87 -32.75 -19.52
C ALA E 176 10.39 -32.72 -19.14
N ALA E 177 9.55 -32.12 -19.98
CA ALA E 177 8.12 -32.08 -19.69
C ALA E 177 7.55 -33.49 -19.78
N ILE E 178 7.95 -34.19 -20.83
CA ILE E 178 7.49 -35.57 -21.02
C ILE E 178 8.08 -36.44 -19.92
N ALA E 179 9.33 -36.20 -19.56
CA ALA E 179 9.99 -36.98 -18.52
C ALA E 179 9.35 -36.71 -17.16
N GLN E 180 8.97 -35.46 -16.90
CA GLN E 180 8.33 -35.10 -15.64
C GLN E 180 7.00 -35.82 -15.54
N ALA E 181 6.22 -35.75 -16.62
CA ALA E 181 4.91 -36.39 -16.67
C ALA E 181 5.04 -37.89 -16.49
N ALA E 182 6.06 -38.49 -17.12
CA ALA E 182 6.29 -39.92 -17.01
C ALA E 182 6.66 -40.27 -15.56
N HIS E 183 7.53 -39.46 -14.97
CA HIS E 183 7.96 -39.65 -13.59
C HIS E 183 6.77 -39.62 -12.63
N THR E 184 5.86 -38.69 -12.87
CA THR E 184 4.68 -38.54 -12.03
C THR E 184 3.77 -39.75 -12.12
N LEU E 185 3.83 -40.45 -13.25
CA LEU E 185 2.99 -41.62 -13.48
C LEU E 185 3.76 -42.92 -13.27
N ASN E 186 5.00 -42.78 -12.82
CA ASN E 186 5.87 -43.92 -12.57
C ASN E 186 6.02 -44.79 -13.82
N LEU E 187 6.18 -44.15 -14.97
CA LEU E 187 6.35 -44.87 -16.23
C LEU E 187 7.76 -44.61 -16.77
N PRO E 188 8.42 -45.66 -17.30
CA PRO E 188 9.77 -45.49 -17.84
C PRO E 188 9.74 -44.56 -19.06
N VAL E 189 10.79 -43.76 -19.20
CA VAL E 189 10.86 -42.82 -20.32
C VAL E 189 12.22 -42.80 -20.99
N LEU E 190 12.24 -42.36 -22.24
CA LEU E 190 13.47 -42.22 -22.99
C LEU E 190 13.26 -41.03 -23.93
N VAL E 191 14.29 -40.22 -24.09
CA VAL E 191 14.21 -39.08 -24.99
C VAL E 191 15.35 -39.18 -25.98
N ILE E 192 15.00 -39.09 -27.27
CA ILE E 192 15.96 -39.16 -28.36
C ILE E 192 15.73 -37.93 -29.24
N ARG E 193 16.79 -37.19 -29.55
CA ARG E 193 16.66 -36.00 -30.39
C ARG E 193 17.83 -35.89 -31.36
N ALA E 194 17.54 -35.48 -32.59
CA ALA E 194 18.59 -35.28 -33.59
C ALA E 194 18.77 -33.77 -33.70
N MET E 195 20.01 -33.33 -33.93
CA MET E 195 20.29 -31.90 -33.99
C MET E 195 19.85 -31.25 -35.29
N SER E 196 18.96 -30.28 -35.18
CA SER E 196 18.45 -29.56 -36.35
C SER E 196 19.13 -28.22 -36.50
N ASP E 197 19.83 -27.78 -35.44
CA ASP E 197 20.48 -26.47 -35.46
C ASP E 197 21.52 -26.34 -34.35
N ASN E 198 22.17 -25.19 -34.31
CA ASN E 198 23.21 -24.91 -33.33
C ASN E 198 22.75 -23.98 -32.20
N ALA E 199 21.44 -23.78 -32.09
CA ALA E 199 20.88 -22.94 -31.02
C ALA E 199 21.50 -21.55 -30.95
N ASN E 200 22.00 -21.06 -32.08
CA ASN E 200 22.62 -19.74 -32.15
C ASN E 200 21.74 -18.79 -32.95
N HIS E 201 22.28 -17.64 -33.35
CA HIS E 201 21.52 -16.65 -34.09
C HIS E 201 20.86 -17.22 -35.35
N GLU E 202 21.49 -18.22 -35.96
CA GLU E 202 20.98 -18.83 -37.19
C GLU E 202 20.02 -20.00 -36.93
N ALA E 203 19.78 -20.32 -35.66
CA ALA E 203 18.93 -21.44 -35.29
C ALA E 203 17.57 -21.57 -35.97
N ASN E 204 16.85 -20.46 -36.15
CA ASN E 204 15.53 -20.59 -36.78
C ASN E 204 15.65 -21.06 -38.22
N ILE E 205 16.69 -20.60 -38.92
CA ILE E 205 16.90 -20.99 -40.32
C ILE E 205 17.34 -22.45 -40.40
N PHE E 206 18.31 -22.84 -39.58
CA PHE E 206 18.74 -24.23 -39.60
C PHE E 206 17.58 -25.16 -39.24
N PHE E 207 16.79 -24.76 -38.25
CA PHE E 207 15.64 -25.58 -37.86
C PHE E 207 14.70 -25.74 -39.06
N ASP E 208 14.36 -24.63 -39.71
CA ASP E 208 13.46 -24.68 -40.87
C ASP E 208 14.01 -25.61 -41.95
N GLU E 209 15.32 -25.55 -42.15
CA GLU E 209 15.98 -26.35 -43.18
C GLU E 209 16.17 -27.82 -42.84
N PHE E 210 16.48 -28.12 -41.59
CA PHE E 210 16.75 -29.49 -41.18
C PHE E 210 15.71 -30.26 -40.39
N ILE E 211 14.55 -29.66 -40.13
CA ILE E 211 13.55 -30.37 -39.35
C ILE E 211 13.15 -31.72 -39.96
N ILE E 212 12.98 -31.78 -41.27
CA ILE E 212 12.62 -33.06 -41.89
C ILE E 212 13.72 -34.10 -41.69
N GLU E 213 14.97 -33.70 -41.96
CA GLU E 213 16.12 -34.59 -41.82
C GLU E 213 16.33 -35.01 -40.37
N ALA E 214 16.22 -34.06 -39.45
CA ALA E 214 16.40 -34.34 -38.03
C ALA E 214 15.29 -35.30 -37.56
N GLY E 215 14.06 -35.03 -37.99
CA GLY E 215 12.96 -35.89 -37.59
C GLY E 215 13.20 -37.32 -38.03
N ARG E 216 13.72 -37.48 -39.24
CA ARG E 216 13.99 -38.79 -39.79
C ARG E 216 15.09 -39.53 -39.04
N ARG E 217 16.22 -38.86 -38.83
CA ARG E 217 17.36 -39.45 -38.13
C ARG E 217 17.01 -39.91 -36.71
N SER E 218 16.28 -39.07 -35.98
CA SER E 218 15.88 -39.42 -34.62
C SER E 218 14.98 -40.65 -34.67
N ALA E 219 14.04 -40.66 -35.62
CA ALA E 219 13.12 -41.77 -35.79
C ALA E 219 13.84 -43.06 -36.21
N GLN E 220 14.88 -42.91 -37.03
CA GLN E 220 15.63 -44.08 -37.47
C GLN E 220 16.33 -44.74 -36.28
N VAL E 221 16.88 -43.93 -35.39
CA VAL E 221 17.54 -44.47 -34.20
C VAL E 221 16.50 -45.16 -33.32
N LEU E 222 15.33 -44.56 -33.20
CA LEU E 222 14.28 -45.14 -32.38
C LEU E 222 13.81 -46.46 -32.98
N LEU E 223 13.75 -46.51 -34.31
CA LEU E 223 13.32 -47.72 -35.00
C LEU E 223 14.32 -48.86 -34.73
N ALA E 224 15.60 -48.55 -34.85
CA ALA E 224 16.64 -49.54 -34.60
C ALA E 224 16.53 -50.02 -33.16
N PHE E 225 16.34 -49.09 -32.24
CA PHE E 225 16.20 -49.41 -30.83
C PHE E 225 15.04 -50.38 -30.58
N LEU E 226 13.86 -50.05 -31.10
CA LEU E 226 12.68 -50.90 -30.92
C LEU E 226 12.87 -52.30 -31.47
N LYS E 227 13.61 -52.42 -32.57
CA LYS E 227 13.85 -53.72 -33.17
C LYS E 227 14.75 -54.58 -32.28
N ALA E 228 15.63 -53.94 -31.51
CA ALA E 228 16.54 -54.66 -30.64
C ALA E 228 16.01 -54.85 -29.22
N LEU E 229 15.13 -53.95 -28.78
CA LEU E 229 14.56 -54.02 -27.44
C LEU E 229 13.92 -55.37 -27.15
N ASP E 230 12.90 -55.71 -27.94
CA ASP E 230 12.19 -56.98 -27.78
C ASP E 230 11.44 -57.08 -26.45
N MET F 1 -24.12 -27.27 -17.11
CA MET F 1 -22.90 -27.84 -17.75
C MET F 1 -22.02 -28.53 -16.73
N LYS F 2 -20.98 -29.21 -17.21
CA LYS F 2 -20.04 -29.93 -16.35
C LYS F 2 -18.75 -29.13 -16.28
N ILE F 3 -18.42 -28.64 -15.08
CA ILE F 3 -17.22 -27.83 -14.91
C ILE F 3 -16.05 -28.52 -14.20
N GLY F 4 -14.90 -28.51 -14.84
CA GLY F 4 -13.71 -29.10 -14.24
C GLY F 4 -13.02 -27.98 -13.49
N ILE F 5 -12.77 -28.18 -12.20
CA ILE F 5 -12.13 -27.17 -11.38
C ILE F 5 -10.75 -27.65 -10.91
N ILE F 6 -9.72 -26.87 -11.26
CA ILE F 6 -8.34 -27.22 -10.93
C ILE F 6 -7.65 -26.30 -9.91
N ALA F 7 -6.97 -26.91 -8.94
CA ALA F 7 -6.22 -26.17 -7.93
C ALA F 7 -4.85 -26.86 -7.89
N ALA F 8 -3.78 -26.08 -7.86
CA ALA F 8 -2.44 -26.65 -7.83
C ALA F 8 -2.11 -27.37 -6.54
N MET F 9 -2.50 -26.80 -5.42
CA MET F 9 -2.21 -27.38 -4.11
C MET F 9 -3.45 -27.71 -3.29
N PRO F 10 -3.31 -28.62 -2.31
CA PRO F 10 -4.46 -29.01 -1.48
C PRO F 10 -5.15 -27.86 -0.75
N GLU F 11 -4.36 -26.88 -0.30
CA GLU F 11 -4.91 -25.73 0.40
C GLU F 11 -5.86 -24.93 -0.48
N GLU F 12 -5.69 -25.05 -1.80
CA GLU F 12 -6.54 -24.31 -2.74
C GLU F 12 -7.78 -25.08 -3.18
N LEU F 13 -7.88 -26.35 -2.80
CA LEU F 13 -9.03 -27.15 -3.18
C LEU F 13 -9.91 -27.55 -1.99
N ALA F 14 -9.33 -27.55 -0.79
CA ALA F 14 -10.03 -27.93 0.43
C ALA F 14 -11.43 -27.35 0.61
N TYR F 15 -11.53 -26.02 0.54
CA TYR F 15 -12.81 -25.34 0.72
C TYR F 15 -13.88 -25.86 -0.24
N LEU F 16 -13.50 -26.08 -1.50
CA LEU F 16 -14.45 -26.56 -2.50
C LEU F 16 -14.91 -27.99 -2.24
N VAL F 17 -13.98 -28.84 -1.80
CA VAL F 17 -14.34 -30.23 -1.51
C VAL F 17 -15.33 -30.26 -0.35
N GLN F 18 -15.13 -29.36 0.61
CA GLN F 18 -15.99 -29.27 1.79
C GLN F 18 -17.39 -28.76 1.45
N HIS F 19 -17.52 -28.11 0.29
CA HIS F 19 -18.81 -27.58 -0.15
C HIS F 19 -19.33 -28.33 -1.36
N LEU F 20 -18.83 -29.54 -1.57
CA LEU F 20 -19.25 -30.37 -2.70
C LEU F 20 -20.44 -31.25 -2.32
N ASP F 21 -21.55 -31.11 -3.05
CA ASP F 21 -22.74 -31.90 -2.78
C ASP F 21 -22.66 -33.22 -3.55
N ASN F 22 -23.29 -34.26 -3.02
CA ASN F 22 -23.28 -35.57 -3.67
C ASN F 22 -21.85 -35.97 -3.99
N THR F 23 -20.95 -35.66 -3.06
CA THR F 23 -19.53 -35.96 -3.22
C THR F 23 -19.19 -37.43 -3.44
N GLN F 24 -18.30 -37.66 -4.40
CA GLN F 24 -17.83 -39.00 -4.74
C GLN F 24 -16.40 -38.84 -5.23
N GLU F 25 -15.60 -39.90 -5.12
CA GLU F 25 -14.21 -39.84 -5.55
C GLU F 25 -13.83 -40.93 -6.53
N GLN F 26 -13.12 -40.53 -7.59
CA GLN F 26 -12.66 -41.45 -8.62
C GLN F 26 -11.16 -41.27 -8.77
N VAL F 27 -10.41 -42.36 -8.71
CA VAL F 27 -8.97 -42.28 -8.88
C VAL F 27 -8.59 -42.50 -10.33
N VAL F 28 -7.90 -41.52 -10.91
CA VAL F 28 -7.45 -41.58 -12.29
C VAL F 28 -5.97 -41.26 -12.29
N LEU F 29 -5.17 -42.16 -12.84
CA LEU F 29 -3.72 -42.00 -12.89
C LEU F 29 -3.17 -41.71 -11.49
N GLY F 30 -3.74 -42.40 -10.50
CA GLY F 30 -3.30 -42.25 -9.13
C GLY F 30 -3.71 -41.00 -8.38
N ASN F 31 -4.46 -40.12 -9.04
CA ASN F 31 -4.91 -38.88 -8.40
C ASN F 31 -6.41 -38.94 -8.17
N THR F 32 -6.87 -38.28 -7.10
CA THR F 32 -8.28 -38.29 -6.75
C THR F 32 -9.07 -37.16 -7.41
N TYR F 33 -10.09 -37.54 -8.18
CA TYR F 33 -10.95 -36.57 -8.83
C TYR F 33 -12.28 -36.60 -8.07
N HIS F 34 -12.68 -35.45 -7.54
CA HIS F 34 -13.91 -35.33 -6.77
C HIS F 34 -15.08 -34.94 -7.66
N THR F 35 -16.09 -35.80 -7.72
CA THR F 35 -17.26 -35.50 -8.53
C THR F 35 -18.47 -35.17 -7.67
N GLY F 36 -19.40 -34.40 -8.23
CA GLY F 36 -20.58 -34.01 -7.49
C GLY F 36 -21.15 -32.73 -8.06
N THR F 37 -21.85 -31.96 -7.23
CA THR F 37 -22.43 -30.70 -7.69
C THR F 37 -22.16 -29.55 -6.71
N ILE F 38 -22.24 -28.35 -7.24
CA ILE F 38 -22.06 -27.13 -6.46
C ILE F 38 -23.07 -26.13 -7.02
N ALA F 39 -24.06 -25.78 -6.21
CA ALA F 39 -25.10 -24.86 -6.64
C ALA F 39 -25.78 -25.37 -7.90
N SER F 40 -26.11 -26.65 -7.90
CA SER F 40 -26.79 -27.32 -9.02
C SER F 40 -25.91 -27.60 -10.24
N HIS F 41 -24.68 -27.10 -10.25
CA HIS F 41 -23.79 -27.34 -11.39
C HIS F 41 -22.94 -28.58 -11.15
N GLU F 42 -22.89 -29.47 -12.13
CA GLU F 42 -22.08 -30.67 -12.02
C GLU F 42 -20.62 -30.26 -12.13
N VAL F 43 -19.78 -30.77 -11.23
CA VAL F 43 -18.36 -30.42 -11.24
C VAL F 43 -17.44 -31.59 -10.96
N VAL F 44 -16.17 -31.40 -11.28
CA VAL F 44 -15.14 -32.39 -11.04
C VAL F 44 -13.96 -31.59 -10.48
N LEU F 45 -13.60 -31.88 -9.24
CA LEU F 45 -12.51 -31.18 -8.59
C LEU F 45 -11.23 -31.99 -8.59
N VAL F 46 -10.10 -31.33 -8.81
CA VAL F 46 -8.82 -32.01 -8.81
C VAL F 46 -7.65 -31.11 -8.39
N GLU F 47 -6.73 -31.70 -7.65
CA GLU F 47 -5.51 -31.04 -7.20
C GLU F 47 -4.51 -31.54 -8.23
N SER F 48 -4.11 -30.66 -9.14
CA SER F 48 -3.21 -31.02 -10.23
C SER F 48 -1.73 -31.16 -9.90
N GLY F 49 -1.25 -30.33 -8.98
CA GLY F 49 0.15 -30.32 -8.66
C GLY F 49 0.63 -28.99 -9.25
N ILE F 50 1.82 -28.56 -8.89
CA ILE F 50 2.36 -27.28 -9.33
C ILE F 50 3.05 -27.25 -10.70
N GLY F 51 2.82 -26.18 -11.44
CA GLY F 51 3.49 -26.03 -12.73
C GLY F 51 2.71 -26.28 -14.00
N LYS F 52 3.34 -25.94 -15.13
CA LYS F 52 2.72 -26.10 -16.43
C LYS F 52 2.36 -27.54 -16.76
N VAL F 53 3.32 -28.44 -16.56
CA VAL F 53 3.09 -29.84 -16.89
C VAL F 53 1.98 -30.50 -16.06
N MET F 54 2.04 -30.33 -14.74
CA MET F 54 1.02 -30.95 -13.90
C MET F 54 -0.38 -30.41 -14.19
N SER F 55 -0.52 -29.10 -14.29
CA SER F 55 -1.83 -28.54 -14.56
C SER F 55 -2.35 -28.93 -15.94
N ALA F 56 -1.44 -28.99 -16.93
CA ALA F 56 -1.83 -29.38 -18.28
C ALA F 56 -2.38 -30.81 -18.29
N MET F 57 -1.73 -31.69 -17.55
CA MET F 57 -2.18 -33.07 -17.49
C MET F 57 -3.60 -33.15 -16.93
N SER F 58 -3.87 -32.35 -15.89
CA SER F 58 -5.18 -32.36 -15.28
C SER F 58 -6.26 -31.94 -16.28
N VAL F 59 -5.96 -30.96 -17.12
CA VAL F 59 -6.94 -30.52 -18.11
C VAL F 59 -7.25 -31.65 -19.10
N ALA F 60 -6.20 -32.32 -19.57
CA ALA F 60 -6.38 -33.42 -20.52
C ALA F 60 -7.27 -34.52 -19.96
N ILE F 61 -7.04 -34.87 -18.69
CA ILE F 61 -7.83 -35.91 -18.05
C ILE F 61 -9.27 -35.45 -17.83
N LEU F 62 -9.45 -34.21 -17.42
CA LEU F 62 -10.79 -33.68 -17.19
C LEU F 62 -11.60 -33.66 -18.49
N ALA F 63 -10.95 -33.28 -19.59
CA ALA F 63 -11.61 -33.21 -20.88
C ALA F 63 -11.91 -34.57 -21.50
N ASP F 64 -10.95 -35.49 -21.43
CA ASP F 64 -11.15 -36.81 -22.03
C ASP F 64 -11.84 -37.83 -21.13
N HIS F 65 -11.34 -37.98 -19.90
CA HIS F 65 -11.91 -38.95 -18.97
C HIS F 65 -13.27 -38.53 -18.41
N PHE F 66 -13.43 -37.26 -18.06
CA PHE F 66 -14.69 -36.79 -17.51
C PHE F 66 -15.56 -35.96 -18.46
N GLN F 67 -15.04 -35.67 -19.64
CA GLN F 67 -15.79 -34.92 -20.64
C GLN F 67 -16.38 -33.61 -20.10
N VAL F 68 -15.58 -32.82 -19.39
CA VAL F 68 -16.08 -31.55 -18.87
C VAL F 68 -16.35 -30.60 -20.02
N ASP F 69 -17.23 -29.63 -19.78
CA ASP F 69 -17.59 -28.65 -20.80
C ASP F 69 -16.89 -27.31 -20.59
N ALA F 70 -16.30 -27.13 -19.42
CA ALA F 70 -15.59 -25.90 -19.10
C ALA F 70 -14.53 -26.15 -18.05
N LEU F 71 -13.63 -25.19 -17.88
CA LEU F 71 -12.55 -25.31 -16.92
C LEU F 71 -12.38 -24.04 -16.09
N ILE F 72 -12.17 -24.22 -14.80
CA ILE F 72 -11.95 -23.08 -13.91
C ILE F 72 -10.79 -23.39 -12.99
N ASN F 73 -9.86 -22.44 -12.91
CA ASN F 73 -8.69 -22.60 -12.06
C ASN F 73 -8.82 -21.63 -10.89
N THR F 74 -8.49 -22.10 -9.69
CA THR F 74 -8.55 -21.29 -8.49
C THR F 74 -7.28 -21.52 -7.69
N GLY F 75 -6.84 -20.50 -6.97
CA GLY F 75 -5.64 -20.64 -6.17
C GLY F 75 -4.98 -19.35 -5.75
N SER F 76 -3.67 -19.43 -5.50
CA SER F 76 -2.88 -18.30 -5.05
C SER F 76 -2.03 -17.73 -6.18
N ALA F 77 -1.54 -16.52 -5.98
CA ALA F 77 -0.69 -15.85 -6.95
C ALA F 77 0.03 -14.70 -6.26
N GLY F 78 1.05 -14.18 -6.94
CA GLY F 78 1.80 -13.07 -6.39
C GLY F 78 1.34 -11.75 -6.98
N ALA F 79 1.10 -10.77 -6.13
CA ALA F 79 0.64 -9.46 -6.57
C ALA F 79 1.83 -8.65 -7.10
N VAL F 80 1.68 -8.11 -8.30
CA VAL F 80 2.76 -7.32 -8.89
C VAL F 80 2.39 -5.89 -9.26
N ALA F 81 1.10 -5.64 -9.50
CA ALA F 81 0.65 -4.30 -9.85
C ALA F 81 0.58 -3.44 -8.59
N GLU F 82 1.07 -2.21 -8.69
CA GLU F 82 1.06 -1.29 -7.55
C GLU F 82 -0.36 -1.11 -7.03
N GLY F 83 -0.55 -1.28 -5.73
CA GLY F 83 -1.87 -1.09 -5.16
C GLY F 83 -2.61 -2.36 -4.81
N ILE F 84 -2.26 -3.47 -5.45
CA ILE F 84 -2.93 -4.74 -5.17
C ILE F 84 -2.35 -5.28 -3.86
N ALA F 85 -3.22 -5.59 -2.92
CA ALA F 85 -2.79 -6.07 -1.63
C ALA F 85 -2.88 -7.58 -1.46
N VAL F 86 -2.11 -8.08 -0.49
CA VAL F 86 -2.13 -9.50 -0.16
C VAL F 86 -3.55 -9.76 0.30
N GLY F 87 -4.16 -10.85 -0.18
CA GLY F 87 -5.52 -11.16 0.21
C GLY F 87 -6.53 -10.73 -0.84
N ASP F 88 -6.12 -9.85 -1.75
CA ASP F 88 -7.02 -9.41 -2.82
C ASP F 88 -7.24 -10.56 -3.79
N VAL F 89 -8.33 -10.50 -4.56
CA VAL F 89 -8.63 -11.53 -5.53
C VAL F 89 -8.55 -10.94 -6.93
N VAL F 90 -7.84 -11.65 -7.81
CA VAL F 90 -7.70 -11.20 -9.19
C VAL F 90 -8.41 -12.20 -10.11
N ILE F 91 -9.33 -11.70 -10.91
CA ILE F 91 -10.03 -12.54 -11.87
C ILE F 91 -9.32 -12.21 -13.18
N ALA F 92 -8.82 -13.23 -13.84
CA ALA F 92 -8.10 -13.00 -15.09
C ALA F 92 -9.03 -12.92 -16.29
N ASP F 93 -9.02 -11.78 -16.98
CA ASP F 93 -9.85 -11.68 -18.18
C ASP F 93 -8.99 -12.23 -19.32
N LYS F 94 -7.67 -12.18 -19.13
CA LYS F 94 -6.72 -12.71 -20.12
C LYS F 94 -5.50 -13.27 -19.40
N LEU F 95 -4.82 -14.21 -20.06
CA LEU F 95 -3.63 -14.83 -19.51
C LEU F 95 -2.56 -14.95 -20.59
N ALA F 96 -1.30 -14.89 -20.17
CA ALA F 96 -0.19 -15.01 -21.10
C ALA F 96 1.03 -15.50 -20.35
N TYR F 97 1.96 -16.10 -21.07
CA TYR F 97 3.20 -16.59 -20.46
C TYR F 97 4.22 -15.46 -20.39
N HIS F 98 4.89 -15.33 -19.25
CA HIS F 98 5.91 -14.30 -19.13
C HIS F 98 7.30 -14.89 -19.34
N ASP F 99 7.38 -16.21 -19.46
CA ASP F 99 8.66 -16.90 -19.60
C ASP F 99 8.87 -17.67 -20.90
N VAL F 100 8.14 -17.29 -21.94
CA VAL F 100 8.22 -17.96 -23.23
C VAL F 100 8.89 -17.07 -24.28
N ASP F 101 9.94 -17.59 -24.93
CA ASP F 101 10.64 -16.85 -25.97
C ASP F 101 10.87 -17.70 -27.21
N VAL F 102 10.00 -17.52 -28.19
CA VAL F 102 10.10 -18.22 -29.47
C VAL F 102 10.14 -17.10 -30.52
N THR F 103 10.69 -15.96 -30.11
CA THR F 103 10.77 -14.79 -30.97
C THR F 103 11.68 -14.94 -32.20
N ALA F 104 12.55 -15.95 -32.20
CA ALA F 104 13.45 -16.13 -33.35
C ALA F 104 12.65 -16.44 -34.61
N PHE F 105 11.41 -16.91 -34.44
CA PHE F 105 10.54 -17.25 -35.55
C PHE F 105 9.54 -16.13 -35.88
N GLY F 106 9.60 -15.05 -35.12
CA GLY F 106 8.70 -13.93 -35.39
C GLY F 106 7.55 -13.77 -34.41
N TYR F 107 7.39 -14.74 -33.50
CA TYR F 107 6.32 -14.67 -32.50
C TYR F 107 6.60 -13.52 -31.54
N ALA F 108 5.55 -13.01 -30.91
CA ALA F 108 5.71 -11.93 -29.95
C ALA F 108 6.32 -12.55 -28.70
N TYR F 109 6.99 -11.75 -27.89
CA TYR F 109 7.58 -12.32 -26.68
C TYR F 109 6.44 -12.86 -25.83
N GLY F 110 6.63 -14.06 -25.26
CA GLY F 110 5.62 -14.67 -24.42
C GLY F 110 4.65 -15.57 -25.16
N GLN F 111 4.69 -15.52 -26.49
CA GLN F 111 3.79 -16.33 -27.32
C GLN F 111 4.39 -17.69 -27.67
N MET F 112 3.72 -18.76 -27.24
CA MET F 112 4.18 -20.11 -27.55
C MET F 112 3.94 -20.41 -29.03
N ALA F 113 4.79 -21.22 -29.62
CA ALA F 113 4.64 -21.58 -31.03
C ALA F 113 3.28 -22.24 -31.24
N GLN F 114 2.64 -21.93 -32.37
CA GLN F 114 1.33 -22.49 -32.70
C GLN F 114 0.23 -22.05 -31.72
N GLN F 115 0.49 -20.99 -30.98
CA GLN F 115 -0.50 -20.49 -30.01
C GLN F 115 -0.67 -18.98 -30.10
N PRO F 116 -1.80 -18.46 -29.61
CA PRO F 116 -2.00 -17.01 -29.64
C PRO F 116 -1.19 -16.45 -28.46
N LEU F 117 -0.89 -15.15 -28.49
CA LEU F 117 -0.14 -14.54 -27.40
C LEU F 117 -0.97 -14.54 -26.12
N TYR F 118 -2.25 -14.16 -26.23
CA TYR F 118 -3.14 -14.14 -25.08
C TYR F 118 -4.24 -15.18 -25.16
N PHE F 119 -4.58 -15.71 -23.99
CA PHE F 119 -5.65 -16.68 -23.86
C PHE F 119 -6.72 -15.91 -23.08
N GLU F 120 -7.94 -15.90 -23.60
CA GLU F 120 -8.99 -15.14 -22.94
C GLU F 120 -9.98 -15.98 -22.15
N SER F 121 -10.32 -15.52 -20.95
CA SER F 121 -11.30 -16.23 -20.15
C SER F 121 -12.64 -16.02 -20.85
N ASP F 122 -13.53 -16.99 -20.69
CA ASP F 122 -14.85 -16.91 -21.31
C ASP F 122 -15.52 -15.59 -20.98
N LYS F 123 -16.00 -14.90 -22.01
CA LYS F 123 -16.65 -13.60 -21.84
C LYS F 123 -17.89 -13.66 -20.95
N THR F 124 -18.66 -14.75 -21.08
CA THR F 124 -19.86 -14.90 -20.26
C THR F 124 -19.47 -15.10 -18.79
N PHE F 125 -18.48 -15.94 -18.54
CA PHE F 125 -18.03 -16.18 -17.17
C PHE F 125 -17.54 -14.88 -16.54
N VAL F 126 -16.74 -14.13 -17.31
CA VAL F 126 -16.19 -12.87 -16.82
C VAL F 126 -17.28 -11.86 -16.51
N ALA F 127 -18.25 -11.74 -17.42
CA ALA F 127 -19.34 -10.80 -17.22
C ALA F 127 -20.12 -11.15 -15.95
N GLN F 128 -20.44 -12.43 -15.79
CA GLN F 128 -21.21 -12.85 -14.64
C GLN F 128 -20.47 -12.85 -13.30
N ILE F 129 -19.17 -13.09 -13.30
CA ILE F 129 -18.46 -13.07 -12.03
C ILE F 129 -18.40 -11.64 -11.50
N GLN F 130 -18.32 -10.66 -12.40
CA GLN F 130 -18.27 -9.27 -11.99
C GLN F 130 -19.63 -8.88 -11.40
N GLU F 131 -20.69 -9.48 -11.93
CA GLU F 131 -22.04 -9.22 -11.46
C GLU F 131 -22.24 -9.73 -10.04
N SER F 132 -21.49 -10.76 -9.67
CA SER F 132 -21.59 -11.35 -8.34
C SER F 132 -20.75 -10.59 -7.32
N LEU F 133 -19.91 -9.69 -7.79
CA LEU F 133 -19.05 -8.91 -6.91
C LEU F 133 -19.52 -7.46 -6.85
N SER F 134 -19.21 -6.79 -5.75
CA SER F 134 -19.62 -5.40 -5.55
C SER F 134 -18.62 -4.39 -6.11
N GLN F 135 -19.11 -3.42 -6.86
CA GLN F 135 -18.27 -2.37 -7.45
C GLN F 135 -17.63 -1.52 -6.36
N LEU F 136 -18.25 -1.51 -5.18
CA LEU F 136 -17.74 -0.72 -4.06
C LEU F 136 -16.58 -1.45 -3.38
N ASP F 137 -16.50 -2.75 -3.62
CA ASP F 137 -15.44 -3.57 -3.05
C ASP F 137 -14.18 -3.40 -3.88
N GLN F 138 -13.13 -2.86 -3.26
CA GLN F 138 -11.87 -2.62 -3.96
C GLN F 138 -10.88 -3.77 -3.77
N ASN F 139 -11.35 -4.85 -3.14
CA ASN F 139 -10.50 -6.01 -2.88
C ASN F 139 -10.36 -6.98 -4.05
N TRP F 140 -11.20 -6.82 -5.07
CA TRP F 140 -11.12 -7.68 -6.24
C TRP F 140 -10.66 -6.86 -7.43
N HIS F 141 -10.10 -7.55 -8.43
CA HIS F 141 -9.57 -6.90 -9.61
C HIS F 141 -9.81 -7.75 -10.84
N LEU F 142 -9.90 -7.10 -12.00
CA LEU F 142 -10.09 -7.82 -13.26
C LEU F 142 -8.95 -7.40 -14.18
N GLY F 143 -8.18 -8.38 -14.65
CA GLY F 143 -7.08 -8.03 -15.52
C GLY F 143 -6.22 -9.21 -15.95
N LEU F 144 -5.01 -8.88 -16.35
CA LEU F 144 -4.05 -9.88 -16.81
C LEU F 144 -3.28 -10.59 -15.70
N ILE F 145 -3.18 -11.91 -15.84
CA ILE F 145 -2.40 -12.72 -14.92
C ILE F 145 -1.37 -13.37 -15.85
N ALA F 146 -0.08 -13.17 -15.56
CA ALA F 146 0.99 -13.74 -16.37
C ALA F 146 1.50 -14.99 -15.69
N THR F 147 1.76 -16.02 -16.50
CA THR F 147 2.21 -17.32 -16.00
C THR F 147 3.61 -17.72 -16.42
N GLY F 148 4.29 -18.48 -15.56
CA GLY F 148 5.63 -18.97 -15.86
C GLY F 148 5.94 -20.14 -14.96
N ASP F 149 6.88 -20.98 -15.37
CA ASP F 149 7.28 -22.13 -14.55
C ASP F 149 8.33 -21.70 -13.53
N SER F 150 8.11 -20.55 -12.91
CA SER F 150 9.01 -20.02 -11.89
C SER F 150 8.21 -19.31 -10.81
N PHE F 151 8.75 -19.33 -9.60
CA PHE F 151 8.13 -18.63 -8.48
C PHE F 151 8.82 -17.27 -8.48
N VAL F 152 8.06 -16.22 -8.75
CA VAL F 152 8.60 -14.87 -8.82
C VAL F 152 8.82 -14.34 -7.40
N ALA F 153 10.06 -14.02 -7.08
CA ALA F 153 10.40 -13.53 -5.75
C ALA F 153 11.53 -12.51 -5.78
N GLY F 154 11.30 -11.40 -6.47
CA GLY F 154 12.29 -10.35 -6.56
C GLY F 154 11.80 -9.24 -7.45
N ASN F 155 12.04 -8.00 -7.05
CA ASN F 155 11.60 -6.86 -7.85
C ASN F 155 12.23 -6.85 -9.23
N ASP F 156 13.42 -7.44 -9.34
CA ASP F 156 14.13 -7.52 -10.62
C ASP F 156 13.30 -8.29 -11.66
N LYS F 157 12.81 -9.46 -11.28
CA LYS F 157 12.01 -10.27 -12.18
C LYS F 157 10.66 -9.60 -12.41
N ILE F 158 10.11 -8.95 -11.38
CA ILE F 158 8.83 -8.27 -11.53
C ILE F 158 8.99 -7.23 -12.64
N GLU F 159 10.05 -6.44 -12.56
CA GLU F 159 10.29 -5.41 -13.56
C GLU F 159 10.50 -6.00 -14.95
N ALA F 160 11.17 -7.14 -15.01
CA ALA F 160 11.42 -7.80 -16.29
C ALA F 160 10.08 -8.22 -16.90
N ILE F 161 9.22 -8.81 -16.09
CA ILE F 161 7.92 -9.25 -16.56
C ILE F 161 7.09 -8.04 -17.02
N LYS F 162 7.10 -6.97 -16.23
CA LYS F 162 6.36 -5.77 -16.59
C LYS F 162 6.85 -5.13 -17.88
N SER F 163 8.14 -5.33 -18.20
CA SER F 163 8.68 -4.75 -19.44
C SER F 163 8.01 -5.41 -20.64
N HIS F 164 7.60 -6.66 -20.48
CA HIS F 164 6.93 -7.40 -21.54
C HIS F 164 5.41 -7.24 -21.47
N PHE F 165 4.88 -7.24 -20.24
CA PHE F 165 3.44 -7.10 -20.03
C PHE F 165 3.18 -6.03 -18.98
N PRO F 166 3.27 -4.75 -19.36
CA PRO F 166 3.04 -3.66 -18.41
C PRO F 166 1.74 -3.70 -17.61
N GLU F 167 0.70 -4.29 -18.16
CA GLU F 167 -0.59 -4.34 -17.48
C GLU F 167 -0.81 -5.55 -16.56
N VAL F 168 0.22 -6.36 -16.36
CA VAL F 168 0.10 -7.54 -15.52
C VAL F 168 -0.30 -7.17 -14.08
N LEU F 169 -1.26 -7.90 -13.52
CA LEU F 169 -1.72 -7.64 -12.16
C LEU F 169 -1.12 -8.62 -11.16
N ALA F 170 -1.03 -9.89 -11.56
CA ALA F 170 -0.49 -10.92 -10.69
C ALA F 170 0.23 -11.98 -11.51
N VAL F 171 1.06 -12.78 -10.84
CA VAL F 171 1.81 -13.83 -11.52
C VAL F 171 1.67 -15.16 -10.79
N GLU F 172 1.63 -16.24 -11.54
CA GLU F 172 1.53 -17.57 -10.97
C GLU F 172 2.14 -18.62 -11.89
N MET F 173 1.88 -19.89 -11.62
CA MET F 173 2.50 -20.96 -12.41
C MET F 173 1.61 -21.96 -13.17
N GLU F 174 0.30 -21.70 -13.26
CA GLU F 174 -0.57 -22.64 -13.97
C GLU F 174 -1.63 -21.98 -14.84
N GLY F 175 -1.93 -20.71 -14.55
CA GLY F 175 -2.95 -19.98 -15.27
C GLY F 175 -2.97 -20.11 -16.79
N ALA F 176 -1.92 -19.64 -17.44
CA ALA F 176 -1.85 -19.69 -18.89
C ALA F 176 -1.72 -21.12 -19.41
N ALA F 177 -1.16 -22.02 -18.60
CA ALA F 177 -1.03 -23.41 -19.02
C ALA F 177 -2.43 -24.02 -19.14
N ILE F 178 -3.25 -23.80 -18.11
CA ILE F 178 -4.62 -24.30 -18.13
C ILE F 178 -5.41 -23.62 -19.24
N ALA F 179 -5.17 -22.32 -19.44
CA ALA F 179 -5.87 -21.58 -20.49
C ALA F 179 -5.44 -22.06 -21.87
N GLN F 180 -4.16 -22.39 -22.02
CA GLN F 180 -3.67 -22.88 -23.32
C GLN F 180 -4.30 -24.23 -23.62
N ALA F 181 -4.32 -25.10 -22.62
CA ALA F 181 -4.90 -26.44 -22.79
C ALA F 181 -6.38 -26.30 -23.13
N ALA F 182 -7.06 -25.42 -22.41
CA ALA F 182 -8.49 -25.19 -22.65
C ALA F 182 -8.71 -24.69 -24.08
N HIS F 183 -7.86 -23.75 -24.50
CA HIS F 183 -7.96 -23.18 -25.84
C HIS F 183 -7.76 -24.25 -26.91
N THR F 184 -6.81 -25.14 -26.69
CA THR F 184 -6.54 -26.20 -27.65
C THR F 184 -7.71 -27.16 -27.77
N LEU F 185 -8.53 -27.23 -26.73
CA LEU F 185 -9.69 -28.12 -26.72
C LEU F 185 -10.99 -27.37 -26.97
N ASN F 186 -10.88 -26.09 -27.27
CA ASN F 186 -12.05 -25.25 -27.54
C ASN F 186 -13.02 -25.28 -26.35
N LEU F 187 -12.48 -25.24 -25.14
CA LEU F 187 -13.30 -25.24 -23.94
C LEU F 187 -13.17 -23.92 -23.20
N PRO F 188 -14.30 -23.35 -22.77
CA PRO F 188 -14.26 -22.06 -22.05
C PRO F 188 -13.48 -22.20 -20.74
N VAL F 189 -12.76 -21.15 -20.38
CA VAL F 189 -11.95 -21.18 -19.16
C VAL F 189 -12.07 -19.89 -18.36
N LEU F 190 -11.74 -19.99 -17.08
CA LEU F 190 -11.76 -18.84 -16.18
C LEU F 190 -10.69 -19.10 -15.12
N VAL F 191 -9.89 -18.08 -14.83
CA VAL F 191 -8.85 -18.22 -13.81
C VAL F 191 -9.08 -17.19 -12.73
N ILE F 192 -9.08 -17.66 -11.49
CA ILE F 192 -9.29 -16.81 -10.32
C ILE F 192 -8.13 -17.06 -9.36
N ARG F 193 -7.53 -16.01 -8.85
CA ARG F 193 -6.42 -16.15 -7.90
C ARG F 193 -6.48 -15.14 -6.77
N ALA F 194 -6.12 -15.56 -5.57
CA ALA F 194 -6.08 -14.66 -4.42
C ALA F 194 -4.59 -14.42 -4.16
N MET F 195 -4.23 -13.19 -3.83
CA MET F 195 -2.84 -12.83 -3.59
C MET F 195 -2.29 -13.38 -2.28
N SER F 196 -1.27 -14.23 -2.38
CA SER F 196 -0.65 -14.83 -1.21
C SER F 196 0.66 -14.12 -0.85
N ASP F 197 1.18 -13.31 -1.76
CA ASP F 197 2.44 -12.64 -1.53
C ASP F 197 2.62 -11.49 -2.51
N ASN F 198 3.73 -10.77 -2.39
CA ASN F 198 4.04 -9.64 -3.25
C ASN F 198 5.08 -9.94 -4.33
N ALA F 199 5.35 -11.22 -4.54
CA ALA F 199 6.31 -11.65 -5.56
C ALA F 199 7.68 -10.97 -5.47
N ASN F 200 8.07 -10.56 -4.26
CA ASN F 200 9.35 -9.92 -4.05
C ASN F 200 10.29 -10.83 -3.27
N HIS F 201 11.39 -10.29 -2.75
CA HIS F 201 12.35 -11.09 -2.01
C HIS F 201 11.71 -11.87 -0.85
N GLU F 202 10.64 -11.32 -0.28
CA GLU F 202 9.98 -11.97 0.85
C GLU F 202 8.86 -12.92 0.42
N ALA F 203 8.65 -13.06 -0.88
CA ALA F 203 7.57 -13.89 -1.39
C ALA F 203 7.45 -15.32 -0.85
N ASN F 204 8.56 -16.01 -0.64
CA ASN F 204 8.46 -17.38 -0.16
C ASN F 204 7.88 -17.43 1.25
N ILE F 205 8.23 -16.46 2.08
CA ILE F 205 7.72 -16.40 3.45
C ILE F 205 6.24 -16.03 3.46
N PHE F 206 5.86 -15.00 2.71
CA PHE F 206 4.45 -14.62 2.65
C PHE F 206 3.63 -15.78 2.11
N PHE F 207 4.18 -16.49 1.11
CA PHE F 207 3.44 -17.62 0.57
C PHE F 207 3.21 -18.67 1.65
N ASP F 208 4.27 -19.04 2.37
CA ASP F 208 4.16 -20.03 3.43
C ASP F 208 3.10 -19.63 4.45
N GLU F 209 3.09 -18.35 4.78
CA GLU F 209 2.17 -17.81 5.77
C GLU F 209 0.73 -17.67 5.32
N PHE F 210 0.53 -17.29 4.06
CA PHE F 210 -0.82 -17.05 3.57
C PHE F 210 -1.46 -18.01 2.57
N ILE F 211 -0.80 -19.11 2.24
CA ILE F 211 -1.39 -20.04 1.27
C ILE F 211 -2.75 -20.58 1.72
N ILE F 212 -2.90 -20.92 3.00
CA ILE F 212 -4.18 -21.42 3.49
C ILE F 212 -5.28 -20.37 3.28
N GLU F 213 -5.00 -19.13 3.68
CA GLU F 213 -5.95 -18.04 3.55
C GLU F 213 -6.23 -17.66 2.10
N ALA F 214 -5.18 -17.60 1.29
CA ALA F 214 -5.32 -17.24 -0.12
C ALA F 214 -6.14 -18.31 -0.84
N GLY F 215 -5.85 -19.57 -0.52
CA GLY F 215 -6.58 -20.66 -1.16
C GLY F 215 -8.06 -20.58 -0.84
N ARG F 216 -8.36 -20.26 0.42
CA ARG F 216 -9.75 -20.16 0.88
C ARG F 216 -10.46 -18.99 0.20
N ARG F 217 -9.83 -17.82 0.21
CA ARG F 217 -10.43 -16.64 -0.39
C ARG F 217 -10.76 -16.83 -1.87
N SER F 218 -9.84 -17.42 -2.63
CA SER F 218 -10.07 -17.66 -4.04
C SER F 218 -11.25 -18.61 -4.24
N ALA F 219 -11.31 -19.64 -3.39
CA ALA F 219 -12.38 -20.63 -3.47
C ALA F 219 -13.73 -20.02 -3.10
N GLN F 220 -13.73 -19.10 -2.13
CA GLN F 220 -14.99 -18.47 -1.71
C GLN F 220 -15.57 -17.68 -2.88
N VAL F 221 -14.71 -16.96 -3.59
CA VAL F 221 -15.15 -16.19 -4.74
C VAL F 221 -15.72 -17.12 -5.80
N LEU F 222 -15.05 -18.25 -6.03
CA LEU F 222 -15.53 -19.22 -7.01
C LEU F 222 -16.90 -19.74 -6.61
N LEU F 223 -17.05 -20.10 -5.33
CA LEU F 223 -18.33 -20.61 -4.82
C LEU F 223 -19.44 -19.59 -5.04
N ALA F 224 -19.17 -18.34 -4.71
CA ALA F 224 -20.17 -17.28 -4.89
C ALA F 224 -20.53 -17.17 -6.37
N PHE F 225 -19.51 -17.30 -7.22
CA PHE F 225 -19.72 -17.22 -8.67
C PHE F 225 -20.61 -18.36 -9.13
N LEU F 226 -20.28 -19.58 -8.72
CA LEU F 226 -21.04 -20.76 -9.12
C LEU F 226 -22.50 -20.69 -8.68
N LYS F 227 -22.75 -20.05 -7.55
CA LYS F 227 -24.12 -19.91 -7.04
C LYS F 227 -24.90 -18.91 -7.88
N ALA F 228 -24.20 -17.97 -8.50
CA ALA F 228 -24.84 -16.96 -9.32
C ALA F 228 -24.89 -17.35 -10.80
N LEU F 229 -24.05 -18.28 -11.20
CA LEU F 229 -23.99 -18.73 -12.58
C LEU F 229 -25.33 -19.23 -13.10
N ASP F 230 -25.97 -20.12 -12.33
CA ASP F 230 -27.27 -20.67 -12.70
C ASP F 230 -27.24 -21.45 -14.01
CS MTM G . -4.97 11.00 -7.83
S5' MTM G . -6.39 11.83 -8.59
C5' MTM G . -6.00 11.60 -10.36
C4' MTM G . -5.11 12.68 -11.02
N4' MTM G . -4.70 12.20 -12.35
C2' MTM G . -6.46 13.75 -12.70
O2' MTM G . -6.45 14.94 -13.55
C3' MTM G . -5.80 14.01 -11.27
O3' MTM G . -4.80 15.10 -11.36
C1' MTM G . -5.68 12.57 -13.39
C9 MTM G . -6.54 11.25 -13.72
C8 MTM G . -6.01 10.07 -14.25
N7 MTM G . -6.89 9.11 -14.44
C5 MTM G . -8.08 9.64 -13.98
C6 MTM G . -9.43 9.13 -13.88
N6 MTM G . -9.73 7.89 -14.26
N1 MTM G . -10.43 10.00 -13.36
C2 MTM G . -10.11 11.27 -12.97
N3 MTM G . -8.87 11.83 -13.02
C4 MTM G . -7.91 10.96 -13.54
CS MTM H . -26.66 30.95 -9.23
S5' MTM H . -25.67 29.59 -8.52
C5' MTM H . -26.00 29.84 -6.75
C4' MTM H . -25.05 30.79 -6.00
N4' MTM H . -25.62 31.10 -4.68
C2' MTM H . -23.93 29.47 -4.32
O2' MTM H . -22.78 29.53 -3.42
C3' MTM H . -23.66 30.20 -5.72
O3' MTM H . -22.68 31.30 -5.54
C1' MTM H . -25.20 30.11 -3.66
C9 MTM H . -26.46 29.14 -3.43
C8 MTM H . -27.70 29.55 -2.93
N7 MTM H . -28.59 28.59 -2.83
C5 MTM H . -27.93 27.46 -3.29
C6 MTM H . -28.33 26.09 -3.46
N6 MTM H . -29.56 25.66 -3.16
N1 MTM H . -27.36 25.18 -3.96
C2 MTM H . -26.10 25.61 -4.28
N3 MTM H . -25.64 26.88 -4.16
C4 MTM H . -26.62 27.76 -3.66
CS MTM I . 14.74 -11.79 28.01
S5' MTM I . 13.40 -10.84 27.25
C5' MTM I . 13.80 -11.06 25.49
C4' MTM I . 14.76 -10.02 24.88
N4' MTM I . 15.21 -10.49 23.55
C2' MTM I . 13.53 -8.86 23.18
O2' MTM I . 13.61 -7.65 22.37
C3' MTM I . 14.13 -8.66 24.63
O3' MTM I . 15.19 -7.61 24.60
C1' MTM I . 14.28 -10.06 22.48
C9 MTM I . 13.39 -11.33 22.09
C8 MTM I . 13.89 -12.49 21.49
N7 MTM I . 12.99 -13.42 21.25
C5 MTM I . 11.80 -12.88 21.70
C6 MTM I . 10.44 -13.34 21.76
N6 MTM I . 10.10 -14.55 21.30
N1 MTM I . 9.46 -12.48 22.30
C2 MTM I . 9.80 -11.24 22.78
N3 MTM I . 11.06 -10.71 22.77
C4 MTM I . 12.01 -11.58 22.23
CS MTM J . -5.96 9.15 26.69
S5' MTM J . -5.05 7.68 27.27
C5' MTM J . -5.35 7.80 29.05
C4' MTM J . -4.43 8.74 29.84
N4' MTM J . -5.05 9.08 31.13
C2' MTM J . -3.43 7.40 31.58
O2' MTM J . -2.32 7.43 32.53
C3' MTM J . -3.07 8.12 30.19
O3' MTM J . -2.08 9.21 30.41
C1' MTM J . -4.73 8.09 32.18
C9 MTM J . -6.01 7.16 32.37
C8 MTM J . -7.23 7.60 32.86
N7 MTM J . -8.18 6.69 32.93
C5 MTM J . -7.56 5.54 32.46
C6 MTM J . -8.00 4.19 32.24
N6 MTM J . -9.25 3.79 32.53
N1 MTM J . -7.07 3.26 31.73
C2 MTM J . -5.79 3.66 31.43
N3 MTM J . -5.28 4.90 31.59
C4 MTM J . -6.22 5.80 32.10
CS MTM K . 9.41 -24.35 -33.46
S5' MTM K . 9.92 -24.43 -31.72
C5' MTM K . 11.21 -25.71 -31.82
C4' MTM K . 10.73 -27.17 -31.76
N4' MTM K . 11.84 -28.06 -32.17
C2' MTM K . 11.75 -28.13 -29.80
O2' MTM K . 11.63 -29.29 -28.93
C3' MTM K . 10.33 -27.65 -30.36
O3' MTM K . 9.40 -28.80 -30.48
C1' MTM K . 12.70 -28.43 -31.03
C9 MTM K . 14.03 -27.54 -31.13
C8 MTM K . 14.97 -27.63 -32.17
N7 MTM K . 15.98 -26.80 -32.07
C5 MTM K . 15.73 -26.10 -30.91
C6 MTM K . 16.42 -25.04 -30.20
N6 MTM K . 17.57 -24.52 -30.66
N1 MTM K . 15.85 -24.56 -29.00
C2 MTM K . 14.67 -25.08 -28.53
N3 MTM K . 13.95 -26.07 -29.11
C4 MTM K . 14.53 -26.53 -30.30
CS MTM L . 5.17 -23.26 -4.33
S5' MTM L . 5.26 -22.69 -6.05
C5' MTM L . 3.96 -21.44 -6.05
C4' MTM L . 2.52 -21.94 -6.27
N4' MTM L . 1.57 -20.90 -5.82
C2' MTM L . 1.68 -20.74 -8.19
O2' MTM L . 0.59 -20.78 -9.16
C3' MTM L . 2.16 -22.20 -7.75
O3' MTM L . 1.02 -23.15 -7.81
C1' MTM L . 1.26 -19.94 -6.90
C9 MTM L . 2.09 -18.59 -6.59
C8 MTM L . 1.86 -17.76 -5.50
N7 MTM L . 2.66 -16.72 -5.41
C5 MTM L . 3.48 -16.85 -6.53
C6 MTM L . 4.57 -16.07 -7.04
N6 MTM L . 5.00 -14.96 -6.43
N1 MTM L . 5.20 -16.51 -8.24
C2 MTM L . 4.76 -17.65 -8.87
N3 MTM L . 3.77 -18.45 -8.46
C4 MTM L . 3.15 -17.99 -7.27
#